data_3NRW
# 
_entry.id   3NRW 
# 
_audit_conform.dict_name       mmcif_pdbx.dic 
_audit_conform.dict_version    5.399 
_audit_conform.dict_location   http://mmcif.pdb.org/dictionaries/ascii/mmcif_pdbx.dic 
# 
loop_
_database_2.database_id 
_database_2.database_code 
_database_2.pdbx_database_accession 
_database_2.pdbx_DOI 
PDB   3NRW         pdb_00003nrw 10.2210/pdb3nrw/pdb 
RCSB  RCSB060203   ?            ?                   
WWPDB D_1000060203 ?            ?                   
# 
loop_
_pdbx_audit_revision_history.ordinal 
_pdbx_audit_revision_history.data_content_type 
_pdbx_audit_revision_history.major_revision 
_pdbx_audit_revision_history.minor_revision 
_pdbx_audit_revision_history.revision_date 
1 'Structure model' 1 0 2010-08-25 
2 'Structure model' 1 1 2011-07-13 
3 'Structure model' 1 2 2019-07-17 
4 'Structure model' 1 3 2023-12-27 
5 'Structure model' 1 4 2024-11-27 
# 
_pdbx_audit_revision_details.ordinal             1 
_pdbx_audit_revision_details.revision_ordinal    1 
_pdbx_audit_revision_details.data_content_type   'Structure model' 
_pdbx_audit_revision_details.provider            repository 
_pdbx_audit_revision_details.type                'Initial release' 
_pdbx_audit_revision_details.description         ? 
_pdbx_audit_revision_details.details             ? 
# 
loop_
_pdbx_audit_revision_group.ordinal 
_pdbx_audit_revision_group.revision_ordinal 
_pdbx_audit_revision_group.data_content_type 
_pdbx_audit_revision_group.group 
1 2 'Structure model' 'Version format compliance' 
2 3 'Structure model' 'Data collection'           
3 3 'Structure model' 'Derived calculations'      
4 3 'Structure model' 'Refinement description'    
5 4 'Structure model' 'Data collection'           
6 4 'Structure model' 'Database references'       
7 5 'Structure model' 'Structure summary'         
# 
loop_
_pdbx_audit_revision_category.ordinal 
_pdbx_audit_revision_category.revision_ordinal 
_pdbx_audit_revision_category.data_content_type 
_pdbx_audit_revision_category.category 
1 3 'Structure model' software                  
2 3 'Structure model' struct_conn               
3 4 'Structure model' chem_comp_atom            
4 4 'Structure model' chem_comp_bond            
5 4 'Structure model' database_2                
6 4 'Structure model' struct_ref_seq_dif        
7 5 'Structure model' pdbx_entry_details        
8 5 'Structure model' pdbx_modification_feature 
# 
loop_
_pdbx_audit_revision_item.ordinal 
_pdbx_audit_revision_item.revision_ordinal 
_pdbx_audit_revision_item.data_content_type 
_pdbx_audit_revision_item.item 
1  3 'Structure model' '_software.contact_author'            
2  3 'Structure model' '_software.contact_author_email'      
3  3 'Structure model' '_software.language'                  
4  3 'Structure model' '_software.location'                  
5  3 'Structure model' '_software.name'                      
6  3 'Structure model' '_software.type'                      
7  3 'Structure model' '_software.version'                   
8  3 'Structure model' '_struct_conn.pdbx_leaving_atom_flag' 
9  4 'Structure model' '_database_2.pdbx_DOI'                
10 4 'Structure model' '_database_2.pdbx_database_accession' 
11 4 'Structure model' '_struct_ref_seq_dif.details'         
# 
_pdbx_database_status.entry_id                        3NRW 
_pdbx_database_status.status_code                     REL 
_pdbx_database_status.deposit_site                    RCSB 
_pdbx_database_status.process_site                    RCSB 
_pdbx_database_status.recvd_initial_deposition_date   2010-06-30 
_pdbx_database_status.status_code_sf                  REL 
_pdbx_database_status.status_code_mr                  ? 
_pdbx_database_status.SG_entry                        Y 
_pdbx_database_status.pdb_format_compatible           Y 
_pdbx_database_status.status_code_cs                  ? 
_pdbx_database_status.methods_development_category    ? 
_pdbx_database_status.status_code_nmr_data            ? 
# 
_pdbx_database_related.db_name        TargetDB 
_pdbx_database_related.db_id          HmR208A 
_pdbx_database_related.details        . 
_pdbx_database_related.content_type   unspecified 
# 
loop_
_audit_author.name 
_audit_author.pdbx_ordinal 
'Forouhar, F.'                                    1  
'Su, M.'                                          2  
'Seetharaman, J.'                                 3  
'Mao, M.'                                         4  
'Xiao, R.'                                        5  
'Ciccosanti, C.'                                  6  
'Wang, D.'                                        7  
'Everett, J.K.'                                   8  
'Nair, R.'                                        9  
'Acton, T.B.'                                     10 
'Rost, B.'                                        11 
'Montelione, G.T.'                                12 
'Tong, L.'                                        13 
'Hunt, J.F.'                                      14 
'Northeast Structural Genomics Consortium (NESG)' 15 
# 
_citation.id                        primary 
_citation.title                     'Northeast Structural Genomics Consortium Target HmR208A' 
_citation.journal_abbrev            'To be Published' 
_citation.journal_volume            ? 
_citation.page_first                ? 
_citation.page_last                 ? 
_citation.year                      ? 
_citation.journal_id_ASTM           ? 
_citation.country                   ? 
_citation.journal_id_ISSN           ? 
_citation.journal_id_CSD            0353 
_citation.book_publisher            ? 
_citation.pdbx_database_id_PubMed   ? 
_citation.pdbx_database_id_DOI      ? 
# 
loop_
_citation_author.citation_id 
_citation_author.name 
_citation_author.ordinal 
_citation_author.identifier_ORCID 
primary 'Forouhar, F.'     1  ? 
primary 'Su, M.'           2  ? 
primary 'Seetharaman, J.'  3  ? 
primary 'Mao, M.'          4  ? 
primary 'Xiao, R.'         5  ? 
primary 'Ciccosanti, C.'   6  ? 
primary 'Wang, D.'         7  ? 
primary 'Everett, J.K.'    8  ? 
primary 'Nair, R.'         9  ? 
primary 'Acton, T.B.'      10 ? 
primary 'Rost, B.'         11 ? 
primary 'Montelione, G.T.' 12 ? 
primary 'Tong, L.'         13 ? 
primary 'Hunt, J.F.'       14 ? 
# 
loop_
_entity.id 
_entity.type 
_entity.src_method 
_entity.pdbx_description 
_entity.formula_weight 
_entity.pdbx_number_of_molecules 
_entity.pdbx_ec 
_entity.pdbx_mutation 
_entity.pdbx_fragment 
_entity.details 
1 polymer man 'Phage integrase/site-specific recombinase' 14052.396 1   ? ? 'N-terminal domain residues 1-109' ? 
2 water   nat water                                       18.015    106 ? ? ?                                  ? 
# 
_entity_poly.entity_id                      1 
_entity_poly.type                           'polypeptide(L)' 
_entity_poly.nstd_linkage                   no 
_entity_poly.nstd_monomer                   yes 
_entity_poly.pdbx_seq_one_letter_code       
;MTERPSLSPREARDRYLAHRQTDAADASIKSFRYRLKHFVEWAEERDITA(MSE)RELTGWKLDEYETFRRGSDVSPATL
NGE(MSE)QTLKNWLEYLARIDVVDEDLPEKVHVPTILEHHHHHH
;
_entity_poly.pdbx_seq_one_letter_code_can   
;MTERPSLSPREARDRYLAHRQTDAADASIKSFRYRLKHFVEWAEERDITAMRELTGWKLDEYETFRRGSDVSPATLNGEM
QTLKNWLEYLARIDVVDEDLPEKVHVPTILEHHHHHH
;
_entity_poly.pdbx_strand_id                 A 
_entity_poly.pdbx_target_identifier         HmR208A 
# 
_pdbx_entity_nonpoly.entity_id   2 
_pdbx_entity_nonpoly.name        water 
_pdbx_entity_nonpoly.comp_id     HOH 
# 
loop_
_entity_poly_seq.entity_id 
_entity_poly_seq.num 
_entity_poly_seq.mon_id 
_entity_poly_seq.hetero 
1 1   MET n 
1 2   THR n 
1 3   GLU n 
1 4   ARG n 
1 5   PRO n 
1 6   SER n 
1 7   LEU n 
1 8   SER n 
1 9   PRO n 
1 10  ARG n 
1 11  GLU n 
1 12  ALA n 
1 13  ARG n 
1 14  ASP n 
1 15  ARG n 
1 16  TYR n 
1 17  LEU n 
1 18  ALA n 
1 19  HIS n 
1 20  ARG n 
1 21  GLN n 
1 22  THR n 
1 23  ASP n 
1 24  ALA n 
1 25  ALA n 
1 26  ASP n 
1 27  ALA n 
1 28  SER n 
1 29  ILE n 
1 30  LYS n 
1 31  SER n 
1 32  PHE n 
1 33  ARG n 
1 34  TYR n 
1 35  ARG n 
1 36  LEU n 
1 37  LYS n 
1 38  HIS n 
1 39  PHE n 
1 40  VAL n 
1 41  GLU n 
1 42  TRP n 
1 43  ALA n 
1 44  GLU n 
1 45  GLU n 
1 46  ARG n 
1 47  ASP n 
1 48  ILE n 
1 49  THR n 
1 50  ALA n 
1 51  MSE n 
1 52  ARG n 
1 53  GLU n 
1 54  LEU n 
1 55  THR n 
1 56  GLY n 
1 57  TRP n 
1 58  LYS n 
1 59  LEU n 
1 60  ASP n 
1 61  GLU n 
1 62  TYR n 
1 63  GLU n 
1 64  THR n 
1 65  PHE n 
1 66  ARG n 
1 67  ARG n 
1 68  GLY n 
1 69  SER n 
1 70  ASP n 
1 71  VAL n 
1 72  SER n 
1 73  PRO n 
1 74  ALA n 
1 75  THR n 
1 76  LEU n 
1 77  ASN n 
1 78  GLY n 
1 79  GLU n 
1 80  MSE n 
1 81  GLN n 
1 82  THR n 
1 83  LEU n 
1 84  LYS n 
1 85  ASN n 
1 86  TRP n 
1 87  LEU n 
1 88  GLU n 
1 89  TYR n 
1 90  LEU n 
1 91  ALA n 
1 92  ARG n 
1 93  ILE n 
1 94  ASP n 
1 95  VAL n 
1 96  VAL n 
1 97  ASP n 
1 98  GLU n 
1 99  ASP n 
1 100 LEU n 
1 101 PRO n 
1 102 GLU n 
1 103 LYS n 
1 104 VAL n 
1 105 HIS n 
1 106 VAL n 
1 107 PRO n 
1 108 THR n 
1 109 ILE n 
1 110 LEU n 
1 111 GLU n 
1 112 HIS n 
1 113 HIS n 
1 114 HIS n 
1 115 HIS n 
1 116 HIS n 
1 117 HIS n 
# 
_entity_src_gen.entity_id                          1 
_entity_src_gen.pdbx_src_id                        1 
_entity_src_gen.pdbx_alt_source_flag               sample 
_entity_src_gen.pdbx_seq_type                      ? 
_entity_src_gen.pdbx_beg_seq_num                   ? 
_entity_src_gen.pdbx_end_seq_num                   ? 
_entity_src_gen.gene_src_common_name               ? 
_entity_src_gen.gene_src_genus                     ? 
_entity_src_gen.pdbx_gene_src_gene                 'rrnAC0581, tnp' 
_entity_src_gen.gene_src_species                   ? 
_entity_src_gen.gene_src_strain                    'ATCC 43049' 
_entity_src_gen.gene_src_tissue                    ? 
_entity_src_gen.gene_src_tissue_fraction           ? 
_entity_src_gen.gene_src_details                   ? 
_entity_src_gen.pdbx_gene_src_fragment             ? 
_entity_src_gen.pdbx_gene_src_scientific_name      'Haloarcula marismortui' 
_entity_src_gen.pdbx_gene_src_ncbi_taxonomy_id     2238 
_entity_src_gen.pdbx_gene_src_variant              ? 
_entity_src_gen.pdbx_gene_src_cell_line            ? 
_entity_src_gen.pdbx_gene_src_atcc                 ? 
_entity_src_gen.pdbx_gene_src_organ                ? 
_entity_src_gen.pdbx_gene_src_organelle            ? 
_entity_src_gen.pdbx_gene_src_cell                 ? 
_entity_src_gen.pdbx_gene_src_cellular_location    ? 
_entity_src_gen.host_org_common_name               ? 
_entity_src_gen.pdbx_host_org_scientific_name      'Escherichia coli' 
_entity_src_gen.pdbx_host_org_ncbi_taxonomy_id     469008 
_entity_src_gen.host_org_genus                     ? 
_entity_src_gen.pdbx_host_org_gene                 ? 
_entity_src_gen.pdbx_host_org_organ                ? 
_entity_src_gen.host_org_species                   ? 
_entity_src_gen.pdbx_host_org_tissue               ? 
_entity_src_gen.pdbx_host_org_tissue_fraction      ? 
_entity_src_gen.pdbx_host_org_strain               'BL21(DE3)+ Magic' 
_entity_src_gen.pdbx_host_org_variant              ? 
_entity_src_gen.pdbx_host_org_cell_line            ? 
_entity_src_gen.pdbx_host_org_atcc                 ? 
_entity_src_gen.pdbx_host_org_culture_collection   ? 
_entity_src_gen.pdbx_host_org_cell                 ? 
_entity_src_gen.pdbx_host_org_organelle            ? 
_entity_src_gen.pdbx_host_org_cellular_location    ? 
_entity_src_gen.pdbx_host_org_vector_type          'pET 21-23C' 
_entity_src_gen.pdbx_host_org_vector               ? 
_entity_src_gen.host_org_details                   ? 
_entity_src_gen.expression_system_id               ? 
_entity_src_gen.plasmid_name                       ? 
_entity_src_gen.plasmid_details                    ? 
_entity_src_gen.pdbx_description                   ? 
# 
loop_
_chem_comp.id 
_chem_comp.type 
_chem_comp.mon_nstd_flag 
_chem_comp.name 
_chem_comp.pdbx_synonyms 
_chem_comp.formula 
_chem_comp.formula_weight 
ALA 'L-peptide linking' y ALANINE          ? 'C3 H7 N O2'     89.093  
ARG 'L-peptide linking' y ARGININE         ? 'C6 H15 N4 O2 1' 175.209 
ASN 'L-peptide linking' y ASPARAGINE       ? 'C4 H8 N2 O3'    132.118 
ASP 'L-peptide linking' y 'ASPARTIC ACID'  ? 'C4 H7 N O4'     133.103 
GLN 'L-peptide linking' y GLUTAMINE        ? 'C5 H10 N2 O3'   146.144 
GLU 'L-peptide linking' y 'GLUTAMIC ACID'  ? 'C5 H9 N O4'     147.129 
GLY 'peptide linking'   y GLYCINE          ? 'C2 H5 N O2'     75.067  
HIS 'L-peptide linking' y HISTIDINE        ? 'C6 H10 N3 O2 1' 156.162 
HOH non-polymer         . WATER            ? 'H2 O'           18.015  
ILE 'L-peptide linking' y ISOLEUCINE       ? 'C6 H13 N O2'    131.173 
LEU 'L-peptide linking' y LEUCINE          ? 'C6 H13 N O2'    131.173 
LYS 'L-peptide linking' y LYSINE           ? 'C6 H15 N2 O2 1' 147.195 
MET 'L-peptide linking' y METHIONINE       ? 'C5 H11 N O2 S'  149.211 
MSE 'L-peptide linking' n SELENOMETHIONINE ? 'C5 H11 N O2 Se' 196.106 
PHE 'L-peptide linking' y PHENYLALANINE    ? 'C9 H11 N O2'    165.189 
PRO 'L-peptide linking' y PROLINE          ? 'C5 H9 N O2'     115.130 
SER 'L-peptide linking' y SERINE           ? 'C3 H7 N O3'     105.093 
THR 'L-peptide linking' y THREONINE        ? 'C4 H9 N O3'     119.119 
TRP 'L-peptide linking' y TRYPTOPHAN       ? 'C11 H12 N2 O2'  204.225 
TYR 'L-peptide linking' y TYROSINE         ? 'C9 H11 N O3'    181.189 
VAL 'L-peptide linking' y VALINE           ? 'C5 H11 N O2'    117.146 
# 
loop_
_pdbx_poly_seq_scheme.asym_id 
_pdbx_poly_seq_scheme.entity_id 
_pdbx_poly_seq_scheme.seq_id 
_pdbx_poly_seq_scheme.mon_id 
_pdbx_poly_seq_scheme.ndb_seq_num 
_pdbx_poly_seq_scheme.pdb_seq_num 
_pdbx_poly_seq_scheme.auth_seq_num 
_pdbx_poly_seq_scheme.pdb_mon_id 
_pdbx_poly_seq_scheme.auth_mon_id 
_pdbx_poly_seq_scheme.pdb_strand_id 
_pdbx_poly_seq_scheme.pdb_ins_code 
_pdbx_poly_seq_scheme.hetero 
A 1 1   MET 1   1   ?   ?   ?   A . n 
A 1 2   THR 2   2   ?   ?   ?   A . n 
A 1 3   GLU 3   3   ?   ?   ?   A . n 
A 1 4   ARG 4   4   4   ARG ARG A . n 
A 1 5   PRO 5   5   5   PRO PRO A . n 
A 1 6   SER 6   6   6   SER SER A . n 
A 1 7   LEU 7   7   7   LEU LEU A . n 
A 1 8   SER 8   8   8   SER SER A . n 
A 1 9   PRO 9   9   9   PRO PRO A . n 
A 1 10  ARG 10  10  10  ARG ARG A . n 
A 1 11  GLU 11  11  11  GLU GLU A . n 
A 1 12  ALA 12  12  12  ALA ALA A . n 
A 1 13  ARG 13  13  13  ARG ARG A . n 
A 1 14  ASP 14  14  14  ASP ASP A . n 
A 1 15  ARG 15  15  15  ARG ARG A . n 
A 1 16  TYR 16  16  16  TYR TYR A . n 
A 1 17  LEU 17  17  17  LEU LEU A . n 
A 1 18  ALA 18  18  18  ALA ALA A . n 
A 1 19  HIS 19  19  19  HIS HIS A . n 
A 1 20  ARG 20  20  20  ARG ARG A . n 
A 1 21  GLN 21  21  21  GLN GLN A . n 
A 1 22  THR 22  22  22  THR THR A . n 
A 1 23  ASP 23  23  23  ASP ASP A . n 
A 1 24  ALA 24  24  24  ALA ALA A . n 
A 1 25  ALA 25  25  25  ALA ALA A . n 
A 1 26  ASP 26  26  26  ASP ASP A . n 
A 1 27  ALA 27  27  27  ALA ALA A . n 
A 1 28  SER 28  28  28  SER SER A . n 
A 1 29  ILE 29  29  29  ILE ILE A . n 
A 1 30  LYS 30  30  30  LYS LYS A . n 
A 1 31  SER 31  31  31  SER SER A . n 
A 1 32  PHE 32  32  32  PHE PHE A . n 
A 1 33  ARG 33  33  33  ARG ARG A . n 
A 1 34  TYR 34  34  34  TYR TYR A . n 
A 1 35  ARG 35  35  35  ARG ARG A . n 
A 1 36  LEU 36  36  36  LEU LEU A . n 
A 1 37  LYS 37  37  37  LYS LYS A . n 
A 1 38  HIS 38  38  38  HIS HIS A . n 
A 1 39  PHE 39  39  39  PHE PHE A . n 
A 1 40  VAL 40  40  40  VAL VAL A . n 
A 1 41  GLU 41  41  41  GLU GLU A . n 
A 1 42  TRP 42  42  42  TRP TRP A . n 
A 1 43  ALA 43  43  43  ALA ALA A . n 
A 1 44  GLU 44  44  44  GLU GLU A . n 
A 1 45  GLU 45  45  45  GLU GLU A . n 
A 1 46  ARG 46  46  46  ARG ARG A . n 
A 1 47  ASP 47  47  47  ASP ASP A . n 
A 1 48  ILE 48  48  48  ILE ILE A . n 
A 1 49  THR 49  49  49  THR THR A . n 
A 1 50  ALA 50  50  50  ALA ALA A . n 
A 1 51  MSE 51  51  51  MSE MSE A . n 
A 1 52  ARG 52  52  52  ARG ARG A . n 
A 1 53  GLU 53  53  53  GLU GLU A . n 
A 1 54  LEU 54  54  54  LEU LEU A . n 
A 1 55  THR 55  55  55  THR THR A . n 
A 1 56  GLY 56  56  56  GLY GLY A . n 
A 1 57  TRP 57  57  57  TRP TRP A . n 
A 1 58  LYS 58  58  58  LYS LYS A . n 
A 1 59  LEU 59  59  59  LEU LEU A . n 
A 1 60  ASP 60  60  60  ASP ASP A . n 
A 1 61  GLU 61  61  61  GLU GLU A . n 
A 1 62  TYR 62  62  62  TYR TYR A . n 
A 1 63  GLU 63  63  63  GLU GLU A . n 
A 1 64  THR 64  64  64  THR THR A . n 
A 1 65  PHE 65  65  65  PHE PHE A . n 
A 1 66  ARG 66  66  66  ARG ARG A . n 
A 1 67  ARG 67  67  67  ARG ARG A . n 
A 1 68  GLY 68  68  68  GLY GLY A . n 
A 1 69  SER 69  69  69  SER SER A . n 
A 1 70  ASP 70  70  70  ASP ASP A . n 
A 1 71  VAL 71  71  71  VAL VAL A . n 
A 1 72  SER 72  72  72  SER SER A . n 
A 1 73  PRO 73  73  73  PRO PRO A . n 
A 1 74  ALA 74  74  74  ALA ALA A . n 
A 1 75  THR 75  75  75  THR THR A . n 
A 1 76  LEU 76  76  76  LEU LEU A . n 
A 1 77  ASN 77  77  77  ASN ASN A . n 
A 1 78  GLY 78  78  78  GLY GLY A . n 
A 1 79  GLU 79  79  79  GLU GLU A . n 
A 1 80  MSE 80  80  80  MSE MSE A . n 
A 1 81  GLN 81  81  81  GLN GLN A . n 
A 1 82  THR 82  82  82  THR THR A . n 
A 1 83  LEU 83  83  83  LEU LEU A . n 
A 1 84  LYS 84  84  84  LYS LYS A . n 
A 1 85  ASN 85  85  85  ASN ASN A . n 
A 1 86  TRP 86  86  86  TRP TRP A . n 
A 1 87  LEU 87  87  87  LEU LEU A . n 
A 1 88  GLU 88  88  88  GLU GLU A . n 
A 1 89  TYR 89  89  89  TYR TYR A . n 
A 1 90  LEU 90  90  90  LEU LEU A . n 
A 1 91  ALA 91  91  91  ALA ALA A . n 
A 1 92  ARG 92  92  92  ARG ARG A . n 
A 1 93  ILE 93  93  93  ILE ILE A . n 
A 1 94  ASP 94  94  94  ASP ASP A . n 
A 1 95  VAL 95  95  95  VAL VAL A . n 
A 1 96  VAL 96  96  96  VAL VAL A . n 
A 1 97  ASP 97  97  97  ASP ASP A . n 
A 1 98  GLU 98  98  98  GLU GLU A . n 
A 1 99  ASP 99  99  99  ASP ASP A . n 
A 1 100 LEU 100 100 100 LEU LEU A . n 
A 1 101 PRO 101 101 101 PRO PRO A . n 
A 1 102 GLU 102 102 102 GLU GLU A . n 
A 1 103 LYS 103 103 103 LYS LYS A . n 
A 1 104 VAL 104 104 104 VAL VAL A . n 
A 1 105 HIS 105 105 105 HIS HIS A . n 
A 1 106 VAL 106 106 106 VAL VAL A . n 
A 1 107 PRO 107 107 107 PRO PRO A . n 
A 1 108 THR 108 108 ?   ?   ?   A . n 
A 1 109 ILE 109 109 ?   ?   ?   A . n 
A 1 110 LEU 110 110 ?   ?   ?   A . n 
A 1 111 GLU 111 111 ?   ?   ?   A . n 
A 1 112 HIS 112 112 ?   ?   ?   A . n 
A 1 113 HIS 113 113 ?   ?   ?   A . n 
A 1 114 HIS 114 114 ?   ?   ?   A . n 
A 1 115 HIS 115 115 ?   ?   ?   A . n 
A 1 116 HIS 116 116 ?   ?   ?   A . n 
A 1 117 HIS 117 117 ?   ?   ?   A . n 
# 
loop_
_pdbx_nonpoly_scheme.asym_id 
_pdbx_nonpoly_scheme.entity_id 
_pdbx_nonpoly_scheme.mon_id 
_pdbx_nonpoly_scheme.ndb_seq_num 
_pdbx_nonpoly_scheme.pdb_seq_num 
_pdbx_nonpoly_scheme.auth_seq_num 
_pdbx_nonpoly_scheme.pdb_mon_id 
_pdbx_nonpoly_scheme.auth_mon_id 
_pdbx_nonpoly_scheme.pdb_strand_id 
_pdbx_nonpoly_scheme.pdb_ins_code 
B 2 HOH 1   201 201 HOH HOH A . 
B 2 HOH 2   202 202 HOH HOH A . 
B 2 HOH 3   203 203 HOH HOH A . 
B 2 HOH 4   204 204 HOH HOH A . 
B 2 HOH 5   205 205 HOH HOH A . 
B 2 HOH 6   206 206 HOH HOH A . 
B 2 HOH 7   207 207 HOH HOH A . 
B 2 HOH 8   208 208 HOH HOH A . 
B 2 HOH 9   209 209 HOH HOH A . 
B 2 HOH 10  210 210 HOH HOH A . 
B 2 HOH 11  211 211 HOH HOH A . 
B 2 HOH 12  212 212 HOH HOH A . 
B 2 HOH 13  213 213 HOH HOH A . 
B 2 HOH 14  214 214 HOH HOH A . 
B 2 HOH 15  215 215 HOH HOH A . 
B 2 HOH 16  216 216 HOH HOH A . 
B 2 HOH 17  217 217 HOH HOH A . 
B 2 HOH 18  218 218 HOH HOH A . 
B 2 HOH 19  219 219 HOH HOH A . 
B 2 HOH 20  220 220 HOH HOH A . 
B 2 HOH 21  221 221 HOH HOH A . 
B 2 HOH 22  222 222 HOH HOH A . 
B 2 HOH 23  223 223 HOH HOH A . 
B 2 HOH 24  224 224 HOH HOH A . 
B 2 HOH 25  225 225 HOH HOH A . 
B 2 HOH 26  226 226 HOH HOH A . 
B 2 HOH 27  227 227 HOH HOH A . 
B 2 HOH 28  228 228 HOH HOH A . 
B 2 HOH 29  229 229 HOH HOH A . 
B 2 HOH 30  230 230 HOH HOH A . 
B 2 HOH 31  231 231 HOH HOH A . 
B 2 HOH 32  232 232 HOH HOH A . 
B 2 HOH 33  233 233 HOH HOH A . 
B 2 HOH 34  234 234 HOH HOH A . 
B 2 HOH 35  235 235 HOH HOH A . 
B 2 HOH 36  236 236 HOH HOH A . 
B 2 HOH 37  237 237 HOH HOH A . 
B 2 HOH 38  238 238 HOH HOH A . 
B 2 HOH 39  239 239 HOH HOH A . 
B 2 HOH 40  240 240 HOH HOH A . 
B 2 HOH 41  241 241 HOH HOH A . 
B 2 HOH 42  242 242 HOH HOH A . 
B 2 HOH 43  243 243 HOH HOH A . 
B 2 HOH 44  244 244 HOH HOH A . 
B 2 HOH 45  245 245 HOH HOH A . 
B 2 HOH 46  246 246 HOH HOH A . 
B 2 HOH 47  247 247 HOH HOH A . 
B 2 HOH 48  248 248 HOH HOH A . 
B 2 HOH 49  249 249 HOH HOH A . 
B 2 HOH 50  250 250 HOH HOH A . 
B 2 HOH 51  251 251 HOH HOH A . 
B 2 HOH 52  252 252 HOH HOH A . 
B 2 HOH 53  253 253 HOH HOH A . 
B 2 HOH 54  254 254 HOH HOH A . 
B 2 HOH 55  255 255 HOH HOH A . 
B 2 HOH 56  256 256 HOH HOH A . 
B 2 HOH 57  257 257 HOH HOH A . 
B 2 HOH 58  258 258 HOH HOH A . 
B 2 HOH 59  259 259 HOH HOH A . 
B 2 HOH 60  260 260 HOH HOH A . 
B 2 HOH 61  261 261 HOH HOH A . 
B 2 HOH 62  262 262 HOH HOH A . 
B 2 HOH 63  263 263 HOH HOH A . 
B 2 HOH 64  264 264 HOH HOH A . 
B 2 HOH 65  265 265 HOH HOH A . 
B 2 HOH 66  266 266 HOH HOH A . 
B 2 HOH 67  267 267 HOH HOH A . 
B 2 HOH 68  268 268 HOH HOH A . 
B 2 HOH 69  269 269 HOH HOH A . 
B 2 HOH 70  270 270 HOH HOH A . 
B 2 HOH 71  271 271 HOH HOH A . 
B 2 HOH 72  272 272 HOH HOH A . 
B 2 HOH 73  273 273 HOH HOH A . 
B 2 HOH 74  274 274 HOH HOH A . 
B 2 HOH 75  275 275 HOH HOH A . 
B 2 HOH 76  276 276 HOH HOH A . 
B 2 HOH 77  277 277 HOH HOH A . 
B 2 HOH 78  278 278 HOH HOH A . 
B 2 HOH 79  279 279 HOH HOH A . 
B 2 HOH 80  280 280 HOH HOH A . 
B 2 HOH 81  281 281 HOH HOH A . 
B 2 HOH 82  282 282 HOH HOH A . 
B 2 HOH 83  283 283 HOH HOH A . 
B 2 HOH 84  284 284 HOH HOH A . 
B 2 HOH 85  285 285 HOH HOH A . 
B 2 HOH 86  286 286 HOH HOH A . 
B 2 HOH 87  287 287 HOH HOH A . 
B 2 HOH 88  288 288 HOH HOH A . 
B 2 HOH 89  289 289 HOH HOH A . 
B 2 HOH 90  290 290 HOH HOH A . 
B 2 HOH 91  291 291 HOH HOH A . 
B 2 HOH 92  292 292 HOH HOH A . 
B 2 HOH 93  293 293 HOH HOH A . 
B 2 HOH 94  294 294 HOH HOH A . 
B 2 HOH 95  295 295 HOH HOH A . 
B 2 HOH 96  296 296 HOH HOH A . 
B 2 HOH 97  297 297 HOH HOH A . 
B 2 HOH 98  298 298 HOH HOH A . 
B 2 HOH 99  299 299 HOH HOH A . 
B 2 HOH 100 300 300 HOH HOH A . 
B 2 HOH 101 301 301 HOH HOH A . 
B 2 HOH 102 302 302 HOH HOH A . 
B 2 HOH 103 303 303 HOH HOH A . 
B 2 HOH 104 304 304 HOH HOH A . 
B 2 HOH 105 305 305 HOH HOH A . 
B 2 HOH 106 306 306 HOH HOH A . 
# 
loop_
_software.pdbx_ordinal 
_software.name 
_software.version 
_software.date 
_software.type 
_software.contact_author 
_software.contact_author_email 
_software.classification 
_software.location 
_software.language 
_software.citation_id 
1 CNS         '1.2 & XtalView'                    ?               ?       ?                    ?                     refinement ? 
?          ? 
2 PDB_EXTRACT 3.100                               'Jan. 22, 2010' package PDB                  help@deposit.rcsb.org 
'data extraction' http://sw-tools.pdb.org/apps/PDB_EXTRACT/    C++        ? 
3 ADSC        Quantum                             ?               ?       ?                    ?                     
'data collection' ?                                            ?          ? 
4 HKL-2000    .                                   ?               ?       ?                    ?                     
'data reduction'  ?                                            ?          ? 
5 SCALEPACK   .                                   ?               ?       ?                    ?                     
'data scaling'    ?                                            ?          ? 
6 SHELX       'followed by model building by Arp' ?               ?       ?                    ?                     phasing ? ? ? 
7 REFMAC      .                                   ?               program 'Garib N. Murshudov' garib@ysbl.york.ac.uk refinement 
http://www.ccp4.ac.uk/dist/html/refmac5.html Fortran_77 ? 
# 
_cell.entry_id           3NRW 
_cell.length_a           78.531 
_cell.length_b           78.531 
_cell.length_c           36.654 
_cell.angle_alpha        90.000 
_cell.angle_beta         90.000 
_cell.angle_gamma        120.000 
_cell.pdbx_unique_axis   ? 
_cell.Z_PDB              6 
_cell.length_a_esd       ? 
_cell.length_b_esd       ? 
_cell.length_c_esd       ? 
_cell.angle_alpha_esd    ? 
_cell.angle_beta_esd     ? 
_cell.angle_gamma_esd    ? 
# 
_symmetry.entry_id                         3NRW 
_symmetry.space_group_name_H-M             'P 61' 
_symmetry.Int_Tables_number                169 
_symmetry.pdbx_full_space_group_name_H-M   ? 
_symmetry.cell_setting                     ? 
_symmetry.space_group_name_Hall            ? 
# 
_exptl.crystals_number   1 
_exptl.entry_id          3NRW 
_exptl.method            'X-RAY DIFFRACTION' 
# 
_exptl_crystal.id                    1 
_exptl_crystal.density_Matthews      2.32 
_exptl_crystal.density_meas          ? 
_exptl_crystal.density_percent_sol   47.02 
_exptl_crystal.description           ? 
_exptl_crystal.F_000                 ? 
_exptl_crystal.preparation           ? 
# 
_exptl_crystal_grow.crystal_id      1 
_exptl_crystal_grow.method          ? 
_exptl_crystal_grow.pH              5 
_exptl_crystal_grow.temp            277 
_exptl_crystal_grow.pdbx_details    
;Protein solution: 100mM NaCl, 5mM DTT, 0.02% NaN3, 10mM Tris-HCl (pH 7.5). Reservoir solution: 0.1M Sodium Acetate (pH 5), 2.99M NaCl, and 20% glycerol as cryo-protectant, Microbatch, under oil, temperature 277K
;
_exptl_crystal_grow.temp_details    ? 
_exptl_crystal_grow.pdbx_pH_range   ? 
# 
_diffrn.id                     1 
_diffrn.ambient_temp           100 
_diffrn.ambient_temp_details   ? 
_diffrn.crystal_id             1 
# 
_diffrn_detector.diffrn_id              1 
_diffrn_detector.detector               CCD 
_diffrn_detector.type                   'ADSC QUANTUM 4' 
_diffrn_detector.pdbx_collection_date   2010-06-30 
_diffrn_detector.details                mirrors 
# 
_diffrn_radiation.diffrn_id                        1 
_diffrn_radiation.pdbx_diffrn_protocol             'SINGLE WAVELENGTH' 
_diffrn_radiation.monochromator                    'Si 111 CHANNEL' 
_diffrn_radiation.wavelength_id                    1 
_diffrn_radiation.pdbx_monochromatic_or_laue_m_l   M 
_diffrn_radiation.pdbx_scattering_type             x-ray 
# 
_diffrn_radiation_wavelength.id           1 
_diffrn_radiation_wavelength.wavelength   0.97901 
_diffrn_radiation_wavelength.wt           1.0 
# 
_diffrn_source.diffrn_id                   1 
_diffrn_source.source                      SYNCHROTRON 
_diffrn_source.type                        'NSLS BEAMLINE X4A' 
_diffrn_source.pdbx_wavelength_list        0.97901 
_diffrn_source.pdbx_wavelength             ? 
_diffrn_source.pdbx_synchrotron_site       NSLS 
_diffrn_source.pdbx_synchrotron_beamline   X4A 
# 
_reflns.entry_id                     3NRW 
_reflns.observed_criterion_sigma_F   2 
_reflns.observed_criterion_sigma_I   2 
_reflns.d_resolution_high            1.7 
_reflns.d_resolution_low             30 
_reflns.number_all                   27811 
_reflns.number_obs                   23807 
_reflns.percent_possible_obs         85.6 
_reflns.pdbx_Rmerge_I_obs            0.042 
_reflns.pdbx_Rsym_value              0.044 
_reflns.pdbx_netI_over_sigmaI        43.2 
_reflns.B_iso_Wilson_estimate        22.1 
_reflns.pdbx_redundancy              6.2 
_reflns.R_free_details               ? 
_reflns.limit_h_max                  ? 
_reflns.limit_h_min                  ? 
_reflns.limit_k_max                  ? 
_reflns.limit_k_min                  ? 
_reflns.limit_l_max                  ? 
_reflns.limit_l_min                  ? 
_reflns.observed_criterion_F_max     ? 
_reflns.observed_criterion_F_min     ? 
_reflns.pdbx_chi_squared             ? 
_reflns.pdbx_scaling_rejects         ? 
_reflns.pdbx_diffrn_id               1 
_reflns.pdbx_ordinal                 1 
# 
_reflns_shell.d_res_high             1.7 
_reflns_shell.d_res_low              1.76 
_reflns_shell.percent_possible_obs   ? 
_reflns_shell.percent_possible_all   57.9 
_reflns_shell.Rmerge_I_obs           0.139 
_reflns_shell.meanI_over_sigI_obs    6.3 
_reflns_shell.pdbx_Rsym_value        0.185 
_reflns_shell.pdbx_redundancy        3 
_reflns_shell.number_unique_all      ? 
_reflns_shell.number_measured_all    ? 
_reflns_shell.number_measured_obs    ? 
_reflns_shell.number_unique_obs      ? 
_reflns_shell.pdbx_chi_squared       ? 
_reflns_shell.pdbx_diffrn_id         ? 
_reflns_shell.pdbx_ordinal           1 
# 
_refine.entry_id                                 3NRW 
_refine.ls_d_res_high                            1.700 
_refine.ls_d_res_low                             20.000 
_refine.pdbx_ls_sigma_F                          2.00 
_refine.pdbx_data_cutoff_high_absF               ? 
_refine.pdbx_data_cutoff_low_absF                ? 
_refine.ls_percent_reflns_obs                    85.600 
_refine.ls_number_reflns_obs                     23787 
_refine.ls_number_reflns_all                     27788 
_refine.pdbx_ls_cross_valid_method               ? 
_refine.pdbx_R_Free_selection_details            ? 
_refine.details                                  ? 
_refine.ls_R_factor_all                          0.189 
_refine.ls_R_factor_obs                          0.187 
_refine.ls_R_factor_R_work                       0.186 
_refine.ls_wR_factor_R_work                      ? 
_refine.ls_R_factor_R_free                       0.203 
_refine.ls_wR_factor_R_free                      ? 
_refine.ls_percent_reflns_R_free                 7.900 
_refine.ls_number_reflns_R_free                  2207 
_refine.ls_R_factor_R_free_error                 ? 
_refine.B_iso_mean                               25.275 
_refine.solvent_model_param_bsol                 49.589 
_refine.solvent_model_param_ksol                 ? 
_refine.pdbx_isotropic_thermal_model             ? 
_refine.aniso_B[1][1]                            -2.400 
_refine.aniso_B[2][2]                            -2.400 
_refine.aniso_B[3][3]                            4.801 
_refine.aniso_B[1][2]                            0.000 
_refine.aniso_B[1][3]                            0.000 
_refine.aniso_B[2][3]                            0.000 
_refine.correlation_coeff_Fo_to_Fc               ? 
_refine.correlation_coeff_Fo_to_Fc_free          ? 
_refine.overall_SU_R_Cruickshank_DPI             ? 
_refine.overall_SU_R_free                        ? 
_refine.pdbx_overall_ESU_R_Free                  ? 
_refine.overall_SU_ML                            ? 
_refine.overall_SU_B                             ? 
_refine.solvent_model_details                    ? 
_refine.pdbx_solvent_vdw_probe_radii             ? 
_refine.pdbx_solvent_ion_probe_radii             ? 
_refine.pdbx_solvent_shrinkage_radii             ? 
_refine.ls_number_parameters                     ? 
_refine.ls_number_restraints                     ? 
_refine.pdbx_starting_model                      ? 
_refine.pdbx_method_to_determine_struct          SAD 
_refine.pdbx_stereochemistry_target_values       'Engh & Huber' 
_refine.pdbx_stereochem_target_val_spec_case     ? 
_refine.overall_FOM_work_R_set                   ? 
_refine.B_iso_max                                62.83 
_refine.B_iso_min                                9.65 
_refine.occupancy_max                            1.00 
_refine.occupancy_min                            1.00 
_refine.pdbx_ls_sigma_I                          2 
_refine.ls_redundancy_reflns_obs                 ? 
_refine.ls_R_factor_R_free_error_details         ? 
_refine.pdbx_data_cutoff_high_rms_absF           ? 
_refine.overall_FOM_free_R_set                   ? 
_refine.pdbx_overall_phase_error                 ? 
_refine.pdbx_refine_id                           'X-RAY DIFFRACTION' 
_refine.pdbx_overall_ESU_R                       ? 
_refine.pdbx_diffrn_id                           1 
_refine.pdbx_TLS_residual_ADP_flag               ? 
_refine.pdbx_overall_SU_R_free_Cruickshank_DPI   ? 
_refine.pdbx_overall_SU_R_Blow_DPI               ? 
_refine.pdbx_overall_SU_R_free_Blow_DPI          ? 
# 
_refine_analyze.entry_id                        3NRW 
_refine_analyze.Luzzati_coordinate_error_obs    0.18 
_refine_analyze.Luzzati_sigma_a_obs             0.12 
_refine_analyze.Luzzati_d_res_low_obs           5.00 
_refine_analyze.Luzzati_coordinate_error_free   0.20 
_refine_analyze.Luzzati_sigma_a_free            0.10 
_refine_analyze.Luzzati_d_res_low_free          ? 
_refine_analyze.number_disordered_residues      ? 
_refine_analyze.occupancy_sum_non_hydrogen      ? 
_refine_analyze.occupancy_sum_hydrogen          ? 
_refine_analyze.pdbx_Luzzati_d_res_high_obs     ? 
_refine_analyze.pdbx_refine_id                  'X-RAY DIFFRACTION' 
# 
_refine_hist.pdbx_refine_id                   'X-RAY DIFFRACTION' 
_refine_hist.cycle_id                         LAST 
_refine_hist.pdbx_number_atoms_protein        867 
_refine_hist.pdbx_number_atoms_nucleic_acid   0 
_refine_hist.pdbx_number_atoms_ligand         0 
_refine_hist.number_atoms_solvent             106 
_refine_hist.number_atoms_total               973 
_refine_hist.d_res_high                       1.700 
_refine_hist.d_res_low                        20.000 
# 
loop_
_refine_ls_restr.type 
_refine_ls_restr.number 
_refine_ls_restr.dev_ideal 
_refine_ls_restr.dev_ideal_target 
_refine_ls_restr.weight 
_refine_ls_restr.pdbx_refine_id 
_refine_ls_restr.pdbx_restraint_function 
c_mcbond_it  ? 3.005 1.500 ? 'X-RAY DIFFRACTION' ? 
c_scbond_it  ? 5.255 2.000 ? 'X-RAY DIFFRACTION' ? 
c_mcangle_it ? 3.757 2.000 ? 'X-RAY DIFFRACTION' ? 
c_scangle_it ? 6.891 2.500 ? 'X-RAY DIFFRACTION' ? 
# 
_refine_ls_shell.d_res_high                       1.7 
_refine_ls_shell.d_res_low                        1.76 
_refine_ls_shell.number_reflns_obs                1453 
_refine_ls_shell.number_reflns_R_free             138 
_refine_ls_shell.R_factor_R_work                  0.221 
_refine_ls_shell.R_factor_R_free                  0.236 
_refine_ls_shell.R_factor_R_free_error            0.020 
_refine_ls_shell.percent_reflns_obs               57.7 
_refine_ls_shell.percent_reflns_R_free            ? 
_refine_ls_shell.pdbx_total_number_of_bins_used   ? 
_refine_ls_shell.number_reflns_R_work             ? 
_refine_ls_shell.redundancy_reflns_obs            ? 
_refine_ls_shell.number_reflns_all                ? 
_refine_ls_shell.R_factor_all                     ? 
_refine_ls_shell.pdbx_refine_id                   'X-RAY DIFFRACTION' 
# 
loop_
_pdbx_xplor_file.serial_no 
_pdbx_xplor_file.param_file 
_pdbx_xplor_file.topol_file 
_pdbx_xplor_file.pdbx_refine_id 
1 protein_rep.param ? 'X-RAY DIFFRACTION' 
2 dna-rna_rep.param ? 'X-RAY DIFFRACTION' 
3 water_rep.param   ? 'X-RAY DIFFRACTION' 
4 ion.param         ? 'X-RAY DIFFRACTION' 
# 
_struct.entry_id                  3NRW 
_struct.title                     
;Crystal Structure of the N-terminal domain of Phage integrase/site-specific recombinase (tnp) from Haloarcula marismortui, Northeast Structural Genomics Consortium Target HmR208A
;
_struct.pdbx_model_details        ? 
_struct.pdbx_CASP_flag            Y 
_struct.pdbx_model_type_details   ? 
# 
_struct_keywords.entry_id        3NRW 
_struct_keywords.text            
;alpha-helical domain, Structural Genomics, PSI-2, Protein Structure Initiative, Northeast Structural Genomics Consortium, NESG, RECOMBINATION
;
_struct_keywords.pdbx_keywords   RECOMBINATION 
# 
loop_
_struct_asym.id 
_struct_asym.pdbx_blank_PDB_chainid_flag 
_struct_asym.pdbx_modified 
_struct_asym.entity_id 
_struct_asym.details 
A N N 1 ? 
B N N 2 ? 
# 
_struct_ref.id                         1 
_struct_ref.db_name                    UNP 
_struct_ref.db_code                    Q5V4F9_HALMA 
_struct_ref.pdbx_db_accession          Q5V4F9 
_struct_ref.entity_id                  1 
_struct_ref.pdbx_seq_one_letter_code   
;MTERPSLSPREARDRYLAHRQTDAADASIKSFRYRLKHFVEWAEERDITAMRELTGWKLDEYETFRRGSDVSPATLNGEM
QTLKNWLEYLARIDVVDEDLPEKVHVPTI
;
_struct_ref.pdbx_align_begin           1 
_struct_ref.pdbx_db_isoform            ? 
# 
_struct_ref_seq.align_id                      1 
_struct_ref_seq.ref_id                        1 
_struct_ref_seq.pdbx_PDB_id_code              3NRW 
_struct_ref_seq.pdbx_strand_id                A 
_struct_ref_seq.seq_align_beg                 1 
_struct_ref_seq.pdbx_seq_align_beg_ins_code   ? 
_struct_ref_seq.seq_align_end                 109 
_struct_ref_seq.pdbx_seq_align_end_ins_code   ? 
_struct_ref_seq.pdbx_db_accession             Q5V4F9 
_struct_ref_seq.db_align_beg                  1 
_struct_ref_seq.pdbx_db_align_beg_ins_code    ? 
_struct_ref_seq.db_align_end                  109 
_struct_ref_seq.pdbx_db_align_end_ins_code    ? 
_struct_ref_seq.pdbx_auth_seq_align_beg       1 
_struct_ref_seq.pdbx_auth_seq_align_end       109 
# 
loop_
_struct_ref_seq_dif.align_id 
_struct_ref_seq_dif.pdbx_pdb_id_code 
_struct_ref_seq_dif.mon_id 
_struct_ref_seq_dif.pdbx_pdb_strand_id 
_struct_ref_seq_dif.seq_num 
_struct_ref_seq_dif.pdbx_pdb_ins_code 
_struct_ref_seq_dif.pdbx_seq_db_name 
_struct_ref_seq_dif.pdbx_seq_db_accession_code 
_struct_ref_seq_dif.db_mon_id 
_struct_ref_seq_dif.pdbx_seq_db_seq_num 
_struct_ref_seq_dif.details 
_struct_ref_seq_dif.pdbx_auth_seq_num 
_struct_ref_seq_dif.pdbx_ordinal 
1 3NRW LEU A 110 ? UNP Q5V4F9 ? ? 'expression tag' 110 1 
1 3NRW GLU A 111 ? UNP Q5V4F9 ? ? 'expression tag' 111 2 
1 3NRW HIS A 112 ? UNP Q5V4F9 ? ? 'expression tag' 112 3 
1 3NRW HIS A 113 ? UNP Q5V4F9 ? ? 'expression tag' 113 4 
1 3NRW HIS A 114 ? UNP Q5V4F9 ? ? 'expression tag' 114 5 
1 3NRW HIS A 115 ? UNP Q5V4F9 ? ? 'expression tag' 115 6 
1 3NRW HIS A 116 ? UNP Q5V4F9 ? ? 'expression tag' 116 7 
1 3NRW HIS A 117 ? UNP Q5V4F9 ? ? 'expression tag' 117 8 
# 
_pdbx_struct_assembly.id                   1 
_pdbx_struct_assembly.details              author_and_software_defined_assembly 
_pdbx_struct_assembly.method_details       PISA 
_pdbx_struct_assembly.oligomeric_details   monomeric 
_pdbx_struct_assembly.oligomeric_count     1 
# 
_pdbx_struct_assembly_gen.assembly_id       1 
_pdbx_struct_assembly_gen.oper_expression   1 
_pdbx_struct_assembly_gen.asym_id_list      A,B 
# 
_pdbx_struct_oper_list.id                   1 
_pdbx_struct_oper_list.type                 'identity operation' 
_pdbx_struct_oper_list.name                 1_555 
_pdbx_struct_oper_list.symmetry_operation   x,y,z 
_pdbx_struct_oper_list.matrix[1][1]         1.0000000000 
_pdbx_struct_oper_list.matrix[1][2]         0.0000000000 
_pdbx_struct_oper_list.matrix[1][3]         0.0000000000 
_pdbx_struct_oper_list.vector[1]            0.0000000000 
_pdbx_struct_oper_list.matrix[2][1]         0.0000000000 
_pdbx_struct_oper_list.matrix[2][2]         1.0000000000 
_pdbx_struct_oper_list.matrix[2][3]         0.0000000000 
_pdbx_struct_oper_list.vector[2]            0.0000000000 
_pdbx_struct_oper_list.matrix[3][1]         0.0000000000 
_pdbx_struct_oper_list.matrix[3][2]         0.0000000000 
_pdbx_struct_oper_list.matrix[3][3]         1.0000000000 
_pdbx_struct_oper_list.vector[3]            0.0000000000 
# 
_struct_biol.id        1 
_struct_biol.details   ? 
# 
loop_
_struct_conf.conf_type_id 
_struct_conf.id 
_struct_conf.pdbx_PDB_helix_id 
_struct_conf.beg_label_comp_id 
_struct_conf.beg_label_asym_id 
_struct_conf.beg_label_seq_id 
_struct_conf.pdbx_beg_PDB_ins_code 
_struct_conf.end_label_comp_id 
_struct_conf.end_label_asym_id 
_struct_conf.end_label_seq_id 
_struct_conf.pdbx_end_PDB_ins_code 
_struct_conf.beg_auth_comp_id 
_struct_conf.beg_auth_asym_id 
_struct_conf.beg_auth_seq_id 
_struct_conf.end_auth_comp_id 
_struct_conf.end_auth_asym_id 
_struct_conf.end_auth_seq_id 
_struct_conf.pdbx_PDB_helix_class 
_struct_conf.details 
_struct_conf.pdbx_PDB_helix_length 
HELX_P HELX_P1 1 SER A 8   ? GLN A 21  ? SER A 8   GLN A 21  1 ? 14 
HELX_P HELX_P2 2 ALA A 25  ? ARG A 46  ? ALA A 25  ARG A 46  1 ? 22 
HELX_P HELX_P3 3 ALA A 50  ? LEU A 54  ? ALA A 50  LEU A 54  5 ? 5  
HELX_P HELX_P4 4 THR A 55  ? GLY A 68  ? THR A 55  GLY A 68  1 ? 14 
HELX_P HELX_P5 5 SER A 72  ? ILE A 93  ? SER A 72  ILE A 93  1 ? 22 
HELX_P HELX_P6 6 LEU A 100 ? VAL A 104 ? LEU A 100 VAL A 104 5 ? 5  
# 
_struct_conf_type.id          HELX_P 
_struct_conf_type.criteria    ? 
_struct_conf_type.reference   ? 
# 
loop_
_struct_conn.id 
_struct_conn.conn_type_id 
_struct_conn.pdbx_leaving_atom_flag 
_struct_conn.pdbx_PDB_id 
_struct_conn.ptnr1_label_asym_id 
_struct_conn.ptnr1_label_comp_id 
_struct_conn.ptnr1_label_seq_id 
_struct_conn.ptnr1_label_atom_id 
_struct_conn.pdbx_ptnr1_label_alt_id 
_struct_conn.pdbx_ptnr1_PDB_ins_code 
_struct_conn.pdbx_ptnr1_standard_comp_id 
_struct_conn.ptnr1_symmetry 
_struct_conn.ptnr2_label_asym_id 
_struct_conn.ptnr2_label_comp_id 
_struct_conn.ptnr2_label_seq_id 
_struct_conn.ptnr2_label_atom_id 
_struct_conn.pdbx_ptnr2_label_alt_id 
_struct_conn.pdbx_ptnr2_PDB_ins_code 
_struct_conn.ptnr1_auth_asym_id 
_struct_conn.ptnr1_auth_comp_id 
_struct_conn.ptnr1_auth_seq_id 
_struct_conn.ptnr2_auth_asym_id 
_struct_conn.ptnr2_auth_comp_id 
_struct_conn.ptnr2_auth_seq_id 
_struct_conn.ptnr2_symmetry 
_struct_conn.pdbx_ptnr3_label_atom_id 
_struct_conn.pdbx_ptnr3_label_seq_id 
_struct_conn.pdbx_ptnr3_label_comp_id 
_struct_conn.pdbx_ptnr3_label_asym_id 
_struct_conn.pdbx_ptnr3_label_alt_id 
_struct_conn.pdbx_ptnr3_PDB_ins_code 
_struct_conn.details 
_struct_conn.pdbx_dist_value 
_struct_conn.pdbx_value_order 
_struct_conn.pdbx_role 
covale1 covale both ? A ALA 50 C ? ? ? 1_555 A MSE 51 N ? ? A ALA 50 A MSE 51 1_555 ? ? ? ? ? ? ? 1.327 ? ? 
covale2 covale both ? A MSE 51 C ? ? ? 1_555 A ARG 52 N ? ? A MSE 51 A ARG 52 1_555 ? ? ? ? ? ? ? 1.329 ? ? 
covale3 covale both ? A GLU 79 C ? ? ? 1_555 A MSE 80 N ? ? A GLU 79 A MSE 80 1_555 ? ? ? ? ? ? ? 1.328 ? ? 
covale4 covale both ? A MSE 80 C ? ? ? 1_555 A GLN 81 N ? ? A MSE 80 A GLN 81 1_555 ? ? ? ? ? ? ? 1.330 ? ? 
# 
_struct_conn_type.id          covale 
_struct_conn_type.criteria    ? 
_struct_conn_type.reference   ? 
# 
loop_
_pdbx_modification_feature.ordinal 
_pdbx_modification_feature.label_comp_id 
_pdbx_modification_feature.label_asym_id 
_pdbx_modification_feature.label_seq_id 
_pdbx_modification_feature.label_alt_id 
_pdbx_modification_feature.modified_residue_label_comp_id 
_pdbx_modification_feature.modified_residue_label_asym_id 
_pdbx_modification_feature.modified_residue_label_seq_id 
_pdbx_modification_feature.modified_residue_label_alt_id 
_pdbx_modification_feature.auth_comp_id 
_pdbx_modification_feature.auth_asym_id 
_pdbx_modification_feature.auth_seq_id 
_pdbx_modification_feature.PDB_ins_code 
_pdbx_modification_feature.symmetry 
_pdbx_modification_feature.modified_residue_auth_comp_id 
_pdbx_modification_feature.modified_residue_auth_asym_id 
_pdbx_modification_feature.modified_residue_auth_seq_id 
_pdbx_modification_feature.modified_residue_PDB_ins_code 
_pdbx_modification_feature.modified_residue_symmetry 
_pdbx_modification_feature.comp_id_linking_atom 
_pdbx_modification_feature.modified_residue_id_linking_atom 
_pdbx_modification_feature.modified_residue_id 
_pdbx_modification_feature.ref_pcm_id 
_pdbx_modification_feature.ref_comp_id 
_pdbx_modification_feature.type 
_pdbx_modification_feature.category 
1 MSE A 51 ? . . . . MSE A 51 ? 1_555 . . . . . . . MET 1 MSE Selenomethionine 'Named protein modification' 
2 MSE A 80 ? . . . . MSE A 80 ? 1_555 . . . . . . . MET 1 MSE Selenomethionine 'Named protein modification' 
# 
_pdbx_entry_details.entry_id                   3NRW 
_pdbx_entry_details.compound_details           ? 
_pdbx_entry_details.source_details             ? 
_pdbx_entry_details.nonpolymer_details         ? 
_pdbx_entry_details.sequence_details           ? 
_pdbx_entry_details.has_ligand_of_interest     ? 
_pdbx_entry_details.has_protein_modification   Y 
# 
_pdbx_validate_torsion.id              1 
_pdbx_validate_torsion.PDB_model_num   1 
_pdbx_validate_torsion.auth_comp_id    GLN 
_pdbx_validate_torsion.auth_asym_id    A 
_pdbx_validate_torsion.auth_seq_id     21 
_pdbx_validate_torsion.PDB_ins_code    ? 
_pdbx_validate_torsion.label_alt_id    ? 
_pdbx_validate_torsion.phi             -67.70 
_pdbx_validate_torsion.psi             20.87 
# 
_pdbx_SG_project.id                    1 
_pdbx_SG_project.project_name          'PSI, Protein Structure Initiative' 
_pdbx_SG_project.full_name_of_center   'Northeast Structural Genomics Consortium' 
_pdbx_SG_project.initial_of_center     NESG 
# 
loop_
_pdbx_struct_mod_residue.id 
_pdbx_struct_mod_residue.label_asym_id 
_pdbx_struct_mod_residue.label_comp_id 
_pdbx_struct_mod_residue.label_seq_id 
_pdbx_struct_mod_residue.auth_asym_id 
_pdbx_struct_mod_residue.auth_comp_id 
_pdbx_struct_mod_residue.auth_seq_id 
_pdbx_struct_mod_residue.PDB_ins_code 
_pdbx_struct_mod_residue.parent_comp_id 
_pdbx_struct_mod_residue.details 
1 A MSE 51 A MSE 51 ? MET SELENOMETHIONINE 
2 A MSE 80 A MSE 80 ? MET SELENOMETHIONINE 
# 
loop_
_pdbx_unobs_or_zero_occ_residues.id 
_pdbx_unobs_or_zero_occ_residues.PDB_model_num 
_pdbx_unobs_or_zero_occ_residues.polymer_flag 
_pdbx_unobs_or_zero_occ_residues.occupancy_flag 
_pdbx_unobs_or_zero_occ_residues.auth_asym_id 
_pdbx_unobs_or_zero_occ_residues.auth_comp_id 
_pdbx_unobs_or_zero_occ_residues.auth_seq_id 
_pdbx_unobs_or_zero_occ_residues.PDB_ins_code 
_pdbx_unobs_or_zero_occ_residues.label_asym_id 
_pdbx_unobs_or_zero_occ_residues.label_comp_id 
_pdbx_unobs_or_zero_occ_residues.label_seq_id 
1  1 Y 1 A MET 1   ? A MET 1   
2  1 Y 1 A THR 2   ? A THR 2   
3  1 Y 1 A GLU 3   ? A GLU 3   
4  1 Y 1 A THR 108 ? A THR 108 
5  1 Y 1 A ILE 109 ? A ILE 109 
6  1 Y 1 A LEU 110 ? A LEU 110 
7  1 Y 1 A GLU 111 ? A GLU 111 
8  1 Y 1 A HIS 112 ? A HIS 112 
9  1 Y 1 A HIS 113 ? A HIS 113 
10 1 Y 1 A HIS 114 ? A HIS 114 
11 1 Y 1 A HIS 115 ? A HIS 115 
12 1 Y 1 A HIS 116 ? A HIS 116 
13 1 Y 1 A HIS 117 ? A HIS 117 
# 
loop_
_chem_comp_atom.comp_id 
_chem_comp_atom.atom_id 
_chem_comp_atom.type_symbol 
_chem_comp_atom.pdbx_aromatic_flag 
_chem_comp_atom.pdbx_stereo_config 
_chem_comp_atom.pdbx_ordinal 
ALA N    N  N N 1   
ALA CA   C  N S 2   
ALA C    C  N N 3   
ALA O    O  N N 4   
ALA CB   C  N N 5   
ALA OXT  O  N N 6   
ALA H    H  N N 7   
ALA H2   H  N N 8   
ALA HA   H  N N 9   
ALA HB1  H  N N 10  
ALA HB2  H  N N 11  
ALA HB3  H  N N 12  
ALA HXT  H  N N 13  
ARG N    N  N N 14  
ARG CA   C  N S 15  
ARG C    C  N N 16  
ARG O    O  N N 17  
ARG CB   C  N N 18  
ARG CG   C  N N 19  
ARG CD   C  N N 20  
ARG NE   N  N N 21  
ARG CZ   C  N N 22  
ARG NH1  N  N N 23  
ARG NH2  N  N N 24  
ARG OXT  O  N N 25  
ARG H    H  N N 26  
ARG H2   H  N N 27  
ARG HA   H  N N 28  
ARG HB2  H  N N 29  
ARG HB3  H  N N 30  
ARG HG2  H  N N 31  
ARG HG3  H  N N 32  
ARG HD2  H  N N 33  
ARG HD3  H  N N 34  
ARG HE   H  N N 35  
ARG HH11 H  N N 36  
ARG HH12 H  N N 37  
ARG HH21 H  N N 38  
ARG HH22 H  N N 39  
ARG HXT  H  N N 40  
ASN N    N  N N 41  
ASN CA   C  N S 42  
ASN C    C  N N 43  
ASN O    O  N N 44  
ASN CB   C  N N 45  
ASN CG   C  N N 46  
ASN OD1  O  N N 47  
ASN ND2  N  N N 48  
ASN OXT  O  N N 49  
ASN H    H  N N 50  
ASN H2   H  N N 51  
ASN HA   H  N N 52  
ASN HB2  H  N N 53  
ASN HB3  H  N N 54  
ASN HD21 H  N N 55  
ASN HD22 H  N N 56  
ASN HXT  H  N N 57  
ASP N    N  N N 58  
ASP CA   C  N S 59  
ASP C    C  N N 60  
ASP O    O  N N 61  
ASP CB   C  N N 62  
ASP CG   C  N N 63  
ASP OD1  O  N N 64  
ASP OD2  O  N N 65  
ASP OXT  O  N N 66  
ASP H    H  N N 67  
ASP H2   H  N N 68  
ASP HA   H  N N 69  
ASP HB2  H  N N 70  
ASP HB3  H  N N 71  
ASP HD2  H  N N 72  
ASP HXT  H  N N 73  
GLN N    N  N N 74  
GLN CA   C  N S 75  
GLN C    C  N N 76  
GLN O    O  N N 77  
GLN CB   C  N N 78  
GLN CG   C  N N 79  
GLN CD   C  N N 80  
GLN OE1  O  N N 81  
GLN NE2  N  N N 82  
GLN OXT  O  N N 83  
GLN H    H  N N 84  
GLN H2   H  N N 85  
GLN HA   H  N N 86  
GLN HB2  H  N N 87  
GLN HB3  H  N N 88  
GLN HG2  H  N N 89  
GLN HG3  H  N N 90  
GLN HE21 H  N N 91  
GLN HE22 H  N N 92  
GLN HXT  H  N N 93  
GLU N    N  N N 94  
GLU CA   C  N S 95  
GLU C    C  N N 96  
GLU O    O  N N 97  
GLU CB   C  N N 98  
GLU CG   C  N N 99  
GLU CD   C  N N 100 
GLU OE1  O  N N 101 
GLU OE2  O  N N 102 
GLU OXT  O  N N 103 
GLU H    H  N N 104 
GLU H2   H  N N 105 
GLU HA   H  N N 106 
GLU HB2  H  N N 107 
GLU HB3  H  N N 108 
GLU HG2  H  N N 109 
GLU HG3  H  N N 110 
GLU HE2  H  N N 111 
GLU HXT  H  N N 112 
GLY N    N  N N 113 
GLY CA   C  N N 114 
GLY C    C  N N 115 
GLY O    O  N N 116 
GLY OXT  O  N N 117 
GLY H    H  N N 118 
GLY H2   H  N N 119 
GLY HA2  H  N N 120 
GLY HA3  H  N N 121 
GLY HXT  H  N N 122 
HIS N    N  N N 123 
HIS CA   C  N S 124 
HIS C    C  N N 125 
HIS O    O  N N 126 
HIS CB   C  N N 127 
HIS CG   C  Y N 128 
HIS ND1  N  Y N 129 
HIS CD2  C  Y N 130 
HIS CE1  C  Y N 131 
HIS NE2  N  Y N 132 
HIS OXT  O  N N 133 
HIS H    H  N N 134 
HIS H2   H  N N 135 
HIS HA   H  N N 136 
HIS HB2  H  N N 137 
HIS HB3  H  N N 138 
HIS HD1  H  N N 139 
HIS HD2  H  N N 140 
HIS HE1  H  N N 141 
HIS HE2  H  N N 142 
HIS HXT  H  N N 143 
HOH O    O  N N 144 
HOH H1   H  N N 145 
HOH H2   H  N N 146 
ILE N    N  N N 147 
ILE CA   C  N S 148 
ILE C    C  N N 149 
ILE O    O  N N 150 
ILE CB   C  N S 151 
ILE CG1  C  N N 152 
ILE CG2  C  N N 153 
ILE CD1  C  N N 154 
ILE OXT  O  N N 155 
ILE H    H  N N 156 
ILE H2   H  N N 157 
ILE HA   H  N N 158 
ILE HB   H  N N 159 
ILE HG12 H  N N 160 
ILE HG13 H  N N 161 
ILE HG21 H  N N 162 
ILE HG22 H  N N 163 
ILE HG23 H  N N 164 
ILE HD11 H  N N 165 
ILE HD12 H  N N 166 
ILE HD13 H  N N 167 
ILE HXT  H  N N 168 
LEU N    N  N N 169 
LEU CA   C  N S 170 
LEU C    C  N N 171 
LEU O    O  N N 172 
LEU CB   C  N N 173 
LEU CG   C  N N 174 
LEU CD1  C  N N 175 
LEU CD2  C  N N 176 
LEU OXT  O  N N 177 
LEU H    H  N N 178 
LEU H2   H  N N 179 
LEU HA   H  N N 180 
LEU HB2  H  N N 181 
LEU HB3  H  N N 182 
LEU HG   H  N N 183 
LEU HD11 H  N N 184 
LEU HD12 H  N N 185 
LEU HD13 H  N N 186 
LEU HD21 H  N N 187 
LEU HD22 H  N N 188 
LEU HD23 H  N N 189 
LEU HXT  H  N N 190 
LYS N    N  N N 191 
LYS CA   C  N S 192 
LYS C    C  N N 193 
LYS O    O  N N 194 
LYS CB   C  N N 195 
LYS CG   C  N N 196 
LYS CD   C  N N 197 
LYS CE   C  N N 198 
LYS NZ   N  N N 199 
LYS OXT  O  N N 200 
LYS H    H  N N 201 
LYS H2   H  N N 202 
LYS HA   H  N N 203 
LYS HB2  H  N N 204 
LYS HB3  H  N N 205 
LYS HG2  H  N N 206 
LYS HG3  H  N N 207 
LYS HD2  H  N N 208 
LYS HD3  H  N N 209 
LYS HE2  H  N N 210 
LYS HE3  H  N N 211 
LYS HZ1  H  N N 212 
LYS HZ2  H  N N 213 
LYS HZ3  H  N N 214 
LYS HXT  H  N N 215 
MET N    N  N N 216 
MET CA   C  N S 217 
MET C    C  N N 218 
MET O    O  N N 219 
MET CB   C  N N 220 
MET CG   C  N N 221 
MET SD   S  N N 222 
MET CE   C  N N 223 
MET OXT  O  N N 224 
MET H    H  N N 225 
MET H2   H  N N 226 
MET HA   H  N N 227 
MET HB2  H  N N 228 
MET HB3  H  N N 229 
MET HG2  H  N N 230 
MET HG3  H  N N 231 
MET HE1  H  N N 232 
MET HE2  H  N N 233 
MET HE3  H  N N 234 
MET HXT  H  N N 235 
MSE N    N  N N 236 
MSE CA   C  N S 237 
MSE C    C  N N 238 
MSE O    O  N N 239 
MSE OXT  O  N N 240 
MSE CB   C  N N 241 
MSE CG   C  N N 242 
MSE SE   SE N N 243 
MSE CE   C  N N 244 
MSE H    H  N N 245 
MSE H2   H  N N 246 
MSE HA   H  N N 247 
MSE HXT  H  N N 248 
MSE HB2  H  N N 249 
MSE HB3  H  N N 250 
MSE HG2  H  N N 251 
MSE HG3  H  N N 252 
MSE HE1  H  N N 253 
MSE HE2  H  N N 254 
MSE HE3  H  N N 255 
PHE N    N  N N 256 
PHE CA   C  N S 257 
PHE C    C  N N 258 
PHE O    O  N N 259 
PHE CB   C  N N 260 
PHE CG   C  Y N 261 
PHE CD1  C  Y N 262 
PHE CD2  C  Y N 263 
PHE CE1  C  Y N 264 
PHE CE2  C  Y N 265 
PHE CZ   C  Y N 266 
PHE OXT  O  N N 267 
PHE H    H  N N 268 
PHE H2   H  N N 269 
PHE HA   H  N N 270 
PHE HB2  H  N N 271 
PHE HB3  H  N N 272 
PHE HD1  H  N N 273 
PHE HD2  H  N N 274 
PHE HE1  H  N N 275 
PHE HE2  H  N N 276 
PHE HZ   H  N N 277 
PHE HXT  H  N N 278 
PRO N    N  N N 279 
PRO CA   C  N S 280 
PRO C    C  N N 281 
PRO O    O  N N 282 
PRO CB   C  N N 283 
PRO CG   C  N N 284 
PRO CD   C  N N 285 
PRO OXT  O  N N 286 
PRO H    H  N N 287 
PRO HA   H  N N 288 
PRO HB2  H  N N 289 
PRO HB3  H  N N 290 
PRO HG2  H  N N 291 
PRO HG3  H  N N 292 
PRO HD2  H  N N 293 
PRO HD3  H  N N 294 
PRO HXT  H  N N 295 
SER N    N  N N 296 
SER CA   C  N S 297 
SER C    C  N N 298 
SER O    O  N N 299 
SER CB   C  N N 300 
SER OG   O  N N 301 
SER OXT  O  N N 302 
SER H    H  N N 303 
SER H2   H  N N 304 
SER HA   H  N N 305 
SER HB2  H  N N 306 
SER HB3  H  N N 307 
SER HG   H  N N 308 
SER HXT  H  N N 309 
THR N    N  N N 310 
THR CA   C  N S 311 
THR C    C  N N 312 
THR O    O  N N 313 
THR CB   C  N R 314 
THR OG1  O  N N 315 
THR CG2  C  N N 316 
THR OXT  O  N N 317 
THR H    H  N N 318 
THR H2   H  N N 319 
THR HA   H  N N 320 
THR HB   H  N N 321 
THR HG1  H  N N 322 
THR HG21 H  N N 323 
THR HG22 H  N N 324 
THR HG23 H  N N 325 
THR HXT  H  N N 326 
TRP N    N  N N 327 
TRP CA   C  N S 328 
TRP C    C  N N 329 
TRP O    O  N N 330 
TRP CB   C  N N 331 
TRP CG   C  Y N 332 
TRP CD1  C  Y N 333 
TRP CD2  C  Y N 334 
TRP NE1  N  Y N 335 
TRP CE2  C  Y N 336 
TRP CE3  C  Y N 337 
TRP CZ2  C  Y N 338 
TRP CZ3  C  Y N 339 
TRP CH2  C  Y N 340 
TRP OXT  O  N N 341 
TRP H    H  N N 342 
TRP H2   H  N N 343 
TRP HA   H  N N 344 
TRP HB2  H  N N 345 
TRP HB3  H  N N 346 
TRP HD1  H  N N 347 
TRP HE1  H  N N 348 
TRP HE3  H  N N 349 
TRP HZ2  H  N N 350 
TRP HZ3  H  N N 351 
TRP HH2  H  N N 352 
TRP HXT  H  N N 353 
TYR N    N  N N 354 
TYR CA   C  N S 355 
TYR C    C  N N 356 
TYR O    O  N N 357 
TYR CB   C  N N 358 
TYR CG   C  Y N 359 
TYR CD1  C  Y N 360 
TYR CD2  C  Y N 361 
TYR CE1  C  Y N 362 
TYR CE2  C  Y N 363 
TYR CZ   C  Y N 364 
TYR OH   O  N N 365 
TYR OXT  O  N N 366 
TYR H    H  N N 367 
TYR H2   H  N N 368 
TYR HA   H  N N 369 
TYR HB2  H  N N 370 
TYR HB3  H  N N 371 
TYR HD1  H  N N 372 
TYR HD2  H  N N 373 
TYR HE1  H  N N 374 
TYR HE2  H  N N 375 
TYR HH   H  N N 376 
TYR HXT  H  N N 377 
VAL N    N  N N 378 
VAL CA   C  N S 379 
VAL C    C  N N 380 
VAL O    O  N N 381 
VAL CB   C  N N 382 
VAL CG1  C  N N 383 
VAL CG2  C  N N 384 
VAL OXT  O  N N 385 
VAL H    H  N N 386 
VAL H2   H  N N 387 
VAL HA   H  N N 388 
VAL HB   H  N N 389 
VAL HG11 H  N N 390 
VAL HG12 H  N N 391 
VAL HG13 H  N N 392 
VAL HG21 H  N N 393 
VAL HG22 H  N N 394 
VAL HG23 H  N N 395 
VAL HXT  H  N N 396 
# 
loop_
_chem_comp_bond.comp_id 
_chem_comp_bond.atom_id_1 
_chem_comp_bond.atom_id_2 
_chem_comp_bond.value_order 
_chem_comp_bond.pdbx_aromatic_flag 
_chem_comp_bond.pdbx_stereo_config 
_chem_comp_bond.pdbx_ordinal 
ALA N   CA   sing N N 1   
ALA N   H    sing N N 2   
ALA N   H2   sing N N 3   
ALA CA  C    sing N N 4   
ALA CA  CB   sing N N 5   
ALA CA  HA   sing N N 6   
ALA C   O    doub N N 7   
ALA C   OXT  sing N N 8   
ALA CB  HB1  sing N N 9   
ALA CB  HB2  sing N N 10  
ALA CB  HB3  sing N N 11  
ALA OXT HXT  sing N N 12  
ARG N   CA   sing N N 13  
ARG N   H    sing N N 14  
ARG N   H2   sing N N 15  
ARG CA  C    sing N N 16  
ARG CA  CB   sing N N 17  
ARG CA  HA   sing N N 18  
ARG C   O    doub N N 19  
ARG C   OXT  sing N N 20  
ARG CB  CG   sing N N 21  
ARG CB  HB2  sing N N 22  
ARG CB  HB3  sing N N 23  
ARG CG  CD   sing N N 24  
ARG CG  HG2  sing N N 25  
ARG CG  HG3  sing N N 26  
ARG CD  NE   sing N N 27  
ARG CD  HD2  sing N N 28  
ARG CD  HD3  sing N N 29  
ARG NE  CZ   sing N N 30  
ARG NE  HE   sing N N 31  
ARG CZ  NH1  sing N N 32  
ARG CZ  NH2  doub N N 33  
ARG NH1 HH11 sing N N 34  
ARG NH1 HH12 sing N N 35  
ARG NH2 HH21 sing N N 36  
ARG NH2 HH22 sing N N 37  
ARG OXT HXT  sing N N 38  
ASN N   CA   sing N N 39  
ASN N   H    sing N N 40  
ASN N   H2   sing N N 41  
ASN CA  C    sing N N 42  
ASN CA  CB   sing N N 43  
ASN CA  HA   sing N N 44  
ASN C   O    doub N N 45  
ASN C   OXT  sing N N 46  
ASN CB  CG   sing N N 47  
ASN CB  HB2  sing N N 48  
ASN CB  HB3  sing N N 49  
ASN CG  OD1  doub N N 50  
ASN CG  ND2  sing N N 51  
ASN ND2 HD21 sing N N 52  
ASN ND2 HD22 sing N N 53  
ASN OXT HXT  sing N N 54  
ASP N   CA   sing N N 55  
ASP N   H    sing N N 56  
ASP N   H2   sing N N 57  
ASP CA  C    sing N N 58  
ASP CA  CB   sing N N 59  
ASP CA  HA   sing N N 60  
ASP C   O    doub N N 61  
ASP C   OXT  sing N N 62  
ASP CB  CG   sing N N 63  
ASP CB  HB2  sing N N 64  
ASP CB  HB3  sing N N 65  
ASP CG  OD1  doub N N 66  
ASP CG  OD2  sing N N 67  
ASP OD2 HD2  sing N N 68  
ASP OXT HXT  sing N N 69  
GLN N   CA   sing N N 70  
GLN N   H    sing N N 71  
GLN N   H2   sing N N 72  
GLN CA  C    sing N N 73  
GLN CA  CB   sing N N 74  
GLN CA  HA   sing N N 75  
GLN C   O    doub N N 76  
GLN C   OXT  sing N N 77  
GLN CB  CG   sing N N 78  
GLN CB  HB2  sing N N 79  
GLN CB  HB3  sing N N 80  
GLN CG  CD   sing N N 81  
GLN CG  HG2  sing N N 82  
GLN CG  HG3  sing N N 83  
GLN CD  OE1  doub N N 84  
GLN CD  NE2  sing N N 85  
GLN NE2 HE21 sing N N 86  
GLN NE2 HE22 sing N N 87  
GLN OXT HXT  sing N N 88  
GLU N   CA   sing N N 89  
GLU N   H    sing N N 90  
GLU N   H2   sing N N 91  
GLU CA  C    sing N N 92  
GLU CA  CB   sing N N 93  
GLU CA  HA   sing N N 94  
GLU C   O    doub N N 95  
GLU C   OXT  sing N N 96  
GLU CB  CG   sing N N 97  
GLU CB  HB2  sing N N 98  
GLU CB  HB3  sing N N 99  
GLU CG  CD   sing N N 100 
GLU CG  HG2  sing N N 101 
GLU CG  HG3  sing N N 102 
GLU CD  OE1  doub N N 103 
GLU CD  OE2  sing N N 104 
GLU OE2 HE2  sing N N 105 
GLU OXT HXT  sing N N 106 
GLY N   CA   sing N N 107 
GLY N   H    sing N N 108 
GLY N   H2   sing N N 109 
GLY CA  C    sing N N 110 
GLY CA  HA2  sing N N 111 
GLY CA  HA3  sing N N 112 
GLY C   O    doub N N 113 
GLY C   OXT  sing N N 114 
GLY OXT HXT  sing N N 115 
HIS N   CA   sing N N 116 
HIS N   H    sing N N 117 
HIS N   H2   sing N N 118 
HIS CA  C    sing N N 119 
HIS CA  CB   sing N N 120 
HIS CA  HA   sing N N 121 
HIS C   O    doub N N 122 
HIS C   OXT  sing N N 123 
HIS CB  CG   sing N N 124 
HIS CB  HB2  sing N N 125 
HIS CB  HB3  sing N N 126 
HIS CG  ND1  sing Y N 127 
HIS CG  CD2  doub Y N 128 
HIS ND1 CE1  doub Y N 129 
HIS ND1 HD1  sing N N 130 
HIS CD2 NE2  sing Y N 131 
HIS CD2 HD2  sing N N 132 
HIS CE1 NE2  sing Y N 133 
HIS CE1 HE1  sing N N 134 
HIS NE2 HE2  sing N N 135 
HIS OXT HXT  sing N N 136 
HOH O   H1   sing N N 137 
HOH O   H2   sing N N 138 
ILE N   CA   sing N N 139 
ILE N   H    sing N N 140 
ILE N   H2   sing N N 141 
ILE CA  C    sing N N 142 
ILE CA  CB   sing N N 143 
ILE CA  HA   sing N N 144 
ILE C   O    doub N N 145 
ILE C   OXT  sing N N 146 
ILE CB  CG1  sing N N 147 
ILE CB  CG2  sing N N 148 
ILE CB  HB   sing N N 149 
ILE CG1 CD1  sing N N 150 
ILE CG1 HG12 sing N N 151 
ILE CG1 HG13 sing N N 152 
ILE CG2 HG21 sing N N 153 
ILE CG2 HG22 sing N N 154 
ILE CG2 HG23 sing N N 155 
ILE CD1 HD11 sing N N 156 
ILE CD1 HD12 sing N N 157 
ILE CD1 HD13 sing N N 158 
ILE OXT HXT  sing N N 159 
LEU N   CA   sing N N 160 
LEU N   H    sing N N 161 
LEU N   H2   sing N N 162 
LEU CA  C    sing N N 163 
LEU CA  CB   sing N N 164 
LEU CA  HA   sing N N 165 
LEU C   O    doub N N 166 
LEU C   OXT  sing N N 167 
LEU CB  CG   sing N N 168 
LEU CB  HB2  sing N N 169 
LEU CB  HB3  sing N N 170 
LEU CG  CD1  sing N N 171 
LEU CG  CD2  sing N N 172 
LEU CG  HG   sing N N 173 
LEU CD1 HD11 sing N N 174 
LEU CD1 HD12 sing N N 175 
LEU CD1 HD13 sing N N 176 
LEU CD2 HD21 sing N N 177 
LEU CD2 HD22 sing N N 178 
LEU CD2 HD23 sing N N 179 
LEU OXT HXT  sing N N 180 
LYS N   CA   sing N N 181 
LYS N   H    sing N N 182 
LYS N   H2   sing N N 183 
LYS CA  C    sing N N 184 
LYS CA  CB   sing N N 185 
LYS CA  HA   sing N N 186 
LYS C   O    doub N N 187 
LYS C   OXT  sing N N 188 
LYS CB  CG   sing N N 189 
LYS CB  HB2  sing N N 190 
LYS CB  HB3  sing N N 191 
LYS CG  CD   sing N N 192 
LYS CG  HG2  sing N N 193 
LYS CG  HG3  sing N N 194 
LYS CD  CE   sing N N 195 
LYS CD  HD2  sing N N 196 
LYS CD  HD3  sing N N 197 
LYS CE  NZ   sing N N 198 
LYS CE  HE2  sing N N 199 
LYS CE  HE3  sing N N 200 
LYS NZ  HZ1  sing N N 201 
LYS NZ  HZ2  sing N N 202 
LYS NZ  HZ3  sing N N 203 
LYS OXT HXT  sing N N 204 
MET N   CA   sing N N 205 
MET N   H    sing N N 206 
MET N   H2   sing N N 207 
MET CA  C    sing N N 208 
MET CA  CB   sing N N 209 
MET CA  HA   sing N N 210 
MET C   O    doub N N 211 
MET C   OXT  sing N N 212 
MET CB  CG   sing N N 213 
MET CB  HB2  sing N N 214 
MET CB  HB3  sing N N 215 
MET CG  SD   sing N N 216 
MET CG  HG2  sing N N 217 
MET CG  HG3  sing N N 218 
MET SD  CE   sing N N 219 
MET CE  HE1  sing N N 220 
MET CE  HE2  sing N N 221 
MET CE  HE3  sing N N 222 
MET OXT HXT  sing N N 223 
MSE N   CA   sing N N 224 
MSE N   H    sing N N 225 
MSE N   H2   sing N N 226 
MSE CA  C    sing N N 227 
MSE CA  CB   sing N N 228 
MSE CA  HA   sing N N 229 
MSE C   O    doub N N 230 
MSE C   OXT  sing N N 231 
MSE OXT HXT  sing N N 232 
MSE CB  CG   sing N N 233 
MSE CB  HB2  sing N N 234 
MSE CB  HB3  sing N N 235 
MSE CG  SE   sing N N 236 
MSE CG  HG2  sing N N 237 
MSE CG  HG3  sing N N 238 
MSE SE  CE   sing N N 239 
MSE CE  HE1  sing N N 240 
MSE CE  HE2  sing N N 241 
MSE CE  HE3  sing N N 242 
PHE N   CA   sing N N 243 
PHE N   H    sing N N 244 
PHE N   H2   sing N N 245 
PHE CA  C    sing N N 246 
PHE CA  CB   sing N N 247 
PHE CA  HA   sing N N 248 
PHE C   O    doub N N 249 
PHE C   OXT  sing N N 250 
PHE CB  CG   sing N N 251 
PHE CB  HB2  sing N N 252 
PHE CB  HB3  sing N N 253 
PHE CG  CD1  doub Y N 254 
PHE CG  CD2  sing Y N 255 
PHE CD1 CE1  sing Y N 256 
PHE CD1 HD1  sing N N 257 
PHE CD2 CE2  doub Y N 258 
PHE CD2 HD2  sing N N 259 
PHE CE1 CZ   doub Y N 260 
PHE CE1 HE1  sing N N 261 
PHE CE2 CZ   sing Y N 262 
PHE CE2 HE2  sing N N 263 
PHE CZ  HZ   sing N N 264 
PHE OXT HXT  sing N N 265 
PRO N   CA   sing N N 266 
PRO N   CD   sing N N 267 
PRO N   H    sing N N 268 
PRO CA  C    sing N N 269 
PRO CA  CB   sing N N 270 
PRO CA  HA   sing N N 271 
PRO C   O    doub N N 272 
PRO C   OXT  sing N N 273 
PRO CB  CG   sing N N 274 
PRO CB  HB2  sing N N 275 
PRO CB  HB3  sing N N 276 
PRO CG  CD   sing N N 277 
PRO CG  HG2  sing N N 278 
PRO CG  HG3  sing N N 279 
PRO CD  HD2  sing N N 280 
PRO CD  HD3  sing N N 281 
PRO OXT HXT  sing N N 282 
SER N   CA   sing N N 283 
SER N   H    sing N N 284 
SER N   H2   sing N N 285 
SER CA  C    sing N N 286 
SER CA  CB   sing N N 287 
SER CA  HA   sing N N 288 
SER C   O    doub N N 289 
SER C   OXT  sing N N 290 
SER CB  OG   sing N N 291 
SER CB  HB2  sing N N 292 
SER CB  HB3  sing N N 293 
SER OG  HG   sing N N 294 
SER OXT HXT  sing N N 295 
THR N   CA   sing N N 296 
THR N   H    sing N N 297 
THR N   H2   sing N N 298 
THR CA  C    sing N N 299 
THR CA  CB   sing N N 300 
THR CA  HA   sing N N 301 
THR C   O    doub N N 302 
THR C   OXT  sing N N 303 
THR CB  OG1  sing N N 304 
THR CB  CG2  sing N N 305 
THR CB  HB   sing N N 306 
THR OG1 HG1  sing N N 307 
THR CG2 HG21 sing N N 308 
THR CG2 HG22 sing N N 309 
THR CG2 HG23 sing N N 310 
THR OXT HXT  sing N N 311 
TRP N   CA   sing N N 312 
TRP N   H    sing N N 313 
TRP N   H2   sing N N 314 
TRP CA  C    sing N N 315 
TRP CA  CB   sing N N 316 
TRP CA  HA   sing N N 317 
TRP C   O    doub N N 318 
TRP C   OXT  sing N N 319 
TRP CB  CG   sing N N 320 
TRP CB  HB2  sing N N 321 
TRP CB  HB3  sing N N 322 
TRP CG  CD1  doub Y N 323 
TRP CG  CD2  sing Y N 324 
TRP CD1 NE1  sing Y N 325 
TRP CD1 HD1  sing N N 326 
TRP CD2 CE2  doub Y N 327 
TRP CD2 CE3  sing Y N 328 
TRP NE1 CE2  sing Y N 329 
TRP NE1 HE1  sing N N 330 
TRP CE2 CZ2  sing Y N 331 
TRP CE3 CZ3  doub Y N 332 
TRP CE3 HE3  sing N N 333 
TRP CZ2 CH2  doub Y N 334 
TRP CZ2 HZ2  sing N N 335 
TRP CZ3 CH2  sing Y N 336 
TRP CZ3 HZ3  sing N N 337 
TRP CH2 HH2  sing N N 338 
TRP OXT HXT  sing N N 339 
TYR N   CA   sing N N 340 
TYR N   H    sing N N 341 
TYR N   H2   sing N N 342 
TYR CA  C    sing N N 343 
TYR CA  CB   sing N N 344 
TYR CA  HA   sing N N 345 
TYR C   O    doub N N 346 
TYR C   OXT  sing N N 347 
TYR CB  CG   sing N N 348 
TYR CB  HB2  sing N N 349 
TYR CB  HB3  sing N N 350 
TYR CG  CD1  doub Y N 351 
TYR CG  CD2  sing Y N 352 
TYR CD1 CE1  sing Y N 353 
TYR CD1 HD1  sing N N 354 
TYR CD2 CE2  doub Y N 355 
TYR CD2 HD2  sing N N 356 
TYR CE1 CZ   doub Y N 357 
TYR CE1 HE1  sing N N 358 
TYR CE2 CZ   sing Y N 359 
TYR CE2 HE2  sing N N 360 
TYR CZ  OH   sing N N 361 
TYR OH  HH   sing N N 362 
TYR OXT HXT  sing N N 363 
VAL N   CA   sing N N 364 
VAL N   H    sing N N 365 
VAL N   H2   sing N N 366 
VAL CA  C    sing N N 367 
VAL CA  CB   sing N N 368 
VAL CA  HA   sing N N 369 
VAL C   O    doub N N 370 
VAL C   OXT  sing N N 371 
VAL CB  CG1  sing N N 372 
VAL CB  CG2  sing N N 373 
VAL CB  HB   sing N N 374 
VAL CG1 HG11 sing N N 375 
VAL CG1 HG12 sing N N 376 
VAL CG1 HG13 sing N N 377 
VAL CG2 HG21 sing N N 378 
VAL CG2 HG22 sing N N 379 
VAL CG2 HG23 sing N N 380 
VAL OXT HXT  sing N N 381 
# 
_atom_sites.entry_id                    3NRW 
_atom_sites.fract_transf_matrix[1][1]   0.01450208 
_atom_sites.fract_transf_matrix[1][2]   -0.00240232 
_atom_sites.fract_transf_matrix[1][3]   -0.00035380 
_atom_sites.fract_transf_matrix[2][1]   0.00698670 
_atom_sites.fract_transf_matrix[2][2]   -0.00460391 
_atom_sites.fract_transf_matrix[2][3]   0.01209123 
_atom_sites.fract_transf_matrix[3][1]   -0.00446964 
_atom_sites.fract_transf_matrix[3][2]   -0.02590932 
_atom_sites.fract_transf_matrix[3][3]   -0.00728265 
_atom_sites.fract_transf_vector[1]      0.347894 
_atom_sites.fract_transf_vector[2]      0.393423 
_atom_sites.fract_transf_vector[3]      0.719661 
# 
loop_
_atom_type.symbol 
C  
N  
O  
SE 
# 
loop_
_atom_site.group_PDB 
_atom_site.id 
_atom_site.type_symbol 
_atom_site.label_atom_id 
_atom_site.label_alt_id 
_atom_site.label_comp_id 
_atom_site.label_asym_id 
_atom_site.label_entity_id 
_atom_site.label_seq_id 
_atom_site.pdbx_PDB_ins_code 
_atom_site.Cartn_x 
_atom_site.Cartn_y 
_atom_site.Cartn_z 
_atom_site.occupancy 
_atom_site.B_iso_or_equiv 
_atom_site.pdbx_formal_charge 
_atom_site.auth_seq_id 
_atom_site.auth_comp_id 
_atom_site.auth_asym_id 
_atom_site.auth_atom_id 
_atom_site.pdbx_PDB_model_num 
ATOM   1   N  N   . ARG A 1 4   ? -14.113 11.756  5.423   1.00 41.52 ? 4   ARG A N   1 
ATOM   2   C  CA  . ARG A 1 4   ? -14.152 12.121  6.866   1.00 41.37 ? 4   ARG A CA  1 
ATOM   3   C  C   . ARG A 1 4   ? -13.049 11.413  7.660   1.00 35.08 ? 4   ARG A C   1 
ATOM   4   O  O   . ARG A 1 4   ? -12.244 12.061  8.324   1.00 38.72 ? 4   ARG A O   1 
ATOM   5   C  CB  . ARG A 1 4   ? -15.526 11.779  7.458   1.00 48.07 ? 4   ARG A CB  1 
ATOM   6   C  CG  . ARG A 1 4   ? -15.683 12.094  8.941   1.00 47.40 ? 4   ARG A CG  1 
ATOM   7   C  CD  . ARG A 1 4   ? -15.729 13.593  9.214   1.00 55.49 ? 4   ARG A CD  1 
ATOM   8   N  NE  . ARG A 1 4   ? -14.450 14.254  8.972   1.00 57.11 ? 4   ARG A NE  1 
ATOM   9   C  CZ  . ARG A 1 4   ? -14.230 15.547  9.194   1.00 59.86 ? 4   ARG A CZ  1 
ATOM   10  N  NH1 . ARG A 1 4   ? -15.204 16.316  9.663   1.00 61.86 ? 4   ARG A NH1 1 
ATOM   11  N  NH2 . ARG A 1 4   ? -13.036 16.071  8.949   1.00 55.22 ? 4   ARG A NH2 1 
ATOM   12  N  N   . PRO A 1 5   ? -12.993 10.071  7.599   1.00 31.93 ? 5   PRO A N   1 
ATOM   13  C  CA  . PRO A 1 5   ? -11.944 9.374   8.352   1.00 23.81 ? 5   PRO A CA  1 
ATOM   14  C  C   . PRO A 1 5   ? -10.545 9.588   7.776   1.00 21.55 ? 5   PRO A C   1 
ATOM   15  O  O   . PRO A 1 5   ? -10.385 9.842   6.582   1.00 23.57 ? 5   PRO A O   1 
ATOM   16  C  CB  . PRO A 1 5   ? -12.389 7.915   8.293   1.00 30.57 ? 5   PRO A CB  1 
ATOM   17  C  CG  . PRO A 1 5   ? -13.044 7.827   6.962   1.00 29.64 ? 5   PRO A CG  1 
ATOM   18  C  CD  . PRO A 1 5   ? -13.855 9.108   6.887   1.00 32.76 ? 5   PRO A CD  1 
ATOM   19  N  N   . SER A 1 6   ? -9.537  9.485   8.636   1.00 19.32 ? 6   SER A N   1 
ATOM   20  C  CA  . SER A 1 6   ? -8.152  9.674   8.225   1.00 21.21 ? 6   SER A CA  1 
ATOM   21  C  C   . SER A 1 6   ? -7.241  8.698   8.960   1.00 19.65 ? 6   SER A C   1 
ATOM   22  O  O   . SER A 1 6   ? -7.359  8.519   10.173  1.00 20.31 ? 6   SER A O   1 
ATOM   23  C  CB  . SER A 1 6   ? -7.721  11.114  8.522   1.00 30.81 ? 6   SER A CB  1 
ATOM   24  O  OG  . SER A 1 6   ? -6.394  11.358  8.091   1.00 33.50 ? 6   SER A OG  1 
ATOM   25  N  N   . LEU A 1 7   ? -6.342  8.058   8.216   1.00 15.79 ? 7   LEU A N   1 
ATOM   26  C  CA  . LEU A 1 7   ? -5.403  7.111   8.800   1.00 12.31 ? 7   LEU A CA  1 
ATOM   27  C  C   . LEU A 1 7   ? -4.001  7.329   8.260   1.00 14.80 ? 7   LEU A C   1 
ATOM   28  O  O   . LEU A 1 7   ? -3.808  7.593   7.070   1.00 15.59 ? 7   LEU A O   1 
ATOM   29  C  CB  . LEU A 1 7   ? -5.820  5.667   8.504   1.00 15.14 ? 7   LEU A CB  1 
ATOM   30  C  CG  . LEU A 1 7   ? -7.153  5.169   9.063   1.00 16.98 ? 7   LEU A CG  1 
ATOM   31  C  CD1 . LEU A 1 7   ? -7.380  3.731   8.615   1.00 19.42 ? 7   LEU A CD1 1 
ATOM   32  C  CD2 . LEU A 1 7   ? -7.146  5.261   10.580  1.00 17.30 ? 7   LEU A CD2 1 
ATOM   33  N  N   . SER A 1 8   ? -3.026  7.209   9.152   1.00 14.44 ? 8   SER A N   1 
ATOM   34  C  CA  . SER A 1 8   ? -1.627  7.357   8.785   1.00 14.21 ? 8   SER A CA  1 
ATOM   35  C  C   . SER A 1 8   ? -1.237  6.075   8.077   1.00 14.96 ? 8   SER A C   1 
ATOM   36  O  O   . SER A 1 8   ? -1.961  5.078   8.140   1.00 14.66 ? 8   SER A O   1 
ATOM   37  C  CB  . SER A 1 8   ? -0.766  7.509   10.036  1.00 14.66 ? 8   SER A CB  1 
ATOM   38  O  OG  . SER A 1 8   ? -0.797  6.321   10.814  1.00 14.80 ? 8   SER A OG  1 
ATOM   39  N  N   . PRO A 1 9   ? -0.093  6.084   7.380   1.00 14.38 ? 9   PRO A N   1 
ATOM   40  C  CA  . PRO A 1 9   ? 0.332   4.869   6.689   1.00 13.75 ? 9   PRO A CA  1 
ATOM   41  C  C   . PRO A 1 9   ? 0.392   3.675   7.653   1.00 15.15 ? 9   PRO A C   1 
ATOM   42  O  O   . PRO A 1 9   ? -0.168  2.613   7.367   1.00 14.65 ? 9   PRO A O   1 
ATOM   43  C  CB  . PRO A 1 9   ? 1.699   5.259   6.136   1.00 15.62 ? 9   PRO A CB  1 
ATOM   44  C  CG  . PRO A 1 9   ? 1.475   6.709   5.756   1.00 13.09 ? 9   PRO A CG  1 
ATOM   45  C  CD  . PRO A 1 9   ? 0.731   7.240   6.976   1.00 13.98 ? 9   PRO A CD  1 
ATOM   46  N  N   . ARG A 1 10  ? 1.039   3.851   8.803   1.00 13.66 ? 10  ARG A N   1 
ATOM   47  C  CA  . ARG A 1 10  ? 1.151   2.759   9.768   1.00 15.75 ? 10  ARG A CA  1 
ATOM   48  C  C   . ARG A 1 10  ? -0.219  2.272   10.246  1.00 14.38 ? 10  ARG A C   1 
ATOM   49  O  O   . ARG A 1 10  ? -0.471  1.067   10.286  1.00 14.72 ? 10  ARG A O   1 
ATOM   50  C  CB  . ARG A 1 10  ? 2.011   3.183   10.968  1.00 19.80 ? 10  ARG A CB  1 
ATOM   51  C  CG  . ARG A 1 10  ? 1.468   4.354   11.758  1.00 26.87 ? 10  ARG A CG  1 
ATOM   52  C  CD  . ARG A 1 10  ? 2.423   4.747   12.871  1.00 40.09 ? 10  ARG A CD  1 
ATOM   53  N  NE  . ARG A 1 10  ? 2.825   3.600   13.683  1.00 34.85 ? 10  ARG A NE  1 
ATOM   54  C  CZ  . ARG A 1 10  ? 3.650   3.683   14.722  1.00 47.65 ? 10  ARG A CZ  1 
ATOM   55  N  NH1 . ARG A 1 10  ? 4.154   4.859   15.072  1.00 45.50 ? 10  ARG A NH1 1 
ATOM   56  N  NH2 . ARG A 1 10  ? 3.974   2.595   15.409  1.00 40.65 ? 10  ARG A NH2 1 
ATOM   57  N  N   . GLU A 1 11  ? -1.109  3.198   10.590  1.00 13.83 ? 11  GLU A N   1 
ATOM   58  C  CA  . GLU A 1 11  ? -2.441  2.815   11.053  1.00 16.61 ? 11  GLU A CA  1 
ATOM   59  C  C   . GLU A 1 11  ? -3.196  2.052   9.967   1.00 14.94 ? 11  GLU A C   1 
ATOM   60  O  O   . GLU A 1 11  ? -3.828  1.026   10.237  1.00 14.36 ? 11  GLU A O   1 
ATOM   61  C  CB  . GLU A 1 11  ? -3.257  4.044   11.451  1.00 22.21 ? 11  GLU A CB  1 
ATOM   62  C  CG  . GLU A 1 11  ? -2.663  4.856   12.579  1.00 27.85 ? 11  GLU A CG  1 
ATOM   63  C  CD  . GLU A 1 11  ? -3.517  6.056   12.911  1.00 32.71 ? 11  GLU A CD  1 
ATOM   64  O  OE1 . GLU A 1 11  ? -3.852  6.828   11.982  1.00 19.52 ? 11  GLU A OE1 1 
ATOM   65  O  OE2 . GLU A 1 11  ? -3.848  6.232   14.103  1.00 42.73 ? 11  GLU A OE2 1 
ATOM   66  N  N   . ALA A 1 12  ? -3.133  2.565   8.741   1.00 10.88 ? 12  ALA A N   1 
ATOM   67  C  CA  . ALA A 1 12  ? -3.807  1.938   7.603   1.00 13.73 ? 12  ALA A CA  1 
ATOM   68  C  C   . ALA A 1 12  ? -3.234  0.555   7.314   1.00 15.04 ? 12  ALA A C   1 
ATOM   69  O  O   . ALA A 1 12  ? -3.965  -0.362  6.929   1.00 14.11 ? 12  ALA A O   1 
ATOM   70  C  CB  . ALA A 1 12  ? -3.680  2.825   6.363   1.00 17.39 ? 12  ALA A CB  1 
ATOM   71  N  N   . ARG A 1 13  ? -1.924  0.416   7.489   1.00 13.22 ? 13  ARG A N   1 
ATOM   72  C  CA  . ARG A 1 13  ? -1.251  -0.859  7.259   1.00 16.27 ? 13  ARG A CA  1 
ATOM   73  C  C   . ARG A 1 13  ? -1.738  -1.864  8.311   1.00 17.01 ? 13  ARG A C   1 
ATOM   74  O  O   . ARG A 1 13  ? -2.160  -2.968  7.962   1.00 15.42 ? 13  ARG A O   1 
ATOM   75  C  CB  . ARG A 1 13  ? 0.275   -0.665  7.337   1.00 13.52 ? 13  ARG A CB  1 
ATOM   76  C  CG  . ARG A 1 13  ? 1.139   -1.902  7.046   1.00 21.34 ? 13  ARG A CG  1 
ATOM   77  C  CD  . ARG A 1 13  ? 1.357   -2.747  8.301   1.00 25.97 ? 13  ARG A CD  1 
ATOM   78  N  NE  . ARG A 1 13  ? 1.654   -1.929  9.476   1.00 23.12 ? 13  ARG A NE  1 
ATOM   79  C  CZ  . ARG A 1 13  ? 2.806   -1.303  9.698   1.00 29.75 ? 13  ARG A CZ  1 
ATOM   80  N  NH1 . ARG A 1 13  ? 3.805   -1.395  8.825   1.00 21.86 ? 13  ARG A NH1 1 
ATOM   81  N  NH2 . ARG A 1 13  ? 2.953   -0.573  10.795  1.00 27.31 ? 13  ARG A NH2 1 
ATOM   82  N  N   . ASP A 1 14  ? -1.702  -1.478  9.587   1.00 15.79 ? 14  ASP A N   1 
ATOM   83  C  CA  . ASP A 1 14  ? -2.155  -2.372  10.659  1.00 16.12 ? 14  ASP A CA  1 
ATOM   84  C  C   . ASP A 1 14  ? -3.624  -2.757  10.473  1.00 16.73 ? 14  ASP A C   1 
ATOM   85  O  O   . ASP A 1 14  ? -4.006  -3.909  10.691  1.00 15.77 ? 14  ASP A O   1 
ATOM   86  C  CB  . ASP A 1 14  ? -2.020  -1.726  12.052  1.00 16.81 ? 14  ASP A CB  1 
ATOM   87  C  CG  . ASP A 1 14  ? -0.578  -1.424  12.450  1.00 28.24 ? 14  ASP A CG  1 
ATOM   88  O  OD1 . ASP A 1 14  ? 0.358   -2.054  11.916  1.00 20.64 ? 14  ASP A OD1 1 
ATOM   89  O  OD2 . ASP A 1 14  ? -0.391  -0.555  13.329  1.00 23.97 ? 14  ASP A OD2 1 
ATOM   90  N  N   . ARG A 1 15  ? -4.446  -1.790  10.084  1.00 14.91 ? 15  ARG A N   1 
ATOM   91  C  CA  . ARG A 1 15  ? -5.873  -2.037  9.898   1.00 16.52 ? 15  ARG A CA  1 
ATOM   92  C  C   . ARG A 1 15  ? -6.116  -3.073  8.812   1.00 18.44 ? 15  ARG A C   1 
ATOM   93  O  O   . ARG A 1 15  ? -6.939  -3.975  8.969   1.00 18.15 ? 15  ARG A O   1 
ATOM   94  C  CB  . ARG A 1 15  ? -6.596  -0.738  9.540   1.00 16.53 ? 15  ARG A CB  1 
ATOM   95  C  CG  . ARG A 1 15  ? -8.090  -0.773  9.817   1.00 17.70 ? 15  ARG A CG  1 
ATOM   96  C  CD  . ARG A 1 15  ? -8.754  0.490   9.314   1.00 22.17 ? 15  ARG A CD  1 
ATOM   97  N  NE  . ARG A 1 15  ? -10.178 0.552   9.635   1.00 24.71 ? 15  ARG A NE  1 
ATOM   98  C  CZ  . ARG A 1 15  ? -10.674 1.047   10.764  1.00 30.18 ? 15  ARG A CZ  1 
ATOM   99  N  NH1 . ARG A 1 15  ? -9.865  1.526   11.701  1.00 28.66 ? 15  ARG A NH1 1 
ATOM   100 N  NH2 . ARG A 1 15  ? -11.986 1.085   10.948  1.00 38.52 ? 15  ARG A NH2 1 
ATOM   101 N  N   . TYR A 1 16  ? -5.386  -2.941  7.710   1.00 15.97 ? 16  TYR A N   1 
ATOM   102 C  CA  . TYR A 1 16  ? -5.512  -3.859  6.591   1.00 19.25 ? 16  TYR A CA  1 
ATOM   103 C  C   . TYR A 1 16  ? -5.111  -5.283  6.981   1.00 20.20 ? 16  TYR A C   1 
ATOM   104 O  O   . TYR A 1 16  ? -5.828  -6.242  6.678   1.00 21.01 ? 16  TYR A O   1 
ATOM   105 C  CB  . TYR A 1 16  ? -4.650  -3.365  5.421   1.00 17.50 ? 16  TYR A CB  1 
ATOM   106 C  CG  . TYR A 1 16  ? -4.667  -4.275  4.215   1.00 17.41 ? 16  TYR A CG  1 
ATOM   107 C  CD1 . TYR A 1 16  ? -5.848  -4.508  3.506   1.00 19.71 ? 16  TYR A CD1 1 
ATOM   108 C  CD2 . TYR A 1 16  ? -3.503  -4.919  3.788   1.00 19.68 ? 16  TYR A CD2 1 
ATOM   109 C  CE1 . TYR A 1 16  ? -5.870  -5.363  2.402   1.00 22.80 ? 16  TYR A CE1 1 
ATOM   110 C  CE2 . TYR A 1 16  ? -3.517  -5.775  2.686   1.00 20.93 ? 16  TYR A CE2 1 
ATOM   111 C  CZ  . TYR A 1 16  ? -4.702  -5.992  2.001   1.00 22.39 ? 16  TYR A CZ  1 
ATOM   112 O  OH  . TYR A 1 16  ? -4.727  -6.853  0.928   1.00 26.48 ? 16  TYR A OH  1 
ATOM   113 N  N   . LEU A 1 17  ? -3.980  -5.430  7.663   1.00 16.91 ? 17  LEU A N   1 
ATOM   114 C  CA  . LEU A 1 17  ? -3.523  -6.764  8.060   1.00 16.63 ? 17  LEU A CA  1 
ATOM   115 C  C   . LEU A 1 17  ? -4.531  -7.452  8.984   1.00 19.84 ? 17  LEU A C   1 
ATOM   116 O  O   . LEU A 1 17  ? -4.794  -8.647  8.841   1.00 23.03 ? 17  LEU A O   1 
ATOM   117 C  CB  . LEU A 1 17  ? -2.156  -6.683  8.744   1.00 17.48 ? 17  LEU A CB  1 
ATOM   118 C  CG  . LEU A 1 17  ? -1.029  -6.100  7.883   1.00 13.84 ? 17  LEU A CG  1 
ATOM   119 C  CD1 . LEU A 1 17  ? 0.266   -6.160  8.668   1.00 20.40 ? 17  LEU A CD1 1 
ATOM   120 C  CD2 . LEU A 1 17  ? -0.896  -6.868  6.568   1.00 18.66 ? 17  LEU A CD2 1 
ATOM   121 N  N   . ALA A 1 18  ? -5.098  -6.696  9.918   1.00 18.25 ? 18  ALA A N   1 
ATOM   122 C  CA  . ALA A 1 18  ? -6.089  -7.245  10.841  1.00 18.21 ? 18  ALA A CA  1 
ATOM   123 C  C   . ALA A 1 18  ? -7.328  -7.658  10.052  1.00 23.21 ? 18  ALA A C   1 
ATOM   124 O  O   . ALA A 1 18  ? -7.940  -8.697  10.324  1.00 25.71 ? 18  ALA A O   1 
ATOM   125 C  CB  . ALA A 1 18  ? -6.462  -6.203  11.896  1.00 26.00 ? 18  ALA A CB  1 
ATOM   126 N  N   . HIS A 1 19  ? -7.693  -6.831  9.076   1.00 21.63 ? 19  HIS A N   1 
ATOM   127 C  CA  . HIS A 1 19  ? -8.849  -7.079  8.223   1.00 27.35 ? 19  HIS A CA  1 
ATOM   128 C  C   . HIS A 1 19  ? -8.697  -8.343  7.382   1.00 35.02 ? 19  HIS A C   1 
ATOM   129 O  O   . HIS A 1 19  ? -9.671  -9.059  7.139   1.00 30.16 ? 19  HIS A O   1 
ATOM   130 C  CB  . HIS A 1 19  ? -9.099  -5.869  7.311   1.00 24.89 ? 19  HIS A CB  1 
ATOM   131 C  CG  . HIS A 1 19  ? -9.997  -6.158  6.148   1.00 27.59 ? 19  HIS A CG  1 
ATOM   132 N  ND1 . HIS A 1 19  ? -9.510  -6.429  4.886   1.00 35.04 ? 19  HIS A ND1 1 
ATOM   133 C  CD2 . HIS A 1 19  ? -11.344 -6.232  6.057   1.00 24.82 ? 19  HIS A CD2 1 
ATOM   134 C  CE1 . HIS A 1 19  ? -10.524 -6.657  4.067   1.00 37.53 ? 19  HIS A CE1 1 
ATOM   135 N  NE2 . HIS A 1 19  ? -11.647 -6.543  4.754   1.00 28.96 ? 19  HIS A NE2 1 
ATOM   136 N  N   . ARG A 1 20  ? -7.475  -8.612  6.933   1.00 28.79 ? 20  ARG A N   1 
ATOM   137 C  CA  . ARG A 1 20  ? -7.196  -9.793  6.118   1.00 29.02 ? 20  ARG A CA  1 
ATOM   138 C  C   . ARG A 1 20  ? -6.932  -11.004 7.009   1.00 30.02 ? 20  ARG A C   1 
ATOM   139 O  O   . ARG A 1 20  ? -6.909  -12.144 6.539   1.00 29.40 ? 20  ARG A O   1 
ATOM   140 C  CB  . ARG A 1 20  ? -5.979  -9.543  5.222   1.00 23.75 ? 20  ARG A CB  1 
ATOM   141 C  CG  . ARG A 1 20  ? -6.233  -8.565  4.081   1.00 31.14 ? 20  ARG A CG  1 
ATOM   142 C  CD  . ARG A 1 20  ? -7.173  -9.166  3.045   1.00 38.26 ? 20  ARG A CD  1 
ATOM   143 N  NE  . ARG A 1 20  ? -6.643  -10.418 2.509   1.00 44.35 ? 20  ARG A NE  1 
ATOM   144 C  CZ  . ARG A 1 20  ? -7.189  -11.100 1.510   1.00 43.71 ? 20  ARG A CZ  1 
ATOM   145 N  NH1 . ARG A 1 20  ? -8.291  -10.654 0.924   1.00 58.13 ? 20  ARG A NH1 1 
ATOM   146 N  NH2 . ARG A 1 20  ? -6.634  -12.232 1.096   1.00 40.53 ? 20  ARG A NH2 1 
ATOM   147 N  N   . GLN A 1 21  ? -6.741  -10.742 8.298   1.00 31.37 ? 21  GLN A N   1 
ATOM   148 C  CA  . GLN A 1 21  ? -6.470  -11.786 9.281   1.00 40.17 ? 21  GLN A CA  1 
ATOM   149 C  C   . GLN A 1 21  ? -7.691  -12.684 9.478   1.00 47.53 ? 21  GLN A C   1 
ATOM   150 O  O   . GLN A 1 21  ? -7.811  -13.356 10.502  1.00 54.16 ? 21  GLN A O   1 
ATOM   151 C  CB  . GLN A 1 21  ? -6.095  -11.147 10.620  1.00 43.33 ? 21  GLN A CB  1 
ATOM   152 C  CG  . GLN A 1 21  ? -5.375  -12.068 11.591  1.00 46.58 ? 21  GLN A CG  1 
ATOM   153 C  CD  . GLN A 1 21  ? -3.877  -12.087 11.361  1.00 52.07 ? 21  GLN A CD  1 
ATOM   154 O  OE1 . GLN A 1 21  ? -3.206  -11.065 11.504  1.00 54.52 ? 21  GLN A OE1 1 
ATOM   155 N  NE2 . GLN A 1 21  ? -3.344  -13.250 11.005  1.00 54.80 ? 21  GLN A NE2 1 
ATOM   156 N  N   . THR A 1 22  ? -8.596  -12.694 8.504   1.00 42.64 ? 22  THR A N   1 
ATOM   157 C  CA  . THR A 1 22  ? -9.800  -13.513 8.606   1.00 46.24 ? 22  THR A CA  1 
ATOM   158 C  C   . THR A 1 22  ? -9.966  -14.483 7.441   1.00 44.74 ? 22  THR A C   1 
ATOM   159 O  O   . THR A 1 22  ? -10.565 -15.547 7.597   1.00 51.43 ? 22  THR A O   1 
ATOM   160 C  CB  . THR A 1 22  ? -11.065 -12.636 8.695   1.00 46.34 ? 22  THR A CB  1 
ATOM   161 O  OG1 . THR A 1 22  ? -12.224 -13.476 8.775   1.00 53.52 ? 22  THR A OG1 1 
ATOM   162 C  CG2 . THR A 1 22  ? -11.181 -11.740 7.471   1.00 40.13 ? 22  THR A CG2 1 
ATOM   163 N  N   . ASP A 1 23  ? -9.442  -14.115 6.276   1.00 42.75 ? 23  ASP A N   1 
ATOM   164 C  CA  . ASP A 1 23  ? -9.547  -14.966 5.095   1.00 41.85 ? 23  ASP A CA  1 
ATOM   165 C  C   . ASP A 1 23  ? -8.202  -15.220 4.418   1.00 42.64 ? 23  ASP A C   1 
ATOM   166 O  O   . ASP A 1 23  ? -8.146  -15.504 3.219   1.00 42.42 ? 23  ASP A O   1 
ATOM   167 C  CB  . ASP A 1 23  ? -10.523 -14.352 4.088   1.00 46.95 ? 23  ASP A CB  1 
ATOM   168 C  CG  . ASP A 1 23  ? -10.213 -12.895 3.784   1.00 49.82 ? 23  ASP A CG  1 
ATOM   169 O  OD1 . ASP A 1 23  ? -9.060  -12.589 3.412   1.00 42.71 ? 23  ASP A OD1 1 
ATOM   170 O  OD2 . ASP A 1 23  ? -11.129 -12.055 3.915   1.00 59.85 ? 23  ASP A OD2 1 
ATOM   171 N  N   . ALA A 1 24  ? -7.124  -15.118 5.187   1.00 35.74 ? 24  ALA A N   1 
ATOM   172 C  CA  . ALA A 1 24  ? -5.784  -15.339 4.654   1.00 29.32 ? 24  ALA A CA  1 
ATOM   173 C  C   . ALA A 1 24  ? -4.925  -16.133 5.631   1.00 22.24 ? 24  ALA A C   1 
ATOM   174 O  O   . ALA A 1 24  ? -5.048  -15.980 6.845   1.00 24.66 ? 24  ALA A O   1 
ATOM   175 C  CB  . ALA A 1 24  ? -5.118  -14.002 4.347   1.00 27.87 ? 24  ALA A CB  1 
ATOM   176 N  N   . ALA A 1 25  ? -4.058  -16.987 5.092   1.00 21.68 ? 25  ALA A N   1 
ATOM   177 C  CA  . ALA A 1 25  ? -3.168  -17.798 5.914   1.00 19.03 ? 25  ALA A CA  1 
ATOM   178 C  C   . ALA A 1 25  ? -2.126  -16.888 6.565   1.00 27.66 ? 25  ALA A C   1 
ATOM   179 O  O   . ALA A 1 25  ? -1.906  -15.768 6.104   1.00 24.11 ? 25  ALA A O   1 
ATOM   180 C  CB  . ALA A 1 25  ? -2.479  -18.852 5.052   1.00 24.83 ? 25  ALA A CB  1 
ATOM   181 N  N   . ASP A 1 26  ? -1.497  -17.377 7.631   1.00 27.58 ? 26  ASP A N   1 
ATOM   182 C  CA  . ASP A 1 26  ? -0.473  -16.624 8.361   1.00 22.61 ? 26  ASP A CA  1 
ATOM   183 C  C   . ASP A 1 26  ? 0.654   -16.164 7.444   1.00 23.14 ? 26  ASP A C   1 
ATOM   184 O  O   . ASP A 1 26  ? 1.170   -15.053 7.588   1.00 19.06 ? 26  ASP A O   1 
ATOM   185 C  CB  . ASP A 1 26  ? 0.144   -17.481 9.472   1.00 21.50 ? 26  ASP A CB  1 
ATOM   186 C  CG  . ASP A 1 26  ? -0.783  -17.684 10.657  1.00 32.68 ? 26  ASP A CG  1 
ATOM   187 O  OD1 . ASP A 1 26  ? -0.380  -18.408 11.590  1.00 38.35 ? 26  ASP A OD1 1 
ATOM   188 O  OD2 . ASP A 1 26  ? -1.901  -17.123 10.665  1.00 33.58 ? 26  ASP A OD2 1 
ATOM   189 N  N   . ALA A 1 27  ? 1.048   -17.028 6.514   1.00 22.50 ? 27  ALA A N   1 
ATOM   190 C  CA  . ALA A 1 27  ? 2.127   -16.700 5.589   1.00 24.13 ? 27  ALA A CA  1 
ATOM   191 C  C   . ALA A 1 27  ? 1.739   -15.557 4.659   1.00 23.20 ? 27  ALA A C   1 
ATOM   192 O  O   . ALA A 1 27  ? 2.576   -14.724 4.317   1.00 21.21 ? 27  ALA A O   1 
ATOM   193 C  CB  . ALA A 1 27  ? 2.518   -17.928 4.776   1.00 19.66 ? 27  ALA A CB  1 
ATOM   194 N  N   . SER A 1 28  ? 0.476   -15.514 4.248   1.00 22.41 ? 28  SER A N   1 
ATOM   195 C  CA  . SER A 1 28  ? 0.025   -14.446 3.363   1.00 20.23 ? 28  SER A CA  1 
ATOM   196 C  C   . SER A 1 28  ? 0.069   -13.112 4.103   1.00 21.10 ? 28  SER A C   1 
ATOM   197 O  O   . SER A 1 28  ? 0.484   -12.095 3.544   1.00 19.16 ? 28  SER A O   1 
ATOM   198 C  CB  . SER A 1 28  ? -1.393  -14.725 2.863   1.00 22.45 ? 28  SER A CB  1 
ATOM   199 O  OG  . SER A 1 28  ? -1.405  -15.851 1.999   1.00 24.65 ? 28  SER A OG  1 
ATOM   200 N  N   . ILE A 1 29  ? -0.357  -13.123 5.363   1.00 20.65 ? 29  ILE A N   1 
ATOM   201 C  CA  . ILE A 1 29  ? -0.350  -11.914 6.180   1.00 22.04 ? 29  ILE A CA  1 
ATOM   202 C  C   . ILE A 1 29  ? 1.081   -11.409 6.310   1.00 19.44 ? 29  ILE A C   1 
ATOM   203 O  O   . ILE A 1 29  ? 1.335   -10.211 6.187   1.00 20.19 ? 29  ILE A O   1 
ATOM   204 C  CB  . ILE A 1 29  ? -0.911  -12.177 7.599   1.00 21.71 ? 29  ILE A CB  1 
ATOM   205 C  CG1 . ILE A 1 29  ? -2.374  -12.628 7.517   1.00 24.43 ? 29  ILE A CG1 1 
ATOM   206 C  CG2 . ILE A 1 29  ? -0.769  -10.925 8.455   1.00 23.78 ? 29  ILE A CG2 1 
ATOM   207 C  CD1 . ILE A 1 29  ? -3.307  -11.657 6.820   1.00 23.93 ? 29  ILE A CD1 1 
ATOM   208 N  N   . LYS A 1 30  ? 2.018   -12.317 6.567   1.00 18.82 ? 30  LYS A N   1 
ATOM   209 C  CA  . LYS A 1 30  ? 3.412   -11.913 6.687   1.00 16.83 ? 30  LYS A CA  1 
ATOM   210 C  C   . LYS A 1 30  ? 3.888   -11.310 5.373   1.00 15.37 ? 30  LYS A C   1 
ATOM   211 O  O   . LYS A 1 30  ? 4.572   -10.286 5.370   1.00 16.92 ? 30  LYS A O   1 
ATOM   212 C  CB  . LYS A 1 30  ? 4.298   -13.103 7.078   1.00 16.23 ? 30  LYS A CB  1 
ATOM   213 C  CG  . LYS A 1 30  ? 4.194   -13.472 8.556   1.00 18.15 ? 30  LYS A CG  1 
ATOM   214 C  CD  . LYS A 1 30  ? 5.104   -14.632 8.917   1.00 22.61 ? 30  LYS A CD  1 
ATOM   215 C  CE  . LYS A 1 30  ? 5.044   -14.929 10.406  1.00 27.21 ? 30  LYS A CE  1 
ATOM   216 N  NZ  . LYS A 1 30  ? 5.866   -16.116 10.776  1.00 27.43 ? 30  LYS A NZ  1 
ATOM   217 N  N   . SER A 1 31  ? 3.524   -11.933 4.256   1.00 16.02 ? 31  SER A N   1 
ATOM   218 C  CA  . SER A 1 31  ? 3.933   -11.421 2.949   1.00 17.56 ? 31  SER A CA  1 
ATOM   219 C  C   . SER A 1 31  ? 3.380   -10.012 2.736   1.00 16.06 ? 31  SER A C   1 
ATOM   220 O  O   . SER A 1 31  ? 4.096   -9.118  2.273   1.00 14.43 ? 31  SER A O   1 
ATOM   221 C  CB  . SER A 1 31  ? 3.454   -12.352 1.834   1.00 21.91 ? 31  SER A CB  1 
ATOM   222 O  OG  . SER A 1 31  ? 4.172   -13.585 1.883   1.00 22.54 ? 31  SER A OG  1 
ATOM   223 N  N   . PHE A 1 32  ? 2.109   -9.820  3.076   1.00 15.11 ? 32  PHE A N   1 
ATOM   224 C  CA  . PHE A 1 32  ? 1.472   -8.509  2.949   1.00 17.44 ? 32  PHE A CA  1 
ATOM   225 C  C   . PHE A 1 32  ? 2.241   -7.528  3.829   1.00 16.59 ? 32  PHE A C   1 
ATOM   226 O  O   . PHE A 1 32  ? 2.526   -6.399  3.421   1.00 16.27 ? 32  PHE A O   1 
ATOM   227 C  CB  . PHE A 1 32  ? 0.012   -8.568  3.420   1.00 17.75 ? 32  PHE A CB  1 
ATOM   228 C  CG  . PHE A 1 32  ? -0.864  -9.478  2.600   1.00 13.85 ? 32  PHE A CG  1 
ATOM   229 C  CD1 . PHE A 1 32  ? -2.086  -9.912  3.100   1.00 22.62 ? 32  PHE A CD1 1 
ATOM   230 C  CD2 . PHE A 1 32  ? -0.478  -9.894  1.331   1.00 17.35 ? 32  PHE A CD2 1 
ATOM   231 C  CE1 . PHE A 1 32  ? -2.917  -10.744 2.348   1.00 20.21 ? 32  PHE A CE1 1 
ATOM   232 C  CE2 . PHE A 1 32  ? -1.302  -10.727 0.566   1.00 21.77 ? 32  PHE A CE2 1 
ATOM   233 C  CZ  . PHE A 1 32  ? -2.520  -11.154 1.078   1.00 20.29 ? 32  PHE A CZ  1 
ATOM   234 N  N   . ARG A 1 33  ? 2.573   -7.963  5.041   1.00 14.83 ? 33  ARG A N   1 
ATOM   235 C  CA  . ARG A 1 33  ? 3.307   -7.118  5.971   1.00 16.12 ? 33  ARG A CA  1 
ATOM   236 C  C   . ARG A 1 33  ? 4.658   -6.717  5.391   1.00 18.12 ? 33  ARG A C   1 
ATOM   237 O  O   . ARG A 1 33  ? 5.008   -5.536  5.385   1.00 14.84 ? 33  ARG A O   1 
ATOM   238 C  CB  . ARG A 1 33  ? 3.520   -7.830  7.309   1.00 16.83 ? 33  ARG A CB  1 
ATOM   239 C  CG  . ARG A 1 33  ? 4.358   -7.026  8.301   1.00 20.00 ? 33  ARG A CG  1 
ATOM   240 C  CD  . ARG A 1 33  ? 4.547   -7.752  9.626   1.00 20.23 ? 33  ARG A CD  1 
ATOM   241 N  NE  . ARG A 1 33  ? 3.353   -7.702  10.462  1.00 26.87 ? 33  ARG A NE  1 
ATOM   242 C  CZ  . ARG A 1 33  ? 2.902   -6.600  11.057  1.00 29.95 ? 33  ARG A CZ  1 
ATOM   243 N  NH1 . ARG A 1 33  ? 1.807   -6.648  11.797  1.00 35.34 ? 33  ARG A NH1 1 
ATOM   244 N  NH2 . ARG A 1 33  ? 3.553   -5.451  10.919  1.00 41.42 ? 33  ARG A NH2 1 
ATOM   245 N  N   . TYR A 1 34  ? 5.417   -7.689  4.900   1.00 13.54 ? 34  TYR A N   1 
ATOM   246 C  CA  . TYR A 1 34  ? 6.738   -7.390  4.343   1.00 16.04 ? 34  TYR A CA  1 
ATOM   247 C  C   . TYR A 1 34  ? 6.643   -6.437  3.154   1.00 17.40 ? 34  TYR A C   1 
ATOM   248 O  O   . TYR A 1 34  ? 7.433   -5.496  3.040   1.00 18.81 ? 34  TYR A O   1 
ATOM   249 C  CB  . TYR A 1 34  ? 7.439   -8.682  3.916   1.00 19.44 ? 34  TYR A CB  1 
ATOM   250 C  CG  . TYR A 1 34  ? 7.557   -9.696  5.027   1.00 23.84 ? 34  TYR A CG  1 
ATOM   251 C  CD1 . TYR A 1 34  ? 7.539   -11.063 4.751   1.00 21.72 ? 34  TYR A CD1 1 
ATOM   252 C  CD2 . TYR A 1 34  ? 7.649   -9.292  6.361   1.00 25.84 ? 34  TYR A CD2 1 
ATOM   253 C  CE1 . TYR A 1 34  ? 7.604   -12.001 5.774   1.00 26.96 ? 34  TYR A CE1 1 
ATOM   254 C  CE2 . TYR A 1 34  ? 7.714   -10.222 7.390   1.00 31.09 ? 34  TYR A CE2 1 
ATOM   255 C  CZ  . TYR A 1 34  ? 7.688   -11.574 7.091   1.00 32.75 ? 34  TYR A CZ  1 
ATOM   256 O  OH  . TYR A 1 34  ? 7.724   -12.498 8.112   1.00 36.11 ? 34  TYR A OH  1 
ATOM   257 N  N   . ARG A 1 35  ? 5.676   -6.669  2.274   1.00 13.09 ? 35  ARG A N   1 
ATOM   258 C  CA  . ARG A 1 35  ? 5.519   -5.813  1.108   1.00 14.19 ? 35  ARG A CA  1 
ATOM   259 C  C   . ARG A 1 35  ? 5.158   -4.378  1.477   1.00 20.16 ? 35  ARG A C   1 
ATOM   260 O  O   . ARG A 1 35  ? 5.756   -3.432  0.961   1.00 17.46 ? 35  ARG A O   1 
ATOM   261 C  CB  . ARG A 1 35  ? 4.452   -6.380  0.175   1.00 17.88 ? 35  ARG A CB  1 
ATOM   262 C  CG  . ARG A 1 35  ? 4.832   -7.718  -0.431  1.00 16.58 ? 35  ARG A CG  1 
ATOM   263 C  CD  . ARG A 1 35  ? 3.636   -8.379  -1.088  1.00 21.84 ? 35  ARG A CD  1 
ATOM   264 N  NE  . ARG A 1 35  ? 3.983   -9.686  -1.634  1.00 22.03 ? 35  ARG A NE  1 
ATOM   265 C  CZ  . ARG A 1 35  ? 3.094   -10.597 -2.017  1.00 26.16 ? 35  ARG A CZ  1 
ATOM   266 N  NH1 . ARG A 1 35  ? 1.792   -10.351 -1.914  1.00 20.27 ? 35  ARG A NH1 1 
ATOM   267 N  NH2 . ARG A 1 35  ? 3.509   -11.757 -2.507  1.00 25.32 ? 35  ARG A NH2 1 
ATOM   268 N  N   . LEU A 1 36  ? 4.194   -4.220  2.376   1.00 14.34 ? 36  LEU A N   1 
ATOM   269 C  CA  . LEU A 1 36  ? 3.749   -2.891  2.769   1.00 13.79 ? 36  LEU A CA  1 
ATOM   270 C  C   . LEU A 1 36  ? 4.721   -2.176  3.684   1.00 17.53 ? 36  LEU A C   1 
ATOM   271 O  O   . LEU A 1 36  ? 4.648   -0.958  3.832   1.00 13.43 ? 36  LEU A O   1 
ATOM   272 C  CB  . LEU A 1 36  ? 2.371   -2.973  3.421   1.00 13.13 ? 36  LEU A CB  1 
ATOM   273 C  CG  . LEU A 1 36  ? 1.269   -3.458  2.475   1.00 19.39 ? 36  LEU A CG  1 
ATOM   274 C  CD1 . LEU A 1 36  ? -0.071  -3.443  3.187   1.00 20.35 ? 36  LEU A CD1 1 
ATOM   275 C  CD2 . LEU A 1 36  ? 1.226   -2.557  1.238   1.00 19.41 ? 36  LEU A CD2 1 
ATOM   276 N  N   . LYS A 1 37  ? 5.639   -2.922  4.295   1.00 14.50 ? 37  LYS A N   1 
ATOM   277 C  CA  . LYS A 1 37  ? 6.619   -2.293  5.168   1.00 15.64 ? 37  LYS A CA  1 
ATOM   278 C  C   . LYS A 1 37  ? 7.418   -1.271  4.367   1.00 14.66 ? 37  LYS A C   1 
ATOM   279 O  O   . LYS A 1 37  ? 7.743   -0.196  4.866   1.00 11.83 ? 37  LYS A O   1 
ATOM   280 C  CB  . LYS A 1 37  ? 7.565   -3.339  5.768   1.00 15.64 ? 37  LYS A CB  1 
ATOM   281 C  CG  . LYS A 1 37  ? 8.632   -2.747  6.687   1.00 24.74 ? 37  LYS A CG  1 
ATOM   282 C  CD  . LYS A 1 37  ? 9.597   -3.821  7.158   1.00 24.92 ? 37  LYS A CD  1 
ATOM   283 C  CE  . LYS A 1 37  ? 10.769  -3.219  7.913   1.00 35.82 ? 37  LYS A CE  1 
ATOM   284 N  NZ  . LYS A 1 37  ? 11.761  -4.255  8.317   1.00 47.31 ? 37  LYS A NZ  1 
ATOM   285 N  N   . HIS A 1 38  ? 7.727   -1.602  3.116   1.00 12.10 ? 38  HIS A N   1 
ATOM   286 C  CA  . HIS A 1 38  ? 8.492   -0.691  2.279   1.00 13.61 ? 38  HIS A CA  1 
ATOM   287 C  C   . HIS A 1 38  ? 7.724   0.589   2.026   1.00 12.23 ? 38  HIS A C   1 
ATOM   288 O  O   . HIS A 1 38  ? 8.301   1.676   1.993   1.00 14.89 ? 38  HIS A O   1 
ATOM   289 C  CB  . HIS A 1 38  ? 8.852   -1.344  0.945   1.00 13.13 ? 38  HIS A CB  1 
ATOM   290 C  CG  . HIS A 1 38  ? 9.724   -2.548  1.093   1.00 16.79 ? 38  HIS A CG  1 
ATOM   291 N  ND1 . HIS A 1 38  ? 9.237   -3.836  1.002   1.00 27.27 ? 38  HIS A ND1 1 
ATOM   292 C  CD2 . HIS A 1 38  ? 11.036  -2.662  1.398   1.00 14.70 ? 38  HIS A CD2 1 
ATOM   293 C  CE1 . HIS A 1 38  ? 10.215  -4.690  1.247   1.00 15.25 ? 38  HIS A CE1 1 
ATOM   294 N  NE2 . HIS A 1 38  ? 11.316  -4.003  1.490   1.00 21.14 ? 38  HIS A NE2 1 
ATOM   295 N  N   . PHE A 1 39  ? 6.419   0.465   1.846   1.00 11.91 ? 39  PHE A N   1 
ATOM   296 C  CA  . PHE A 1 39  ? 5.616   1.641   1.589   1.00 11.52 ? 39  PHE A CA  1 
ATOM   297 C  C   . PHE A 1 39  ? 5.480   2.528   2.822   1.00 12.68 ? 39  PHE A C   1 
ATOM   298 O  O   . PHE A 1 39  ? 5.593   3.749   2.729   1.00 14.22 ? 39  PHE A O   1 
ATOM   299 C  CB  . PHE A 1 39  ? 4.229   1.255   1.091   1.00 12.88 ? 39  PHE A CB  1 
ATOM   300 C  CG  . PHE A 1 39  ? 3.403   2.434   0.699   1.00 13.33 ? 39  PHE A CG  1 
ATOM   301 C  CD1 . PHE A 1 39  ? 2.647   3.115   1.646   1.00 14.97 ? 39  PHE A CD1 1 
ATOM   302 C  CD2 . PHE A 1 39  ? 3.472   2.932   -0.592  1.00 15.30 ? 39  PHE A CD2 1 
ATOM   303 C  CE1 . PHE A 1 39  ? 1.972   4.281   1.311   1.00 16.33 ? 39  PHE A CE1 1 
ATOM   304 C  CE2 . PHE A 1 39  ? 2.800   4.097   -0.937  1.00 20.34 ? 39  PHE A CE2 1 
ATOM   305 C  CZ  . PHE A 1 39  ? 2.054   4.774   0.017   1.00 17.22 ? 39  PHE A CZ  1 
ATOM   306 N  N   . VAL A 1 40  ? 5.234   1.917   3.973   1.00 10.88 ? 40  VAL A N   1 
ATOM   307 C  CA  . VAL A 1 40  ? 5.078   2.693   5.196   1.00 12.95 ? 40  VAL A CA  1 
ATOM   308 C  C   . VAL A 1 40  ? 6.331   3.502   5.516   1.00 12.64 ? 40  VAL A C   1 
ATOM   309 O  O   . VAL A 1 40  ? 6.236   4.689   5.827   1.00 15.54 ? 40  VAL A O   1 
ATOM   310 C  CB  . VAL A 1 40  ? 4.721   1.788   6.395   1.00 14.55 ? 40  VAL A CB  1 
ATOM   311 C  CG1 . VAL A 1 40  ? 4.684   2.608   7.679   1.00 12.91 ? 40  VAL A CG1 1 
ATOM   312 C  CG2 . VAL A 1 40  ? 3.361   1.144   6.155   1.00 15.57 ? 40  VAL A CG2 1 
ATOM   313 N  N   . GLU A 1 41  ? 7.506   2.879   5.433   1.00 13.27 ? 41  GLU A N   1 
ATOM   314 C  CA  . GLU A 1 41  ? 8.742   3.605   5.721   1.00 16.06 ? 41  GLU A CA  1 
ATOM   315 C  C   . GLU A 1 41  ? 8.964   4.715   4.698   1.00 15.33 ? 41  GLU A C   1 
ATOM   316 O  O   . GLU A 1 41  ? 9.347   5.828   5.057   1.00 12.73 ? 41  GLU A O   1 
ATOM   317 C  CB  . GLU A 1 41  ? 9.940   2.647   5.747   1.00 20.64 ? 41  GLU A CB  1 
ATOM   318 C  CG  . GLU A 1 41  ? 9.986   1.657   4.601   1.00 41.21 ? 41  GLU A CG  1 
ATOM   319 C  CD  . GLU A 1 41  ? 11.224  0.780   4.638   1.00 49.37 ? 41  GLU A CD  1 
ATOM   320 O  OE1 . GLU A 1 41  ? 12.342  1.339   4.642   1.00 51.86 ? 41  GLU A OE1 1 
ATOM   321 O  OE2 . GLU A 1 41  ? 11.082  -0.464  4.651   1.00 36.91 ? 41  GLU A OE2 1 
ATOM   322 N  N   . TRP A 1 42  ? 8.713   4.414   3.424   1.00 13.96 ? 42  TRP A N   1 
ATOM   323 C  CA  . TRP A 1 42  ? 8.867   5.399   2.360   1.00 14.22 ? 42  TRP A CA  1 
ATOM   324 C  C   . TRP A 1 42  ? 7.911   6.571   2.574   1.00 13.89 ? 42  TRP A C   1 
ATOM   325 O  O   . TRP A 1 42  ? 8.315   7.735   2.522   1.00 15.31 ? 42  TRP A O   1 
ATOM   326 C  CB  . TRP A 1 42  ? 8.591   4.748   0.999   1.00 15.50 ? 42  TRP A CB  1 
ATOM   327 C  CG  . TRP A 1 42  ? 8.607   5.709   -0.169  1.00 14.21 ? 42  TRP A CG  1 
ATOM   328 C  CD1 . TRP A 1 42  ? 9.692   6.099   -0.905  1.00 17.28 ? 42  TRP A CD1 1 
ATOM   329 C  CD2 . TRP A 1 42  ? 7.478   6.379   -0.736  1.00 13.47 ? 42  TRP A CD2 1 
ATOM   330 N  NE1 . TRP A 1 42  ? 9.308   6.969   -1.898  1.00 14.68 ? 42  TRP A NE1 1 
ATOM   331 C  CE2 . TRP A 1 42  ? 7.952   7.158   -1.818  1.00 13.66 ? 42  TRP A CE2 1 
ATOM   332 C  CE3 . TRP A 1 42  ? 6.108   6.398   -0.439  1.00 15.39 ? 42  TRP A CE3 1 
ATOM   333 C  CZ2 . TRP A 1 42  ? 7.105   7.946   -2.600  1.00 18.59 ? 42  TRP A CZ2 1 
ATOM   334 C  CZ3 . TRP A 1 42  ? 5.262   7.187   -1.221  1.00 20.29 ? 42  TRP A CZ3 1 
ATOM   335 C  CH2 . TRP A 1 42  ? 5.768   7.949   -2.289  1.00 17.92 ? 42  TRP A CH2 1 
ATOM   336 N  N   . ALA A 1 43  ? 6.639   6.267   2.813   1.00 12.43 ? 43  ALA A N   1 
ATOM   337 C  CA  . ALA A 1 43  ? 5.645   7.318   3.018   1.00 12.80 ? 43  ALA A CA  1 
ATOM   338 C  C   . ALA A 1 43  ? 5.982   8.176   4.238   1.00 14.88 ? 43  ALA A C   1 
ATOM   339 O  O   . ALA A 1 43  ? 5.906   9.404   4.170   1.00 15.93 ? 43  ALA A O   1 
ATOM   340 C  CB  . ALA A 1 43  ? 4.248   6.710   3.177   1.00 11.81 ? 43  ALA A CB  1 
ATOM   341 N  N   . GLU A 1 44  ? 6.361   7.539   5.343   1.00 11.96 ? 44  GLU A N   1 
ATOM   342 C  CA  . GLU A 1 44  ? 6.693   8.290   6.549   1.00 13.89 ? 44  GLU A CA  1 
ATOM   343 C  C   . GLU A 1 44  ? 7.892   9.205   6.301   1.00 16.87 ? 44  GLU A C   1 
ATOM   344 O  O   . GLU A 1 44  ? 7.903   10.353  6.745   1.00 15.38 ? 44  GLU A O   1 
ATOM   345 C  CB  . GLU A 1 44  ? 6.995   7.346   7.718   1.00 13.01 ? 44  GLU A CB  1 
ATOM   346 C  CG  . GLU A 1 44  ? 5.792   6.505   8.165   1.00 13.00 ? 44  GLU A CG  1 
ATOM   347 C  CD  . GLU A 1 44  ? 6.078   5.676   9.397   1.00 16.15 ? 44  GLU A CD  1 
ATOM   348 O  OE1 . GLU A 1 44  ? 7.266   5.535   9.755   1.00 15.31 ? 44  GLU A OE1 1 
ATOM   349 O  OE2 . GLU A 1 44  ? 5.116   5.152   10.004  1.00 15.65 ? 44  GLU A OE2 1 
ATOM   350 N  N   . GLU A 1 45  ? 8.895   8.706   5.587   1.00 14.96 ? 45  GLU A N   1 
ATOM   351 C  CA  . GLU A 1 45  ? 10.073  9.521   5.304   1.00 20.18 ? 45  GLU A CA  1 
ATOM   352 C  C   . GLU A 1 45  ? 9.769   10.686  4.371   1.00 23.32 ? 45  GLU A C   1 
ATOM   353 O  O   . GLU A 1 45  ? 10.461  11.706  4.399   1.00 23.61 ? 45  GLU A O   1 
ATOM   354 C  CB  . GLU A 1 45  ? 11.188  8.651   4.727   1.00 17.61 ? 45  GLU A CB  1 
ATOM   355 C  CG  . GLU A 1 45  ? 11.897  7.848   5.797   1.00 25.14 ? 45  GLU A CG  1 
ATOM   356 C  CD  . GLU A 1 45  ? 12.644  8.736   6.781   1.00 25.17 ? 45  GLU A CD  1 
ATOM   357 O  OE1 . GLU A 1 45  ? 12.998  8.252   7.872   1.00 28.37 ? 45  GLU A OE1 1 
ATOM   358 O  OE2 . GLU A 1 45  ? 12.883  9.915   6.460   1.00 25.28 ? 45  GLU A OE2 1 
ATOM   359 N  N   . ARG A 1 46  ? 8.724   10.532  3.561   1.00 17.90 ? 46  ARG A N   1 
ATOM   360 C  CA  . ARG A 1 46  ? 8.302   11.558  2.618   1.00 22.27 ? 46  ARG A CA  1 
ATOM   361 C  C   . ARG A 1 46  ? 7.233   12.454  3.236   1.00 20.90 ? 46  ARG A C   1 
ATOM   362 O  O   . ARG A 1 46  ? 6.554   13.197  2.529   1.00 24.93 ? 46  ARG A O   1 
ATOM   363 C  CB  . ARG A 1 46  ? 7.745   10.916  1.345   1.00 24.55 ? 46  ARG A CB  1 
ATOM   364 C  CG  . ARG A 1 46  ? 8.741   10.078  0.562   1.00 34.94 ? 46  ARG A CG  1 
ATOM   365 C  CD  . ARG A 1 46  ? 9.954   10.896  0.160   1.00 39.09 ? 46  ARG A CD  1 
ATOM   366 N  NE  . ARG A 1 46  ? 10.283  10.728  -1.253  1.00 41.84 ? 46  ARG A NE  1 
ATOM   367 C  CZ  . ARG A 1 46  ? 9.524   11.166  -2.253  1.00 51.66 ? 46  ARG A CZ  1 
ATOM   368 N  NH1 . ARG A 1 46  ? 8.390   11.802  -1.997  1.00 53.25 ? 46  ARG A NH1 1 
ATOM   369 N  NH2 . ARG A 1 46  ? 9.897   10.972  -3.512  1.00 40.59 ? 46  ARG A NH2 1 
ATOM   370 N  N   . ASP A 1 47  ? 7.082   12.363  4.555   1.00 20.27 ? 47  ASP A N   1 
ATOM   371 C  CA  . ASP A 1 47  ? 6.119   13.162  5.309   1.00 21.46 ? 47  ASP A CA  1 
ATOM   372 C  C   . ASP A 1 47  ? 4.653   12.990  4.906   1.00 25.63 ? 47  ASP A C   1 
ATOM   373 O  O   . ASP A 1 47  ? 3.877   13.945  4.942   1.00 25.35 ? 47  ASP A O   1 
ATOM   374 C  CB  . ASP A 1 47  ? 6.486   14.651  5.242   1.00 27.46 ? 47  ASP A CB  1 
ATOM   375 C  CG  . ASP A 1 47  ? 7.911   14.927  5.694   1.00 29.71 ? 47  ASP A CG  1 
ATOM   376 O  OD1 . ASP A 1 47  ? 8.322   14.399  6.750   1.00 24.52 ? 47  ASP A OD1 1 
ATOM   377 O  OD2 . ASP A 1 47  ? 8.619   15.682  4.994   1.00 34.76 ? 47  ASP A OD2 1 
ATOM   378 N  N   . ILE A 1 48  ? 4.270   11.782  4.509   1.00 18.00 ? 48  ILE A N   1 
ATOM   379 C  CA  . ILE A 1 48  ? 2.876   11.508  4.161   1.00 18.21 ? 48  ILE A CA  1 
ATOM   380 C  C   . ILE A 1 48  ? 2.209   11.060  5.463   1.00 19.28 ? 48  ILE A C   1 
ATOM   381 O  O   . ILE A 1 48  ? 2.372   9.918   5.885   1.00 19.63 ? 48  ILE A O   1 
ATOM   382 C  CB  . ILE A 1 48  ? 2.786   10.386  3.107   1.00 12.85 ? 48  ILE A CB  1 
ATOM   383 C  CG1 . ILE A 1 48  ? 3.382   10.893  1.785   1.00 17.89 ? 48  ILE A CG1 1 
ATOM   384 C  CG2 . ILE A 1 48  ? 1.331   9.928   2.926   1.00 16.13 ? 48  ILE A CG2 1 
ATOM   385 C  CD1 . ILE A 1 48  ? 3.556   9.830   0.719   1.00 25.98 ? 48  ILE A CD1 1 
ATOM   386 N  N   . THR A 1 49  ? 1.453   11.958  6.092   1.00 16.75 ? 49  THR A N   1 
ATOM   387 C  CA  . THR A 1 49  ? 0.813   11.662  7.374   1.00 19.21 ? 49  THR A CA  1 
ATOM   388 C  C   . THR A 1 49  ? -0.589  11.072  7.321   1.00 18.07 ? 49  THR A C   1 
ATOM   389 O  O   . THR A 1 49  ? -1.094  10.599  8.335   1.00 17.20 ? 49  THR A O   1 
ATOM   390 C  CB  . THR A 1 49  ? 0.758   12.920  8.263   1.00 26.05 ? 49  THR A CB  1 
ATOM   391 O  OG1 . THR A 1 49  ? 0.004   13.936  7.594   1.00 28.32 ? 49  THR A OG1 1 
ATOM   392 C  CG2 . THR A 1 49  ? 2.165   13.436  8.541   1.00 28.20 ? 49  THR A CG2 1 
ATOM   393 N  N   . ALA A 1 50  ? -1.220  11.113  6.151   1.00 16.06 ? 50  ALA A N   1 
ATOM   394 C  CA  . ALA A 1 50  ? -2.563  10.571  5.981   1.00 16.30 ? 50  ALA A CA  1 
ATOM   395 C  C   . ALA A 1 50  ? -2.618  9.919   4.610   1.00 16.81 ? 50  ALA A C   1 
ATOM   396 O  O   . ALA A 1 50  ? -2.146  10.491  3.629   1.00 16.68 ? 50  ALA A O   1 
ATOM   397 C  CB  . ALA A 1 50  ? -3.608  11.686  6.082   1.00 16.75 ? 50  ALA A CB  1 
HETATM 398 N  N   . MSE A 1 51  ? -3.198  8.728   4.530   1.00 15.81 ? 51  MSE A N   1 
HETATM 399 C  CA  . MSE A 1 51  ? -3.265  8.038   3.256   1.00 16.39 ? 51  MSE A CA  1 
HETATM 400 C  C   . MSE A 1 51  ? -4.044  8.803   2.191   1.00 16.50 ? 51  MSE A C   1 
HETATM 401 O  O   . MSE A 1 51  ? -3.770  8.658   1.000   1.00 13.88 ? 51  MSE A O   1 
HETATM 402 C  CB  . MSE A 1 51  ? -3.860  6.638   3.447   1.00 13.86 ? 51  MSE A CB  1 
HETATM 403 C  CG  . MSE A 1 51  ? -2.959  5.681   4.216   1.00 14.57 ? 51  MSE A CG  1 
HETATM 404 SE SE  . MSE A 1 51  ? -1.255  5.299   3.317   1.00 21.34 ? 51  MSE A SE  1 
HETATM 405 C  CE  . MSE A 1 51  ? -1.888  3.971   2.032   1.00 17.11 ? 51  MSE A CE  1 
ATOM   406 N  N   . ARG A 1 52  ? -5.001  9.625   2.609   1.00 15.91 ? 52  ARG A N   1 
ATOM   407 C  CA  . ARG A 1 52  ? -5.787  10.390  1.649   1.00 18.81 ? 52  ARG A CA  1 
ATOM   408 C  C   . ARG A 1 52  ? -4.910  11.362  0.850   1.00 17.01 ? 52  ARG A C   1 
ATOM   409 O  O   . ARG A 1 52  ? -5.297  11.818  -0.227  1.00 19.43 ? 52  ARG A O   1 
ATOM   410 C  CB  . ARG A 1 52  ? -6.898  11.161  2.370   1.00 19.34 ? 52  ARG A CB  1 
ATOM   411 C  CG  . ARG A 1 52  ? -7.954  11.742  1.443   1.00 32.47 ? 52  ARG A CG  1 
ATOM   412 C  CD  . ARG A 1 52  ? -8.969  12.555  2.226   1.00 34.53 ? 52  ARG A CD  1 
ATOM   413 N  NE  . ARG A 1 52  ? -9.664  11.759  3.238   1.00 32.75 ? 52  ARG A NE  1 
ATOM   414 C  CZ  . ARG A 1 52  ? -10.556 10.809  2.970   1.00 24.49 ? 52  ARG A CZ  1 
ATOM   415 N  NH1 . ARG A 1 52  ? -10.872 10.516  1.718   1.00 30.66 ? 52  ARG A NH1 1 
ATOM   416 N  NH2 . ARG A 1 52  ? -11.151 10.164  3.963   1.00 28.58 ? 52  ARG A NH2 1 
ATOM   417 N  N   . GLU A 1 53  ? -3.727  11.664  1.378   1.00 16.68 ? 53  GLU A N   1 
ATOM   418 C  CA  . GLU A 1 53  ? -2.790  12.578  0.723   1.00 18.57 ? 53  GLU A CA  1 
ATOM   419 C  C   . GLU A 1 53  ? -2.171  11.977  -0.536  1.00 21.37 ? 53  GLU A C   1 
ATOM   420 O  O   . GLU A 1 53  ? -1.612  12.696  -1.362  1.00 20.36 ? 53  GLU A O   1 
ATOM   421 C  CB  . GLU A 1 53  ? -1.678  12.979  1.698   1.00 24.87 ? 53  GLU A CB  1 
ATOM   422 C  CG  . GLU A 1 53  ? -2.170  13.810  2.878   1.00 35.21 ? 53  GLU A CG  1 
ATOM   423 C  CD  . GLU A 1 53  ? -1.085  14.096  3.902   1.00 39.17 ? 53  GLU A CD  1 
ATOM   424 O  OE1 . GLU A 1 53  ? -1.349  14.868  4.849   1.00 51.17 ? 53  GLU A OE1 1 
ATOM   425 O  OE2 . GLU A 1 53  ? 0.027   13.544  3.769   1.00 30.06 ? 53  GLU A OE2 1 
ATOM   426 N  N   . LEU A 1 54  ? -2.266  10.659  -0.678  1.00 17.40 ? 54  LEU A N   1 
ATOM   427 C  CA  . LEU A 1 54  ? -1.714  9.987   -1.848  1.00 19.13 ? 54  LEU A CA  1 
ATOM   428 C  C   . LEU A 1 54  ? -2.371  10.443  -3.147  1.00 21.83 ? 54  LEU A C   1 
ATOM   429 O  O   . LEU A 1 54  ? -3.550  10.796  -3.169  1.00 22.60 ? 54  LEU A O   1 
ATOM   430 C  CB  . LEU A 1 54  ? -1.867  8.475   -1.706  1.00 17.49 ? 54  LEU A CB  1 
ATOM   431 C  CG  . LEU A 1 54  ? -0.967  7.837   -0.650  1.00 18.72 ? 54  LEU A CG  1 
ATOM   432 C  CD1 . LEU A 1 54  ? -1.297  6.361   -0.545  1.00 19.73 ? 54  LEU A CD1 1 
ATOM   433 C  CD2 . LEU A 1 54  ? 0.502   8.038   -1.027  1.00 17.65 ? 54  LEU A CD2 1 
ATOM   434 N  N   . THR A 1 55  ? -1.586  10.425  -4.223  1.00 19.76 ? 55  THR A N   1 
ATOM   435 C  CA  . THR A 1 55  ? -2.034  10.823  -5.559  1.00 16.76 ? 55  THR A CA  1 
ATOM   436 C  C   . THR A 1 55  ? -1.351  9.933   -6.588  1.00 18.79 ? 55  THR A C   1 
ATOM   437 O  O   . THR A 1 55  ? -0.460  9.155   -6.249  1.00 17.71 ? 55  THR A O   1 
ATOM   438 C  CB  . THR A 1 55  ? -1.618  12.268  -5.895  1.00 18.86 ? 55  THR A CB  1 
ATOM   439 O  OG1 . THR A 1 55  ? -0.188  12.359  -5.887  1.00 16.91 ? 55  THR A OG1 1 
ATOM   440 C  CG2 . THR A 1 55  ? -2.193  13.247  -4.888  1.00 19.87 ? 55  THR A CG2 1 
ATOM   441 N  N   . GLY A 1 56  ? -1.758  10.062  -7.848  1.00 21.39 ? 56  GLY A N   1 
ATOM   442 C  CA  . GLY A 1 56  ? -1.133  9.276   -8.897  1.00 18.56 ? 56  GLY A CA  1 
ATOM   443 C  C   . GLY A 1 56  ? 0.360   9.567   -8.951  1.00 17.16 ? 56  GLY A C   1 
ATOM   444 O  O   . GLY A 1 56  ? 1.176   8.669   -9.186  1.00 14.93 ? 56  GLY A O   1 
ATOM   445 N  N   . TRP A 1 57  ? 0.725   10.829  -8.734  1.00 15.14 ? 57  TRP A N   1 
ATOM   446 C  CA  . TRP A 1 57  ? 2.129   11.217  -8.752  1.00 17.28 ? 57  TRP A CA  1 
ATOM   447 C  C   . TRP A 1 57  ? 2.913   10.517  -7.647  1.00 14.38 ? 57  TRP A C   1 
ATOM   448 O  O   . TRP A 1 57  ? 3.966   9.936   -7.901  1.00 14.36 ? 57  TRP A O   1 
ATOM   449 C  CB  . TRP A 1 57  ? 2.277   12.741  -8.615  1.00 17.39 ? 57  TRP A CB  1 
ATOM   450 C  CG  . TRP A 1 57  ? 3.699   13.192  -8.348  1.00 19.55 ? 57  TRP A CG  1 
ATOM   451 C  CD1 . TRP A 1 57  ? 4.231   13.557  -7.141  1.00 19.22 ? 57  TRP A CD1 1 
ATOM   452 C  CD2 . TRP A 1 57  ? 4.764   13.312  -9.301  1.00 22.02 ? 57  TRP A CD2 1 
ATOM   453 N  NE1 . TRP A 1 57  ? 5.553   13.897  -7.285  1.00 20.19 ? 57  TRP A NE1 1 
ATOM   454 C  CE2 . TRP A 1 57  ? 5.907   13.754  -8.602  1.00 19.52 ? 57  TRP A CE2 1 
ATOM   455 C  CE3 . TRP A 1 57  ? 4.860   13.086  -10.681 1.00 22.79 ? 57  TRP A CE3 1 
ATOM   456 C  CZ2 . TRP A 1 57  ? 7.136   13.978  -9.234  1.00 24.46 ? 57  TRP A CZ2 1 
ATOM   457 C  CZ3 . TRP A 1 57  ? 6.085   13.310  -11.311 1.00 24.09 ? 57  TRP A CZ3 1 
ATOM   458 C  CH2 . TRP A 1 57  ? 7.203   13.750  -10.586 1.00 25.24 ? 57  TRP A CH2 1 
ATOM   459 N  N   . LYS A 1 58  ? 2.399   10.569  -6.422  1.00 18.08 ? 58  LYS A N   1 
ATOM   460 C  CA  . LYS A 1 58  ? 3.086   9.938   -5.305  1.00 18.62 ? 58  LYS A CA  1 
ATOM   461 C  C   . LYS A 1 58  ? 3.187   8.429   -5.501  1.00 13.58 ? 58  LYS A C   1 
ATOM   462 O  O   . LYS A 1 58  ? 4.214   7.822   -5.180  1.00 13.48 ? 58  LYS A O   1 
ATOM   463 C  CB  . LYS A 1 58  ? 2.370   10.260  -3.987  1.00 17.14 ? 58  LYS A CB  1 
ATOM   464 C  CG  . LYS A 1 58  ? 2.322   11.752  -3.680  1.00 21.75 ? 58  LYS A CG  1 
ATOM   465 C  CD  . LYS A 1 58  ? 1.597   12.030  -2.374  1.00 23.68 ? 58  LYS A CD  1 
ATOM   466 C  CE  . LYS A 1 58  ? 1.414   13.524  -2.159  1.00 34.49 ? 58  LYS A CE  1 
ATOM   467 N  NZ  . LYS A 1 58  ? 2.723   14.230  -2.140  1.00 40.51 ? 58  LYS A NZ  1 
ATOM   468 N  N   . LEU A 1 59  ? 2.134   7.820   -6.036  1.00 16.11 ? 59  LEU A N   1 
ATOM   469 C  CA  . LEU A 1 59  ? 2.154   6.375   -6.275  1.00 15.55 ? 59  LEU A CA  1 
ATOM   470 C  C   . LEU A 1 59  ? 3.216   6.024   -7.315  1.00 17.76 ? 59  LEU A C   1 
ATOM   471 O  O   . LEU A 1 59  ? 3.909   5.005   -7.188  1.00 13.48 ? 59  LEU A O   1 
ATOM   472 C  CB  . LEU A 1 59  ? 0.782   5.884   -6.744  1.00 19.06 ? 59  LEU A CB  1 
ATOM   473 C  CG  . LEU A 1 59  ? -0.328  5.903   -5.685  1.00 18.40 ? 59  LEU A CG  1 
ATOM   474 C  CD1 . LEU A 1 59  ? -1.643  5.478   -6.317  1.00 29.53 ? 59  LEU A CD1 1 
ATOM   475 C  CD2 . LEU A 1 59  ? 0.038   4.979   -4.534  1.00 23.66 ? 59  LEU A CD2 1 
ATOM   476 N  N   . ASP A 1 60  ? 3.348   6.864   -8.341  1.00 13.90 ? 60  ASP A N   1 
ATOM   477 C  CA  . ASP A 1 60  ? 4.344   6.629   -9.384  1.00 14.77 ? 60  ASP A CA  1 
ATOM   478 C  C   . ASP A 1 60  ? 5.747   6.796   -8.799  1.00 16.39 ? 60  ASP A C   1 
ATOM   479 O  O   . ASP A 1 60  ? 6.674   6.092   -9.185  1.00 13.86 ? 60  ASP A O   1 
ATOM   480 C  CB  . ASP A 1 60  ? 4.155   7.608   -10.547 1.00 16.52 ? 60  ASP A CB  1 
ATOM   481 C  CG  . ASP A 1 60  ? 5.159   7.380   -11.673 1.00 21.17 ? 60  ASP A CG  1 
ATOM   482 O  OD1 . ASP A 1 60  ? 4.976   6.427   -12.463 1.00 19.37 ? 60  ASP A OD1 1 
ATOM   483 O  OD2 . ASP A 1 60  ? 6.147   8.146   -11.756 1.00 19.55 ? 60  ASP A OD2 1 
ATOM   484 N  N   . GLU A 1 61  ? 5.898   7.746   -7.879  1.00 13.73 ? 61  GLU A N   1 
ATOM   485 C  CA  . GLU A 1 61  ? 7.183   7.974   -7.240  1.00 15.45 ? 61  GLU A CA  1 
ATOM   486 C  C   . GLU A 1 61  ? 7.555   6.716   -6.475  1.00 13.46 ? 61  GLU A C   1 
ATOM   487 O  O   . GLU A 1 61  ? 8.700   6.263   -6.522  1.00 14.79 ? 61  GLU A O   1 
ATOM   488 C  CB  . GLU A 1 61  ? 7.106   9.156   -6.274  1.00 16.90 ? 61  GLU A CB  1 
ATOM   489 C  CG  . GLU A 1 61  ? 7.087   10.514  -6.958  1.00 23.39 ? 61  GLU A CG  1 
ATOM   490 C  CD  . GLU A 1 61  ? 8.474   10.998  -7.336  1.00 30.29 ? 61  GLU A CD  1 
ATOM   491 O  OE1 . GLU A 1 61  ? 9.165   11.558  -6.458  1.00 32.93 ? 61  GLU A OE1 1 
ATOM   492 O  OE2 . GLU A 1 61  ? 8.881   10.808  -8.502  1.00 27.13 ? 61  GLU A OE2 1 
ATOM   493 N  N   . TYR A 1 62  ? 6.583   6.149   -5.770  1.00 14.82 ? 62  TYR A N   1 
ATOM   494 C  CA  . TYR A 1 62  ? 6.848   4.944   -4.997  1.00 14.35 ? 62  TYR A CA  1 
ATOM   495 C  C   . TYR A 1 62  ? 7.240   3.790   -5.906  1.00 13.48 ? 62  TYR A C   1 
ATOM   496 O  O   . TYR A 1 62  ? 8.214   3.078   -5.642  1.00 14.25 ? 62  TYR A O   1 
ATOM   497 C  CB  . TYR A 1 62  ? 5.629   4.536   -4.172  1.00 13.02 ? 62  TYR A CB  1 
ATOM   498 C  CG  . TYR A 1 62  ? 5.886   3.280   -3.372  1.00 11.92 ? 62  TYR A CG  1 
ATOM   499 C  CD1 . TYR A 1 62  ? 5.274   2.077   -3.712  1.00 16.72 ? 62  TYR A CD1 1 
ATOM   500 C  CD2 . TYR A 1 62  ? 6.777   3.286   -2.304  1.00 11.92 ? 62  TYR A CD2 1 
ATOM   501 C  CE1 . TYR A 1 62  ? 5.544   0.905   -3.003  1.00 18.59 ? 62  TYR A CE1 1 
ATOM   502 C  CE2 . TYR A 1 62  ? 7.057   2.126   -1.588  1.00 14.36 ? 62  TYR A CE2 1 
ATOM   503 C  CZ  . TYR A 1 62  ? 6.436   0.941   -1.943  1.00 15.03 ? 62  TYR A CZ  1 
ATOM   504 O  OH  . TYR A 1 62  ? 6.707   -0.201  -1.236  1.00 16.12 ? 62  TYR A OH  1 
ATOM   505 N  N   . GLU A 1 63  ? 6.485   3.599   -6.980  1.00 15.78 ? 63  GLU A N   1 
ATOM   506 C  CA  . GLU A 1 63  ? 6.786   2.516   -7.897  1.00 12.99 ? 63  GLU A CA  1 
ATOM   507 C  C   . GLU A 1 63  ? 8.214   2.617   -8.428  1.00 17.89 ? 63  GLU A C   1 
ATOM   508 O  O   . GLU A 1 63  ? 8.953   1.629   -8.466  1.00 15.23 ? 63  GLU A O   1 
ATOM   509 C  CB  . GLU A 1 63  ? 5.799   2.518   -9.062  1.00 17.59 ? 63  GLU A CB  1 
ATOM   510 C  CG  . GLU A 1 63  ? 6.055   1.412   -10.067 1.00 20.71 ? 63  GLU A CG  1 
ATOM   511 C  CD  . GLU A 1 63  ? 5.072   1.435   -11.210 1.00 30.42 ? 63  GLU A CD  1 
ATOM   512 O  OE1 . GLU A 1 63  ? 5.232   0.612   -12.133 1.00 33.84 ? 63  GLU A OE1 1 
ATOM   513 O  OE2 . GLU A 1 63  ? 4.145   2.273   -11.181 1.00 30.31 ? 63  GLU A OE2 1 
ATOM   514 N  N   . THR A 1 64  ? 8.602   3.819   -8.838  1.00 15.65 ? 64  THR A N   1 
ATOM   515 C  CA  . THR A 1 64  ? 9.942   4.038   -9.366  1.00 14.79 ? 64  THR A CA  1 
ATOM   516 C  C   . THR A 1 64  ? 11.014  3.778   -8.313  1.00 15.78 ? 64  THR A C   1 
ATOM   517 O  O   . THR A 1 64  ? 12.080  3.238   -8.609  1.00 18.00 ? 64  THR A O   1 
ATOM   518 C  CB  . THR A 1 64  ? 10.066  5.460   -9.899  1.00 18.80 ? 64  THR A CB  1 
ATOM   519 O  OG1 . THR A 1 64  ? 9.103   5.637   -10.942 1.00 27.49 ? 64  THR A OG1 1 
ATOM   520 C  CG2 . THR A 1 64  ? 11.455  5.703   -10.454 1.00 22.88 ? 64  THR A CG2 1 
ATOM   521 N  N   . PHE A 1 65  ? 10.722  4.172   -7.081  1.00 13.48 ? 65  PHE A N   1 
ATOM   522 C  CA  . PHE A 1 65  ? 11.628  3.959   -5.966  1.00 14.39 ? 65  PHE A CA  1 
ATOM   523 C  C   . PHE A 1 65  ? 11.872  2.455   -5.822  1.00 14.53 ? 65  PHE A C   1 
ATOM   524 O  O   . PHE A 1 65  ? 13.020  1.998   -5.802  1.00 17.17 ? 65  PHE A O   1 
ATOM   525 C  CB  . PHE A 1 65  ? 10.994  4.549   -4.700  1.00 16.39 ? 65  PHE A CB  1 
ATOM   526 C  CG  . PHE A 1 65  ? 11.622  4.088   -3.419  1.00 17.52 ? 65  PHE A CG  1 
ATOM   527 C  CD1 . PHE A 1 65  ? 10.943  3.201   -2.588  1.00 16.12 ? 65  PHE A CD1 1 
ATOM   528 C  CD2 . PHE A 1 65  ? 12.868  4.566   -3.021  1.00 18.84 ? 65  PHE A CD2 1 
ATOM   529 C  CE1 . PHE A 1 65  ? 11.492  2.797   -1.372  1.00 15.20 ? 65  PHE A CE1 1 
ATOM   530 C  CE2 . PHE A 1 65  ? 13.428  4.169   -1.806  1.00 20.38 ? 65  PHE A CE2 1 
ATOM   531 C  CZ  . PHE A 1 65  ? 12.738  3.283   -0.978  1.00 19.27 ? 65  PHE A CZ  1 
ATOM   532 N  N   . ARG A 1 66  ? 10.794  1.681   -5.749  1.00 15.92 ? 66  ARG A N   1 
ATOM   533 C  CA  . ARG A 1 66  ? 10.922  0.232   -5.603  1.00 13.47 ? 66  ARG A CA  1 
ATOM   534 C  C   . ARG A 1 66  ? 11.624  -0.409  -6.811  1.00 19.02 ? 66  ARG A C   1 
ATOM   535 O  O   . ARG A 1 66  ? 12.387  -1.363  -6.657  1.00 17.82 ? 66  ARG A O   1 
ATOM   536 C  CB  . ARG A 1 66  ? 9.545   -0.407  -5.380  1.00 19.76 ? 66  ARG A CB  1 
ATOM   537 C  CG  . ARG A 1 66  ? 8.883   -0.004  -4.058  1.00 18.29 ? 66  ARG A CG  1 
ATOM   538 C  CD  . ARG A 1 66  ? 9.767   -0.350  -2.858  1.00 17.69 ? 66  ARG A CD  1 
ATOM   539 N  NE  . ARG A 1 66  ? 9.890   -1.793  -2.670  1.00 16.46 ? 66  ARG A NE  1 
ATOM   540 C  CZ  . ARG A 1 66  ? 10.990  -2.404  -2.240  1.00 17.08 ? 66  ARG A CZ  1 
ATOM   541 N  NH1 . ARG A 1 66  ? 12.080  -1.701  -1.952  1.00 23.63 ? 66  ARG A NH1 1 
ATOM   542 N  NH2 . ARG A 1 66  ? 11.005  -3.721  -2.103  1.00 17.19 ? 66  ARG A NH2 1 
ATOM   543 N  N   . ARG A 1 67  ? 11.379  0.127   -8.001  1.00 15.00 ? 67  ARG A N   1 
ATOM   544 C  CA  . ARG A 1 67  ? 11.996  -0.398  -9.217  1.00 22.62 ? 67  ARG A CA  1 
ATOM   545 C  C   . ARG A 1 67  ? 13.509  -0.174  -9.172  1.00 26.58 ? 67  ARG A C   1 
ATOM   546 O  O   . ARG A 1 67  ? 14.274  -0.822  -9.894  1.00 30.18 ? 67  ARG A O   1 
ATOM   547 C  CB  . ARG A 1 67  ? 11.391  0.301   -10.434 1.00 21.54 ? 67  ARG A CB  1 
ATOM   548 C  CG  . ARG A 1 67  ? 11.589  -0.424  -11.752 1.00 42.58 ? 67  ARG A CG  1 
ATOM   549 C  CD  . ARG A 1 67  ? 12.346  0.445   -12.739 1.00 48.28 ? 67  ARG A CD  1 
ATOM   550 N  NE  . ARG A 1 67  ? 11.763  1.778   -12.884 1.00 49.11 ? 67  ARG A NE  1 
ATOM   551 C  CZ  . ARG A 1 67  ? 10.521  2.021   -13.291 1.00 50.97 ? 67  ARG A CZ  1 
ATOM   552 N  NH1 . ARG A 1 67  ? 9.708   1.017   -13.597 1.00 53.98 ? 67  ARG A NH1 1 
ATOM   553 N  NH2 . ARG A 1 67  ? 10.095  3.273   -13.408 1.00 40.44 ? 67  ARG A NH2 1 
ATOM   554 N  N   . GLY A 1 68  ? 13.934  0.753   -8.317  1.00 23.03 ? 68  GLY A N   1 
ATOM   555 C  CA  . GLY A 1 68  ? 15.347  1.051   -8.175  1.00 24.31 ? 68  GLY A CA  1 
ATOM   556 C  C   . GLY A 1 68  ? 16.044  0.196   -7.129  1.00 18.72 ? 68  GLY A C   1 
ATOM   557 O  O   . GLY A 1 68  ? 17.232  0.378   -6.867  1.00 22.49 ? 68  GLY A O   1 
ATOM   558 N  N   . SER A 1 69  ? 15.310  -0.732  -6.522  1.00 21.14 ? 69  SER A N   1 
ATOM   559 C  CA  . SER A 1 69  ? 15.881  -1.620  -5.512  1.00 17.48 ? 69  SER A CA  1 
ATOM   560 C  C   . SER A 1 69  ? 16.442  -2.867  -6.193  1.00 22.27 ? 69  SER A C   1 
ATOM   561 O  O   . SER A 1 69  ? 16.471  -2.941  -7.420  1.00 21.89 ? 69  SER A O   1 
ATOM   562 C  CB  . SER A 1 69  ? 14.817  -2.026  -4.485  1.00 17.98 ? 69  SER A CB  1 
ATOM   563 O  OG  . SER A 1 69  ? 13.845  -2.888  -5.060  1.00 22.07 ? 69  SER A OG  1 
ATOM   564 N  N   . ASP A 1 70  ? 16.877  -3.844  -5.401  1.00 21.93 ? 70  ASP A N   1 
ATOM   565 C  CA  . ASP A 1 70  ? 17.446  -5.076  -5.944  1.00 25.83 ? 70  ASP A CA  1 
ATOM   566 C  C   . ASP A 1 70  ? 16.401  -6.177  -6.110  1.00 26.08 ? 70  ASP A C   1 
ATOM   567 O  O   . ASP A 1 70  ? 16.741  -7.331  -6.374  1.00 25.55 ? 70  ASP A O   1 
ATOM   568 C  CB  . ASP A 1 70  ? 18.579  -5.568  -5.034  1.00 30.59 ? 70  ASP A CB  1 
ATOM   569 C  CG  . ASP A 1 70  ? 19.797  -4.659  -5.076  1.00 38.15 ? 70  ASP A CG  1 
ATOM   570 O  OD1 . ASP A 1 70  ? 20.454  -4.491  -4.027  1.00 42.76 ? 70  ASP A OD1 1 
ATOM   571 O  OD2 . ASP A 1 70  ? 20.105  -4.123  -6.163  1.00 38.47 ? 70  ASP A OD2 1 
ATOM   572 N  N   . VAL A 1 71  ? 15.131  -5.815  -5.967  1.00 22.00 ? 71  VAL A N   1 
ATOM   573 C  CA  . VAL A 1 71  ? 14.040  -6.772  -6.092  1.00 19.99 ? 71  VAL A CA  1 
ATOM   574 C  C   . VAL A 1 71  ? 13.805  -7.206  -7.541  1.00 20.36 ? 71  VAL A C   1 
ATOM   575 O  O   . VAL A 1 71  ? 14.025  -6.425  -8.471  1.00 24.55 ? 71  VAL A O   1 
ATOM   576 C  CB  . VAL A 1 71  ? 12.733  -6.173  -5.525  1.00 25.69 ? 71  VAL A CB  1 
ATOM   577 C  CG1 . VAL A 1 71  ? 12.220  -5.061  -6.428  1.00 25.08 ? 71  VAL A CG1 1 
ATOM   578 C  CG2 . VAL A 1 71  ? 11.702  -7.245  -5.379  1.00 36.06 ? 71  VAL A CG2 1 
ATOM   579 N  N   . SER A 1 72  ? 13.367  -8.452  -7.722  1.00 18.18 ? 72  SER A N   1 
ATOM   580 C  CA  . SER A 1 72  ? 13.079  -9.004  -9.049  1.00 24.43 ? 72  SER A CA  1 
ATOM   581 C  C   . SER A 1 72  ? 11.737  -8.470  -9.542  1.00 30.20 ? 72  SER A C   1 
ATOM   582 O  O   . SER A 1 72  ? 10.881  -8.083  -8.743  1.00 21.04 ? 72  SER A O   1 
ATOM   583 C  CB  . SER A 1 72  ? 12.980  -10.537 -8.994  1.00 21.98 ? 72  SER A CB  1 
ATOM   584 O  OG  . SER A 1 72  ? 14.213  -11.151 -8.644  1.00 26.96 ? 72  SER A OG  1 
ATOM   585 N  N   . PRO A 1 73  ? 11.526  -8.457  -10.867 1.00 29.84 ? 73  PRO A N   1 
ATOM   586 C  CA  . PRO A 1 73  ? 10.261  -7.967  -11.420 1.00 32.00 ? 73  PRO A CA  1 
ATOM   587 C  C   . PRO A 1 73  ? 9.049   -8.698  -10.841 1.00 33.12 ? 73  PRO A C   1 
ATOM   588 O  O   . PRO A 1 73  ? 8.030   -8.080  -10.533 1.00 33.70 ? 73  PRO A O   1 
ATOM   589 C  CB  . PRO A 1 73  ? 10.430  -8.196  -12.926 1.00 35.61 ? 73  PRO A CB  1 
ATOM   590 C  CG  . PRO A 1 73  ? 11.382  -9.358  -12.993 1.00 39.69 ? 73  PRO A CG  1 
ATOM   591 C  CD  . PRO A 1 73  ? 12.390  -8.996  -11.932 1.00 35.97 ? 73  PRO A CD  1 
ATOM   592 N  N   . ALA A 1 74  ? 9.170   -10.011 -10.681 1.00 27.44 ? 74  ALA A N   1 
ATOM   593 C  CA  . ALA A 1 74  ? 8.088   -10.828 -10.139 1.00 26.82 ? 74  ALA A CA  1 
ATOM   594 C  C   . ALA A 1 74  ? 7.738   -10.408 -8.714  1.00 28.99 ? 74  ALA A C   1 
ATOM   595 O  O   . ALA A 1 74  ? 6.569   -10.365 -8.334  1.00 25.64 ? 74  ALA A O   1 
ATOM   596 C  CB  . ALA A 1 74  ? 8.484   -12.300 -10.163 1.00 29.75 ? 74  ALA A CB  1 
ATOM   597 N  N   . THR A 1 75  ? 8.762   -10.105 -7.926  1.00 24.50 ? 75  THR A N   1 
ATOM   598 C  CA  . THR A 1 75  ? 8.556   -9.688  -6.547  1.00 20.91 ? 75  THR A CA  1 
ATOM   599 C  C   . THR A 1 75  ? 7.933   -8.294  -6.520  1.00 19.48 ? 75  THR A C   1 
ATOM   600 O  O   . THR A 1 75  ? 7.052   -8.012  -5.707  1.00 22.21 ? 75  THR A O   1 
ATOM   601 C  CB  . THR A 1 75  ? 9.892   -9.684  -5.782  1.00 19.59 ? 75  THR A CB  1 
ATOM   602 O  OG1 . THR A 1 75  ? 10.508  -10.973 -5.904  1.00 20.35 ? 75  THR A OG1 1 
ATOM   603 C  CG2 . THR A 1 75  ? 9.668   -9.361  -4.311  1.00 23.29 ? 75  THR A CG2 1 
ATOM   604 N  N   . LEU A 1 76  ? 8.381   -7.428  -7.421  1.00 18.15 ? 76  LEU A N   1 
ATOM   605 C  CA  . LEU A 1 76  ? 7.857   -6.069  -7.496  1.00 19.96 ? 76  LEU A CA  1 
ATOM   606 C  C   . LEU A 1 76  ? 6.376   -6.071  -7.874  1.00 26.47 ? 76  LEU A C   1 
ATOM   607 O  O   . LEU A 1 76  ? 5.584   -5.294  -7.331  1.00 18.42 ? 76  LEU A O   1 
ATOM   608 C  CB  . LEU A 1 76  ? 8.645   -5.254  -8.524  1.00 21.09 ? 76  LEU A CB  1 
ATOM   609 C  CG  . LEU A 1 76  ? 8.168   -3.816  -8.739  1.00 24.58 ? 76  LEU A CG  1 
ATOM   610 C  CD1 . LEU A 1 76  ? 8.133   -3.085  -7.405  1.00 29.47 ? 76  LEU A CD1 1 
ATOM   611 C  CD2 . LEU A 1 76  ? 9.093   -3.106  -9.722  1.00 38.24 ? 76  LEU A CD2 1 
ATOM   612 N  N   . ASN A 1 77  ? 6.011   -6.944  -8.809  1.00 24.69 ? 77  ASN A N   1 
ATOM   613 C  CA  . ASN A 1 77  ? 4.630   -7.057  -9.263  1.00 30.62 ? 77  ASN A CA  1 
ATOM   614 C  C   . ASN A 1 77  ? 3.709   -7.439  -8.106  1.00 27.22 ? 77  ASN A C   1 
ATOM   615 O  O   . ASN A 1 77  ? 2.629   -6.869  -7.951  1.00 24.63 ? 77  ASN A O   1 
ATOM   616 C  CB  . ASN A 1 77  ? 4.518   -8.113  -10.369 1.00 28.64 ? 77  ASN A CB  1 
ATOM   617 C  CG  . ASN A 1 77  ? 5.295   -7.742  -11.621 1.00 40.96 ? 77  ASN A CG  1 
ATOM   618 O  OD1 . ASN A 1 77  ? 5.274   -8.474  -12.613 1.00 52.79 ? 77  ASN A OD1 1 
ATOM   619 N  ND2 . ASN A 1 77  ? 5.985   -6.607  -11.582 1.00 49.17 ? 77  ASN A ND2 1 
ATOM   620 N  N   . GLY A 1 78  ? 4.142   -8.410  -7.304  1.00 20.80 ? 78  GLY A N   1 
ATOM   621 C  CA  . GLY A 1 78  ? 3.343   -8.860  -6.178  1.00 24.62 ? 78  GLY A CA  1 
ATOM   622 C  C   . GLY A 1 78  ? 3.226   -7.780  -5.122  1.00 25.66 ? 78  GLY A C   1 
ATOM   623 O  O   . GLY A 1 78  ? 2.241   -7.706  -4.386  1.00 27.17 ? 78  GLY A O   1 
ATOM   624 N  N   . GLU A 1 79  ? 4.246   -6.934  -5.060  1.00 22.81 ? 79  GLU A N   1 
ATOM   625 C  CA  . GLU A 1 79  ? 4.282   -5.842  -4.107  1.00 18.99 ? 79  GLU A CA  1 
ATOM   626 C  C   . GLU A 1 79  ? 3.296   -4.759  -4.526  1.00 21.04 ? 79  GLU A C   1 
ATOM   627 O  O   . GLU A 1 79  ? 2.556   -4.216  -3.698  1.00 20.66 ? 79  GLU A O   1 
ATOM   628 C  CB  . GLU A 1 79  ? 5.689   -5.261  -4.057  1.00 25.93 ? 79  GLU A CB  1 
ATOM   629 C  CG  . GLU A 1 79  ? 5.976   -4.465  -2.825  1.00 34.95 ? 79  GLU A CG  1 
ATOM   630 C  CD  . GLU A 1 79  ? 7.369   -3.897  -2.832  1.00 24.66 ? 79  GLU A CD  1 
ATOM   631 O  OE1 . GLU A 1 79  ? 8.336   -4.680  -2.950  1.00 25.48 ? 79  GLU A OE1 1 
ATOM   632 O  OE2 . GLU A 1 79  ? 7.491   -2.661  -2.728  1.00 32.59 ? 79  GLU A OE2 1 
HETATM 633 N  N   . MSE A 1 80  ? 3.286   -4.437  -5.814  1.00 18.71 ? 80  MSE A N   1 
HETATM 634 C  CA  . MSE A 1 80  ? 2.377   -3.409  -6.308  1.00 16.97 ? 80  MSE A CA  1 
HETATM 635 C  C   . MSE A 1 80  ? 0.932   -3.897  -6.247  1.00 19.43 ? 80  MSE A C   1 
HETATM 636 O  O   . MSE A 1 80  ? 0.017   -3.105  -6.018  1.00 18.95 ? 80  MSE A O   1 
HETATM 637 C  CB  . MSE A 1 80  ? 2.741   -3.004  -7.745  1.00 18.25 ? 80  MSE A CB  1 
HETATM 638 C  CG  . MSE A 1 80  ? 4.099   -2.291  -7.886  1.00 17.95 ? 80  MSE A CG  1 
HETATM 639 SE SE  . MSE A 1 80  ? 4.263   -0.720  -6.761  1.00 30.61 ? 80  MSE A SE  1 
HETATM 640 C  CE  . MSE A 1 80  ? 2.958   0.455   -7.607  1.00 26.15 ? 80  MSE A CE  1 
ATOM   641 N  N   . GLN A 1 81  ? 0.732   -5.195  -6.452  1.00 20.21 ? 81  GLN A N   1 
ATOM   642 C  CA  . GLN A 1 81  ? -0.604  -5.784  -6.409  1.00 21.99 ? 81  GLN A CA  1 
ATOM   643 C  C   . GLN A 1 81  ? -1.163  -5.705  -4.989  1.00 21.39 ? 81  GLN A C   1 
ATOM   644 O  O   . GLN A 1 81  ? -2.350  -5.435  -4.787  1.00 19.10 ? 81  GLN A O   1 
ATOM   645 C  CB  . GLN A 1 81  ? -0.565  -7.241  -6.866  1.00 26.78 ? 81  GLN A CB  1 
ATOM   646 C  CG  . GLN A 1 81  ? -1.915  -7.934  -6.815  1.00 31.59 ? 81  GLN A CG  1 
ATOM   647 C  CD  . GLN A 1 81  ? -2.947  -7.255  -7.695  1.00 32.55 ? 81  GLN A CD  1 
ATOM   648 O  OE1 . GLN A 1 81  ? -2.801  -7.204  -8.916  1.00 28.84 ? 81  GLN A OE1 1 
ATOM   649 N  NE2 . GLN A 1 81  ? -3.994  -6.717  -7.075  1.00 32.27 ? 81  GLN A NE2 1 
ATOM   650 N  N   . THR A 1 82  ? -0.308  -5.956  -4.003  1.00 20.50 ? 82  THR A N   1 
ATOM   651 C  CA  . THR A 1 82  ? -0.750  -5.876  -2.624  1.00 16.57 ? 82  THR A CA  1 
ATOM   652 C  C   . THR A 1 82  ? -1.031  -4.411  -2.315  1.00 13.69 ? 82  THR A C   1 
ATOM   653 O  O   . THR A 1 82  ? -1.989  -4.101  -1.617  1.00 15.91 ? 82  THR A O   1 
ATOM   654 C  CB  . THR A 1 82  ? 0.300   -6.446  -1.643  1.00 18.52 ? 82  THR A CB  1 
ATOM   655 O  OG1 . THR A 1 82  ? 0.257   -7.881  -1.679  1.00 18.51 ? 82  THR A OG1 1 
ATOM   656 C  CG2 . THR A 1 82  ? 0.016   -5.978  -0.221  1.00 17.74 ? 82  THR A CG2 1 
ATOM   657 N  N   . LEU A 1 83  ? -0.209  -3.511  -2.849  1.00 17.99 ? 83  LEU A N   1 
ATOM   658 C  CA  . LEU A 1 83  ? -0.424  -2.082  -2.634  1.00 13.26 ? 83  LEU A CA  1 
ATOM   659 C  C   . LEU A 1 83  ? -1.797  -1.733  -3.199  1.00 18.32 ? 83  LEU A C   1 
ATOM   660 O  O   . LEU A 1 83  ? -2.587  -1.019  -2.577  1.00 16.05 ? 83  LEU A O   1 
ATOM   661 C  CB  . LEU A 1 83  ? 0.661   -1.253  -3.344  1.00 20.04 ? 83  LEU A CB  1 
ATOM   662 C  CG  . LEU A 1 83  ? 0.485   0.271   -3.317  1.00 17.81 ? 83  LEU A CG  1 
ATOM   663 C  CD1 . LEU A 1 83  ? 0.389   0.749   -1.878  1.00 24.48 ? 83  LEU A CD1 1 
ATOM   664 C  CD2 . LEU A 1 83  ? 1.647   0.961   -4.031  1.00 15.18 ? 83  LEU A CD2 1 
ATOM   665 N  N   . LYS A 1 84  ? -2.079  -2.254  -4.389  1.00 18.63 ? 84  LYS A N   1 
ATOM   666 C  CA  . LYS A 1 84  ? -3.355  -2.011  -5.053  1.00 17.63 ? 84  LYS A CA  1 
ATOM   667 C  C   . LYS A 1 84  ? -4.535  -2.520  -4.218  1.00 18.13 ? 84  LYS A C   1 
ATOM   668 O  O   . LYS A 1 84  ? -5.518  -1.805  -4.020  1.00 17.24 ? 84  LYS A O   1 
ATOM   669 C  CB  . LYS A 1 84  ? -3.370  -2.695  -6.424  1.00 22.39 ? 84  LYS A CB  1 
ATOM   670 C  CG  . LYS A 1 84  ? -4.722  -2.650  -7.122  1.00 33.07 ? 84  LYS A CG  1 
ATOM   671 C  CD  . LYS A 1 84  ? -5.008  -1.274  -7.684  1.00 39.30 ? 84  LYS A CD  1 
ATOM   672 C  CE  . LYS A 1 84  ? -4.692  -1.211  -9.169  1.00 37.35 ? 84  LYS A CE  1 
ATOM   673 N  NZ  . LYS A 1 84  ? -5.678  -1.990  -9.972  1.00 40.79 ? 84  LYS A NZ  1 
ATOM   674 N  N   . ASN A 1 85  ? -4.442  -3.756  -3.738  1.00 17.68 ? 85  ASN A N   1 
ATOM   675 C  CA  . ASN A 1 85  ? -5.519  -4.330  -2.937  1.00 18.54 ? 85  ASN A CA  1 
ATOM   676 C  C   . ASN A 1 85  ? -5.708  -3.557  -1.642  1.00 18.85 ? 85  ASN A C   1 
ATOM   677 O  O   . ASN A 1 85  ? -6.827  -3.417  -1.136  1.00 18.59 ? 85  ASN A O   1 
ATOM   678 C  CB  . ASN A 1 85  ? -5.233  -5.795  -2.621  1.00 17.89 ? 85  ASN A CB  1 
ATOM   679 C  CG  . ASN A 1 85  ? -5.117  -6.636  -3.867  1.00 21.71 ? 85  ASN A CG  1 
ATOM   680 O  OD1 . ASN A 1 85  ? -5.674  -6.291  -4.907  1.00 29.55 ? 85  ASN A OD1 1 
ATOM   681 N  ND2 . ASN A 1 85  ? -4.405  -7.748  -3.770  1.00 26.02 ? 85  ASN A ND2 1 
ATOM   682 N  N   . TRP A 1 86  ? -4.605  -3.058  -1.103  1.00 17.21 ? 86  TRP A N   1 
ATOM   683 C  CA  . TRP A 1 86  ? -4.655  -2.290  0.128   1.00 15.15 ? 86  TRP A CA  1 
ATOM   684 C  C   . TRP A 1 86  ? -5.455  -1.014  -0.099  1.00 13.38 ? 86  TRP A C   1 
ATOM   685 O  O   . TRP A 1 86  ? -6.361  -0.704  0.676   1.00 14.26 ? 86  TRP A O   1 
ATOM   686 C  CB  . TRP A 1 86  ? -3.233  -1.970  0.578   1.00 11.36 ? 86  TRP A CB  1 
ATOM   687 C  CG  . TRP A 1 86  ? -3.107  -1.174  1.825   1.00 14.91 ? 86  TRP A CG  1 
ATOM   688 C  CD1 . TRP A 1 86  ? -3.920  -1.202  2.920   1.00 16.57 ? 86  TRP A CD1 1 
ATOM   689 C  CD2 . TRP A 1 86  ? -2.020  -0.303  2.151   1.00 13.97 ? 86  TRP A CD2 1 
ATOM   690 N  NE1 . TRP A 1 86  ? -3.396  -0.403  3.923   1.00 17.64 ? 86  TRP A NE1 1 
ATOM   691 C  CE2 . TRP A 1 86  ? -2.230  0.154   3.473   1.00 16.30 ? 86  TRP A CE2 1 
ATOM   692 C  CE3 . TRP A 1 86  ? -0.884  0.125   1.455   1.00 16.38 ? 86  TRP A CE3 1 
ATOM   693 C  CZ2 . TRP A 1 86  ? -1.338  1.023   4.109   1.00 9.65  ? 86  TRP A CZ2 1 
ATOM   694 C  CZ3 . TRP A 1 86  ? 0.004   0.995   2.092   1.00 16.19 ? 86  TRP A CZ3 1 
ATOM   695 C  CH2 . TRP A 1 86  ? -0.230  1.429   3.406   1.00 14.33 ? 86  TRP A CH2 1 
ATOM   696 N  N   . LEU A 1 87  ? -5.140  -0.286  -1.166  1.00 14.47 ? 87  LEU A N   1 
ATOM   697 C  CA  . LEU A 1 87  ? -5.856  0.946   -1.460  1.00 14.29 ? 87  LEU A CA  1 
ATOM   698 C  C   . LEU A 1 87  ? -7.335  0.696   -1.757  1.00 16.23 ? 87  LEU A C   1 
ATOM   699 O  O   . LEU A 1 87  ? -8.175  1.545   -1.458  1.00 17.22 ? 87  LEU A O   1 
ATOM   700 C  CB  . LEU A 1 87  ? -5.192  1.691   -2.620  1.00 19.70 ? 87  LEU A CB  1 
ATOM   701 C  CG  . LEU A 1 87  ? -3.760  2.161   -2.334  1.00 17.04 ? 87  LEU A CG  1 
ATOM   702 C  CD1 . LEU A 1 87  ? -3.253  2.981   -3.505  1.00 20.68 ? 87  LEU A CD1 1 
ATOM   703 C  CD2 . LEU A 1 87  ? -3.722  2.993   -1.049  1.00 20.44 ? 87  LEU A CD2 1 
ATOM   704 N  N   . GLU A 1 88  ? -7.658  -0.456  -2.340  1.00 18.25 ? 88  GLU A N   1 
ATOM   705 C  CA  . GLU A 1 88  ? -9.059  -0.776  -2.627  1.00 19.33 ? 88  GLU A CA  1 
ATOM   706 C  C   . GLU A 1 88  ? -9.805  -0.890  -1.302  1.00 15.78 ? 88  GLU A C   1 
ATOM   707 O  O   . GLU A 1 88  ? -10.934 -0.420  -1.175  1.00 19.03 ? 88  GLU A O   1 
ATOM   708 C  CB  . GLU A 1 88  ? -9.174  -2.093  -3.405  1.00 18.33 ? 88  GLU A CB  1 
ATOM   709 C  CG  . GLU A 1 88  ? -8.460  -2.058  -4.747  1.00 23.74 ? 88  GLU A CG  1 
ATOM   710 C  CD  . GLU A 1 88  ? -8.753  -3.270  -5.615  1.00 28.65 ? 88  GLU A CD  1 
ATOM   711 O  OE1 . GLU A 1 88  ? -8.865  -4.387  -5.068  1.00 28.44 ? 88  GLU A OE1 1 
ATOM   712 O  OE2 . GLU A 1 88  ? -8.845  -3.105  -6.849  1.00 28.04 ? 88  GLU A OE2 1 
ATOM   713 N  N   . TYR A 1 89  ? -9.168  -1.518  -0.318  1.00 15.35 ? 89  TYR A N   1 
ATOM   714 C  CA  . TYR A 1 89  ? -9.765  -1.669  1.003   1.00 16.02 ? 89  TYR A CA  1 
ATOM   715 C  C   . TYR A 1 89  ? -9.986  -0.292  1.615   1.00 18.28 ? 89  TYR A C   1 
ATOM   716 O  O   . TYR A 1 89  ? -11.072 0.011   2.112   1.00 17.39 ? 89  TYR A O   1 
ATOM   717 C  CB  . TYR A 1 89  ? -8.854  -2.500  1.918   1.00 15.99 ? 89  TYR A CB  1 
ATOM   718 C  CG  . TYR A 1 89  ? -9.230  -2.450  3.382   1.00 12.37 ? 89  TYR A CG  1 
ATOM   719 C  CD1 . TYR A 1 89  ? -10.480 -2.892  3.819   1.00 17.91 ? 89  TYR A CD1 1 
ATOM   720 C  CD2 . TYR A 1 89  ? -8.337  -1.954  4.335   1.00 18.22 ? 89  TYR A CD2 1 
ATOM   721 C  CE1 . TYR A 1 89  ? -10.831 -2.840  5.165   1.00 21.92 ? 89  TYR A CE1 1 
ATOM   722 C  CE2 . TYR A 1 89  ? -8.680  -1.897  5.682   1.00 22.21 ? 89  TYR A CE2 1 
ATOM   723 C  CZ  . TYR A 1 89  ? -9.932  -2.342  6.091   1.00 21.90 ? 89  TYR A CZ  1 
ATOM   724 O  OH  . TYR A 1 89  ? -10.291 -2.285  7.420   1.00 22.07 ? 89  TYR A OH  1 
ATOM   725 N  N   . LEU A 1 90  ? -8.952  0.542   1.578   1.00 13.50 ? 90  LEU A N   1 
ATOM   726 C  CA  . LEU A 1 90  ? -9.053  1.881   2.143   1.00 13.85 ? 90  LEU A CA  1 
ATOM   727 C  C   . LEU A 1 90  ? -10.099 2.736   1.434   1.00 17.23 ? 90  LEU A C   1 
ATOM   728 O  O   . LEU A 1 90  ? -10.754 3.564   2.063   1.00 18.53 ? 90  LEU A O   1 
ATOM   729 C  CB  . LEU A 1 90  ? -7.693  2.584   2.105   1.00 13.24 ? 90  LEU A CB  1 
ATOM   730 C  CG  . LEU A 1 90  ? -6.582  1.953   2.951   1.00 16.51 ? 90  LEU A CG  1 
ATOM   731 C  CD1 . LEU A 1 90  ? -5.325  2.792   2.799   1.00 13.42 ? 90  LEU A CD1 1 
ATOM   732 C  CD2 . LEU A 1 90  ? -6.997  1.872   4.425   1.00 13.67 ? 90  LEU A CD2 1 
ATOM   733 N  N   . ALA A 1 91  ? -10.256 2.546   0.128   1.00 17.57 ? 91  ALA A N   1 
ATOM   734 C  CA  . ALA A 1 91  ? -11.252 3.315   -0.607  1.00 15.58 ? 91  ALA A CA  1 
ATOM   735 C  C   . ALA A 1 91  ? -12.648 2.892   -0.147  1.00 19.95 ? 91  ALA A C   1 
ATOM   736 O  O   . ALA A 1 91  ? -13.535 3.730   0.024   1.00 19.31 ? 91  ALA A O   1 
ATOM   737 C  CB  . ALA A 1 91  ? -11.095 3.100   -2.109  1.00 16.22 ? 91  ALA A CB  1 
ATOM   738 N  N   . ARG A 1 92  ? -12.839 1.592   0.069   1.00 21.48 ? 92  ARG A N   1 
ATOM   739 C  CA  . ARG A 1 92  ? -14.130 1.086   0.519   1.00 23.52 ? 92  ARG A CA  1 
ATOM   740 C  C   . ARG A 1 92  ? -14.506 1.667   1.876   1.00 25.88 ? 92  ARG A C   1 
ATOM   741 O  O   . ARG A 1 92  ? -15.677 1.969   2.125   1.00 24.48 ? 92  ARG A O   1 
ATOM   742 C  CB  . ARG A 1 92  ? -14.119 -0.446  0.607   1.00 21.58 ? 92  ARG A CB  1 
ATOM   743 C  CG  . ARG A 1 92  ? -15.429 -1.043  1.129   1.00 26.54 ? 92  ARG A CG  1 
ATOM   744 C  CD  . ARG A 1 92  ? -15.540 -2.536  0.830   1.00 35.08 ? 92  ARG A CD  1 
ATOM   745 N  NE  . ARG A 1 92  ? -14.594 -3.357  1.584   1.00 39.42 ? 92  ARG A NE  1 
ATOM   746 C  CZ  . ARG A 1 92  ? -14.682 -3.606  2.888   1.00 38.75 ? 92  ARG A CZ  1 
ATOM   747 N  NH1 . ARG A 1 92  ? -15.672 -3.094  3.604   1.00 39.39 ? 92  ARG A NH1 1 
ATOM   748 N  NH2 . ARG A 1 92  ? -13.788 -4.392  3.473   1.00 28.45 ? 92  ARG A NH2 1 
ATOM   749 N  N   . ILE A 1 93  ? -13.518 1.826   2.755   1.00 17.97 ? 93  ILE A N   1 
ATOM   750 C  CA  . ILE A 1 93  ? -13.795 2.371   4.076   1.00 20.99 ? 93  ILE A CA  1 
ATOM   751 C  C   . ILE A 1 93  ? -13.608 3.877   4.173   1.00 18.85 ? 93  ILE A C   1 
ATOM   752 O  O   . ILE A 1 93  ? -13.439 4.421   5.263   1.00 19.23 ? 93  ILE A O   1 
ATOM   753 C  CB  . ILE A 1 93  ? -12.964 1.679   5.179   1.00 19.27 ? 93  ILE A CB  1 
ATOM   754 C  CG1 . ILE A 1 93  ? -11.470 1.841   4.909   1.00 17.50 ? 93  ILE A CG1 1 
ATOM   755 C  CG2 . ILE A 1 93  ? -13.336 0.204   5.248   1.00 20.93 ? 93  ILE A CG2 1 
ATOM   756 C  CD1 . ILE A 1 93  ? -10.618 1.342   6.060   1.00 18.61 ? 93  ILE A CD1 1 
ATOM   757 N  N   . ASP A 1 94  ? -13.632 4.543   3.024   1.00 18.82 ? 94  ASP A N   1 
ATOM   758 C  CA  . ASP A 1 94  ? -13.551 5.996   2.969   1.00 20.25 ? 94  ASP A CA  1 
ATOM   759 C  C   . ASP A 1 94  ? -12.267 6.646   3.496   1.00 23.48 ? 94  ASP A C   1 
ATOM   760 O  O   . ASP A 1 94  ? -12.280 7.816   3.880   1.00 25.67 ? 94  ASP A O   1 
ATOM   761 C  CB  . ASP A 1 94  ? -14.770 6.576   3.711   1.00 18.86 ? 94  ASP A CB  1 
ATOM   762 C  CG  . ASP A 1 94  ? -16.075 5.897   3.313   1.00 30.60 ? 94  ASP A CG  1 
ATOM   763 O  OD1 . ASP A 1 94  ? -16.376 5.862   2.099   1.00 24.53 ? 94  ASP A OD1 1 
ATOM   764 O  OD2 . ASP A 1 94  ? -16.798 5.399   4.211   1.00 20.23 ? 94  ASP A OD2 1 
ATOM   765 N  N   . VAL A 1 95  ? -11.164 5.902   3.499   1.00 17.12 ? 95  VAL A N   1 
ATOM   766 C  CA  . VAL A 1 95  ? -9.887  6.424   3.986   1.00 18.85 ? 95  VAL A CA  1 
ATOM   767 C  C   . VAL A 1 95  ? -9.104  7.151   2.892   1.00 19.69 ? 95  VAL A C   1 
ATOM   768 O  O   . VAL A 1 95  ? -8.277  8.019   3.179   1.00 21.95 ? 95  VAL A O   1 
ATOM   769 C  CB  . VAL A 1 95  ? -9.037  5.286   4.589   1.00 20.54 ? 95  VAL A CB  1 
ATOM   770 C  CG1 . VAL A 1 95  ? -7.645  5.788   4.953   1.00 19.74 ? 95  VAL A CG1 1 
ATOM   771 C  CG2 . VAL A 1 95  ? -9.731  4.749   5.829   1.00 23.05 ? 95  VAL A CG2 1 
ATOM   772 N  N   . VAL A 1 96  ? -9.357  6.792   1.639   1.00 21.59 ? 96  VAL A N   1 
ATOM   773 C  CA  . VAL A 1 96  ? -8.696  7.461   0.530   1.00 20.86 ? 96  VAL A CA  1 
ATOM   774 C  C   . VAL A 1 96  ? -9.710  7.703   -0.586  1.00 25.09 ? 96  VAL A C   1 
ATOM   775 O  O   . VAL A 1 96  ? -10.773 7.083   -0.607  1.00 23.47 ? 96  VAL A O   1 
ATOM   776 C  CB  . VAL A 1 96  ? -7.515  6.641   -0.029  1.00 23.64 ? 96  VAL A CB  1 
ATOM   777 C  CG1 . VAL A 1 96  ? -6.699  7.513   -0.952  1.00 37.22 ? 96  VAL A CG1 1 
ATOM   778 C  CG2 . VAL A 1 96  ? -6.631  6.132   1.103   1.00 24.29 ? 96  VAL A CG2 1 
ATOM   779 N  N   . ASP A 1 97  ? -9.379  8.620   -1.492  1.00 21.99 ? 97  ASP A N   1 
ATOM   780 C  CA  . ASP A 1 97  ? -10.240 8.958   -2.625  1.00 31.29 ? 97  ASP A CA  1 
ATOM   781 C  C   . ASP A 1 97  ? -10.633 7.698   -3.385  1.00 24.28 ? 97  ASP A C   1 
ATOM   782 O  O   . ASP A 1 97  ? -9.803  6.822   -3.617  1.00 26.11 ? 97  ASP A O   1 
ATOM   783 C  CB  . ASP A 1 97  ? -9.512  9.907   -3.580  1.00 35.64 ? 97  ASP A CB  1 
ATOM   784 C  CG  . ASP A 1 97  ? -9.343  11.301  -3.008  1.00 42.57 ? 97  ASP A CG  1 
ATOM   785 O  OD1 . ASP A 1 97  ? -8.571  12.087  -3.597  1.00 51.59 ? 97  ASP A OD1 1 
ATOM   786 O  OD2 . ASP A 1 97  ? -9.985  11.614  -1.983  1.00 43.54 ? 97  ASP A OD2 1 
ATOM   787 N  N   . GLU A 1 98  ? -11.896 7.615   -3.790  1.00 28.17 ? 98  GLU A N   1 
ATOM   788 C  CA  . GLU A 1 98  ? -12.372 6.444   -4.510  1.00 24.83 ? 98  GLU A CA  1 
ATOM   789 C  C   . GLU A 1 98  ? -11.660 6.178   -5.833  1.00 23.04 ? 98  GLU A C   1 
ATOM   790 O  O   . GLU A 1 98  ? -11.634 5.040   -6.301  1.00 27.62 ? 98  GLU A O   1 
ATOM   791 C  CB  . GLU A 1 98  ? -13.882 6.540   -4.754  1.00 33.11 ? 98  GLU A CB  1 
ATOM   792 C  CG  . GLU A 1 98  ? -14.348 7.859   -5.347  1.00 40.32 ? 98  GLU A CG  1 
ATOM   793 C  CD  . GLU A 1 98  ? -14.770 8.862   -4.287  1.00 55.32 ? 98  GLU A CD  1 
ATOM   794 O  OE1 . GLU A 1 98  ? -13.924 9.254   -3.451  1.00 49.22 ? 98  GLU A OE1 1 
ATOM   795 O  OE2 . GLU A 1 98  ? -15.957 9.258   -4.290  1.00 55.27 ? 98  GLU A OE2 1 
ATOM   796 N  N   . ASP A 1 99  ? -11.076 7.207   -6.441  1.00 23.28 ? 99  ASP A N   1 
ATOM   797 C  CA  . ASP A 1 99  ? -10.386 7.014   -7.715  1.00 28.74 ? 99  ASP A CA  1 
ATOM   798 C  C   . ASP A 1 99  ? -8.879  6.807   -7.592  1.00 27.53 ? 99  ASP A C   1 
ATOM   799 O  O   . ASP A 1 99  ? -8.159  6.851   -8.590  1.00 27.82 ? 99  ASP A O   1 
ATOM   800 C  CB  . ASP A 1 99  ? -10.657 8.192   -8.661  1.00 28.51 ? 99  ASP A CB  1 
ATOM   801 C  CG  . ASP A 1 99  ? -10.130 9.512   -8.124  1.00 37.10 ? 99  ASP A CG  1 
ATOM   802 O  OD1 . ASP A 1 99  ? -10.184 10.517  -8.865  1.00 38.94 ? 99  ASP A OD1 1 
ATOM   803 O  OD2 . ASP A 1 99  ? -9.663  9.557   -6.965  1.00 43.36 ? 99  ASP A OD2 1 
ATOM   804 N  N   . LEU A 1 100 ? -8.396  6.565   -6.379  1.00 28.69 ? 100 LEU A N   1 
ATOM   805 C  CA  . LEU A 1 100 ? -6.965  6.374   -6.187  1.00 23.67 ? 100 LEU A CA  1 
ATOM   806 C  C   . LEU A 1 100 ? -6.440  4.978   -6.525  1.00 22.90 ? 100 LEU A C   1 
ATOM   807 O  O   . LEU A 1 100 ? -5.438  4.838   -7.225  1.00 23.98 ? 100 LEU A O   1 
ATOM   808 C  CB  . LEU A 1 100 ? -6.569  6.711   -4.749  1.00 22.59 ? 100 LEU A CB  1 
ATOM   809 C  CG  . LEU A 1 100 ? -5.058  6.620   -4.518  1.00 20.60 ? 100 LEU A CG  1 
ATOM   810 C  CD1 . LEU A 1 100 ? -4.373  7.846   -5.122  1.00 26.31 ? 100 LEU A CD1 1 
ATOM   811 C  CD2 . LEU A 1 100 ? -4.768  6.536   -3.037  1.00 22.02 ? 100 LEU A CD2 1 
ATOM   812 N  N   . PRO A 1 101 ? -7.107  3.924   -6.033  1.00 23.26 ? 101 PRO A N   1 
ATOM   813 C  CA  . PRO A 1 101 ? -6.628  2.572   -6.328  1.00 23.68 ? 101 PRO A CA  1 
ATOM   814 C  C   . PRO A 1 101 ? -6.392  2.278   -7.809  1.00 26.03 ? 101 PRO A C   1 
ATOM   815 O  O   . PRO A 1 101 ? -5.468  1.544   -8.156  1.00 21.55 ? 101 PRO A O   1 
ATOM   816 C  CB  . PRO A 1 101 ? -7.696  1.678   -5.691  1.00 27.30 ? 101 PRO A CB  1 
ATOM   817 C  CG  . PRO A 1 101 ? -8.924  2.544   -5.686  1.00 37.11 ? 101 PRO A CG  1 
ATOM   818 C  CD  . PRO A 1 101 ? -8.379  3.884   -5.292  1.00 22.64 ? 101 PRO A CD  1 
ATOM   819 N  N   . GLU A 1 102 ? -7.210  2.865   -8.679  1.00 27.45 ? 102 GLU A N   1 
ATOM   820 C  CA  . GLU A 1 102 ? -7.075  2.662   -10.122 1.00 30.80 ? 102 GLU A CA  1 
ATOM   821 C  C   . GLU A 1 102 ? -5.790  3.272   -10.670 1.00 31.25 ? 102 GLU A C   1 
ATOM   822 O  O   . GLU A 1 102 ? -5.325  2.899   -11.744 1.00 34.76 ? 102 GLU A O   1 
ATOM   823 C  CB  . GLU A 1 102 ? -8.265  3.280   -10.866 1.00 29.54 ? 102 GLU A CB  1 
ATOM   824 C  CG  . GLU A 1 102 ? -8.543  4.730   -10.472 1.00 45.07 ? 102 GLU A CG  1 
ATOM   825 C  CD  . GLU A 1 102 ? -9.090  5.578   -11.611 1.00 48.14 ? 102 GLU A CD  1 
ATOM   826 O  OE1 . GLU A 1 102 ? -10.024 5.129   -12.312 1.00 52.32 ? 102 GLU A OE1 1 
ATOM   827 O  OE2 . GLU A 1 102 ? -8.590  6.709   -11.792 1.00 49.51 ? 102 GLU A OE2 1 
ATOM   828 N  N   . LYS A 1 103 ? -5.221  4.220   -9.934  1.00 27.25 ? 103 LYS A N   1 
ATOM   829 C  CA  . LYS A 1 103 ? -4.002  4.877   -10.380 1.00 27.27 ? 103 LYS A CA  1 
ATOM   830 C  C   . LYS A 1 103 ? -2.748  4.067   -10.065 1.00 30.12 ? 103 LYS A C   1 
ATOM   831 O  O   . LYS A 1 103 ? -1.636  4.484   -10.390 1.00 33.19 ? 103 LYS A O   1 
ATOM   832 C  CB  . LYS A 1 103 ? -3.916  6.276   -9.765  1.00 19.90 ? 103 LYS A CB  1 
ATOM   833 C  CG  . LYS A 1 103 ? -5.039  7.188   -10.236 1.00 27.08 ? 103 LYS A CG  1 
ATOM   834 C  CD  . LYS A 1 103 ? -5.051  8.515   -9.515  1.00 27.52 ? 103 LYS A CD  1 
ATOM   835 C  CE  . LYS A 1 103 ? -6.162  9.407   -10.059 1.00 28.37 ? 103 LYS A CE  1 
ATOM   836 N  NZ  . LYS A 1 103 ? -6.216  10.726  -9.359  1.00 29.30 ? 103 LYS A NZ  1 
ATOM   837 N  N   . VAL A 1 104 ? -2.925  2.907   -9.437  1.00 31.40 ? 104 VAL A N   1 
ATOM   838 C  CA  . VAL A 1 104 ? -1.793  2.048   -9.103  1.00 27.07 ? 104 VAL A CA  1 
ATOM   839 C  C   . VAL A 1 104 ? -1.415  1.186   -10.301 1.00 36.19 ? 104 VAL A C   1 
ATOM   840 O  O   . VAL A 1 104 ? -2.212  0.372   -10.771 1.00 32.62 ? 104 VAL A O   1 
ATOM   841 C  CB  . VAL A 1 104 ? -2.108  1.108   -7.920  1.00 27.60 ? 104 VAL A CB  1 
ATOM   842 C  CG1 . VAL A 1 104 ? -0.910  0.210   -7.647  1.00 25.94 ? 104 VAL A CG1 1 
ATOM   843 C  CG2 . VAL A 1 104 ? -2.450  1.920   -6.680  1.00 25.68 ? 104 VAL A CG2 1 
ATOM   844 N  N   . HIS A 1 105 ? -0.191  1.368   -10.787 1.00 31.39 ? 105 HIS A N   1 
ATOM   845 C  CA  . HIS A 1 105 ? 0.306   0.612   -11.927 1.00 35.40 ? 105 HIS A CA  1 
ATOM   846 C  C   . HIS A 1 105 ? 0.919   -0.716  -11.490 1.00 35.88 ? 105 HIS A C   1 
ATOM   847 O  O   . HIS A 1 105 ? 1.920   -0.744  -10.771 1.00 35.25 ? 105 HIS A O   1 
ATOM   848 C  CB  . HIS A 1 105 ? 1.338   1.450   -12.692 1.00 34.39 ? 105 HIS A CB  1 
ATOM   849 C  CG  . HIS A 1 105 ? 1.958   0.742   -13.857 1.00 37.09 ? 105 HIS A CG  1 
ATOM   850 N  ND1 . HIS A 1 105 ? 3.177   0.103   -13.780 1.00 34.69 ? 105 HIS A ND1 1 
ATOM   851 C  CD2 . HIS A 1 105 ? 1.523   0.567   -15.128 1.00 37.65 ? 105 HIS A CD2 1 
ATOM   852 C  CE1 . HIS A 1 105 ? 3.466   -0.434  -14.953 1.00 37.15 ? 105 HIS A CE1 1 
ATOM   853 N  NE2 . HIS A 1 105 ? 2.478   -0.168  -15.787 1.00 27.45 ? 105 HIS A NE2 1 
ATOM   854 N  N   . VAL A 1 106 ? 0.306   -1.814  -11.922 1.00 29.31 ? 106 VAL A N   1 
ATOM   855 C  CA  . VAL A 1 106 ? 0.796   -3.142  -11.576 1.00 32.08 ? 106 VAL A CA  1 
ATOM   856 C  C   . VAL A 1 106 ? 1.511   -3.762  -12.773 1.00 34.74 ? 106 VAL A C   1 
ATOM   857 O  O   . VAL A 1 106 ? 0.875   -4.278  -13.691 1.00 37.79 ? 106 VAL A O   1 
ATOM   858 C  CB  . VAL A 1 106 ? -0.359  -4.074  -11.136 1.00 32.94 ? 106 VAL A CB  1 
ATOM   859 C  CG1 . VAL A 1 106 ? 0.186   -5.455  -10.793 1.00 33.91 ? 106 VAL A CG1 1 
ATOM   860 C  CG2 . VAL A 1 106 ? -1.073  -3.479  -9.928  1.00 26.07 ? 106 VAL A CG2 1 
ATOM   861 N  N   . PRO A 1 107 ? 2.852   -3.710  -12.777 1.00 40.57 ? 107 PRO A N   1 
ATOM   862 C  CA  . PRO A 1 107 ? 3.656   -4.268  -13.866 1.00 41.14 ? 107 PRO A CA  1 
ATOM   863 C  C   . PRO A 1 107 ? 3.637   -5.792  -13.866 1.00 43.56 ? 107 PRO A C   1 
ATOM   864 O  O   . PRO A 1 107 ? 3.142   -6.414  -14.805 1.00 46.19 ? 107 PRO A O   1 
ATOM   865 C  CB  . PRO A 1 107 ? 5.043   -3.702  -13.587 1.00 40.43 ? 107 PRO A CB  1 
ATOM   866 C  CG  . PRO A 1 107 ? 5.077   -3.668  -12.090 1.00 46.49 ? 107 PRO A CG  1 
ATOM   867 C  CD  . PRO A 1 107 ? 3.714   -3.102  -11.747 1.00 41.09 ? 107 PRO A CD  1 
HETATM 868 O  O   . HOH B 2 .   ? -7.258  11.789  5.522   1.00 27.76 ? 201 HOH A O   1 
HETATM 869 O  O   . HOH B 2 .   ? -6.529  9.130   5.082   1.00 17.12 ? 202 HOH A O   1 
HETATM 870 O  O   . HOH B 2 .   ? -4.573  9.524   11.928  1.00 43.34 ? 203 HOH A O   1 
HETATM 871 O  O   . HOH B 2 .   ? 0.505   10.493  10.796  1.00 28.86 ? 204 HOH A O   1 
HETATM 872 O  O   . HOH B 2 .   ? 2.591   6.270   9.535   1.00 16.88 ? 205 HOH A O   1 
HETATM 873 O  O   . HOH B 2 .   ? 4.555   -3.625  7.442   1.00 18.15 ? 206 HOH A O   1 
HETATM 874 O  O   . HOH B 2 .   ? 8.623   -15.974 9.899   1.00 23.44 ? 207 HOH A O   1 
HETATM 875 O  O   . HOH B 2 .   ? -3.890  11.940  -8.393  1.00 23.43 ? 208 HOH A O   1 
HETATM 876 O  O   . HOH B 2 .   ? 9.495   -14.200 7.935   1.00 21.72 ? 209 HOH A O   1 
HETATM 877 O  O   . HOH B 2 .   ? 12.422  13.288  3.205   1.00 19.67 ? 210 HOH A O   1 
HETATM 878 O  O   . HOH B 2 .   ? -17.182 -1.581  5.465   1.00 27.72 ? 211 HOH A O   1 
HETATM 879 O  O   . HOH B 2 .   ? -13.474 6.195   -1.036  1.00 31.71 ? 212 HOH A O   1 
HETATM 880 O  O   . HOH B 2 .   ? 16.126  -4.342  -2.406  1.00 28.92 ? 213 HOH A O   1 
HETATM 881 O  O   . HOH B 2 .   ? -2.596  -5.434  12.679  1.00 24.91 ? 214 HOH A O   1 
HETATM 882 O  O   . HOH B 2 .   ? 2.517   8.681   10.532  1.00 29.18 ? 215 HOH A O   1 
HETATM 883 O  O   . HOH B 2 .   ? 3.803   9.473   8.271   1.00 20.83 ? 216 HOH A O   1 
HETATM 884 O  O   . HOH B 2 .   ? 7.281   -11.415 10.481  1.00 33.94 ? 217 HOH A O   1 
HETATM 885 O  O   . HOH B 2 .   ? -3.984  -16.855 2.143   1.00 30.59 ? 218 HOH A O   1 
HETATM 886 O  O   . HOH B 2 .   ? -10.326 3.640   -8.300  1.00 25.43 ? 219 HOH A O   1 
HETATM 887 O  O   . HOH B 2 .   ? 2.760   -15.362 0.773   1.00 26.99 ? 220 HOH A O   1 
HETATM 888 O  O   . HOH B 2 .   ? -6.802  9.776   -6.827  1.00 29.74 ? 221 HOH A O   1 
HETATM 889 O  O   . HOH B 2 .   ? -7.277  1.906   12.429  1.00 28.02 ? 222 HOH A O   1 
HETATM 890 O  O   . HOH B 2 .   ? -2.742  -8.255  -1.062  1.00 33.65 ? 223 HOH A O   1 
HETATM 891 O  O   . HOH B 2 .   ? -12.804 -0.426  -3.061  1.00 29.51 ? 224 HOH A O   1 
HETATM 892 O  O   . HOH B 2 .   ? 5.794   12.144  -1.632  1.00 59.75 ? 225 HOH A O   1 
HETATM 893 O  O   . HOH B 2 .   ? 0.669   -13.811 10.180  1.00 27.51 ? 226 HOH A O   1 
HETATM 894 O  O   . HOH B 2 .   ? 3.198   4.463   -12.565 1.00 29.59 ? 227 HOH A O   1 
HETATM 895 O  O   . HOH B 2 .   ? 6.990   -12.964 1.317   1.00 40.38 ? 228 HOH A O   1 
HETATM 896 O  O   . HOH B 2 .   ? -1.102  2.207   13.937  1.00 47.16 ? 229 HOH A O   1 
HETATM 897 O  O   . HOH B 2 .   ? -5.030  0.379   12.598  1.00 28.42 ? 230 HOH A O   1 
HETATM 898 O  O   . HOH B 2 .   ? 8.057   -0.883  -12.411 1.00 39.72 ? 231 HOH A O   1 
HETATM 899 O  O   . HOH B 2 .   ? 8.689   14.695  9.560   1.00 34.57 ? 232 HOH A O   1 
HETATM 900 O  O   . HOH B 2 .   ? -16.992 3.793   0.624   1.00 35.67 ? 233 HOH A O   1 
HETATM 901 O  O   . HOH B 2 .   ? -11.854 -5.203  1.187   1.00 38.64 ? 234 HOH A O   1 
HETATM 902 O  O   . HOH B 2 .   ? 6.327   -9.495  -3.602  1.00 31.44 ? 235 HOH A O   1 
HETATM 903 O  O   . HOH B 2 .   ? 0.851   14.817  -6.030  1.00 34.06 ? 236 HOH A O   1 
HETATM 904 O  O   . HOH B 2 .   ? 8.101   14.215  -5.706  1.00 38.44 ? 237 HOH A O   1 
HETATM 905 O  O   . HOH B 2 .   ? -9.245  -4.066  10.703  1.00 26.64 ? 238 HOH A O   1 
HETATM 906 O  O   . HOH B 2 .   ? 1.805   3.169   -9.611  1.00 29.84 ? 239 HOH A O   1 
HETATM 907 O  O   . HOH B 2 .   ? -7.159  -7.690  -0.169  1.00 37.63 ? 240 HOH A O   1 
HETATM 908 O  O   . HOH B 2 .   ? 0.248   7.147   13.104  1.00 38.98 ? 241 HOH A O   1 
HETATM 909 O  O   . HOH B 2 .   ? 21.420  -2.425  -7.817  1.00 40.47 ? 242 HOH A O   1 
HETATM 910 O  O   . HOH B 2 .   ? -5.724  13.970  4.374   1.00 34.98 ? 243 HOH A O   1 
HETATM 911 O  O   . HOH B 2 .   ? 2.291   17.096  -1.698  1.00 45.89 ? 244 HOH A O   1 
HETATM 912 O  O   . HOH B 2 .   ? 5.811   11.550  8.236   1.00 30.93 ? 245 HOH A O   1 
HETATM 913 O  O   . HOH B 2 .   ? 9.196   12.201  8.389   1.00 30.19 ? 246 HOH A O   1 
HETATM 914 O  O   . HOH B 2 .   ? -5.060  13.758  -2.112  1.00 41.17 ? 247 HOH A O   1 
HETATM 915 O  O   . HOH B 2 .   ? 1.769   15.878  5.350   1.00 49.94 ? 248 HOH A O   1 
HETATM 916 O  O   . HOH B 2 .   ? -17.503 13.562  11.696  1.00 62.83 ? 249 HOH A O   1 
HETATM 917 O  O   . HOH B 2 .   ? -4.145  10.646  9.352   1.00 32.46 ? 250 HOH A O   1 
HETATM 918 O  O   . HOH B 2 .   ? 4.965   -2.190  -1.375  1.00 42.10 ? 251 HOH A O   1 
HETATM 919 O  O   . HOH B 2 .   ? 4.544   14.587  1.591   1.00 37.23 ? 252 HOH A O   1 
HETATM 920 O  O   . HOH B 2 .   ? 15.816  -5.070  -9.884  1.00 44.68 ? 253 HOH A O   1 
HETATM 921 O  O   . HOH B 2 .   ? -15.222 7.583   0.602   1.00 46.86 ? 254 HOH A O   1 
HETATM 922 O  O   . HOH B 2 .   ? -11.558 4.157   -10.490 1.00 45.32 ? 255 HOH A O   1 
HETATM 923 O  O   . HOH B 2 .   ? 0.996   -8.886  10.752  1.00 45.77 ? 256 HOH A O   1 
HETATM 924 O  O   . HOH B 2 .   ? -0.760  17.620  4.648   1.00 55.36 ? 257 HOH A O   1 
HETATM 925 O  O   . HOH B 2 .   ? 10.087  -13.578 -6.690  1.00 37.16 ? 258 HOH A O   1 
HETATM 926 O  O   . HOH B 2 .   ? 2.432   -10.910 10.178  1.00 33.60 ? 259 HOH A O   1 
HETATM 927 O  O   . HOH B 2 .   ? 4.946   -16.131 13.355  1.00 38.70 ? 260 HOH A O   1 
HETATM 928 O  O   . HOH B 2 .   ? -5.956  10.990  -4.337  1.00 30.37 ? 261 HOH A O   1 
HETATM 929 O  O   . HOH B 2 .   ? 2.261   0.116   13.495  1.00 48.78 ? 262 HOH A O   1 
HETATM 930 O  O   . HOH B 2 .   ? -8.190  -2.983  13.188  1.00 26.74 ? 263 HOH A O   1 
HETATM 931 O  O   . HOH B 2 .   ? -5.569  -2.108  13.250  1.00 24.50 ? 264 HOH A O   1 
HETATM 932 O  O   . HOH B 2 .   ? -3.265  1.136   14.561  1.00 45.23 ? 265 HOH A O   1 
HETATM 933 O  O   . HOH B 2 .   ? 23.680  -2.688  -5.455  1.00 40.17 ? 266 HOH A O   1 
HETATM 934 O  O   . HOH B 2 .   ? 0.115   -18.320 2.421   1.00 25.42 ? 267 HOH A O   1 
HETATM 935 O  O   . HOH B 2 .   ? -1.432  -19.725 0.778   1.00 34.33 ? 268 HOH A O   1 
HETATM 936 O  O   . HOH B 2 .   ? -0.055  -14.835 -0.355  1.00 40.18 ? 269 HOH A O   1 
HETATM 937 O  O   . HOH B 2 .   ? 11.093  2.011   2.033   1.00 17.60 ? 270 HOH A O   1 
HETATM 938 O  O   . HOH B 2 .   ? 6.100   -4.552  9.629   1.00 26.65 ? 271 HOH A O   1 
HETATM 939 O  O   . HOH B 2 .   ? -13.813 9.391   1.797   1.00 37.20 ? 272 HOH A O   1 
HETATM 940 O  O   . HOH B 2 .   ? -5.390  13.663  -7.036  1.00 35.01 ? 273 HOH A O   1 
HETATM 941 O  O   . HOH B 2 .   ? 11.862  -15.448 -8.594  1.00 34.21 ? 274 HOH A O   1 
HETATM 942 O  O   . HOH B 2 .   ? 7.552   -14.517 -6.393  1.00 36.09 ? 275 HOH A O   1 
HETATM 943 O  O   . HOH B 2 .   ? 8.612   16.978  11.132  1.00 40.31 ? 276 HOH A O   1 
HETATM 944 O  O   . HOH B 2 .   ? -4.006  -6.028  -11.178 1.00 49.15 ? 277 HOH A O   1 
HETATM 945 O  O   . HOH B 2 .   ? -4.782  -10.020 -5.241  1.00 38.54 ? 278 HOH A O   1 
HETATM 946 O  O   . HOH B 2 .   ? 23.654  -2.318  -8.896  1.00 47.69 ? 279 HOH A O   1 
HETATM 947 O  O   . HOH B 2 .   ? 4.110   -18.287 9.786   1.00 30.10 ? 280 HOH A O   1 
HETATM 948 O  O   . HOH B 2 .   ? 0.179   -10.043 -4.953  1.00 46.76 ? 281 HOH A O   1 
HETATM 949 O  O   . HOH B 2 .   ? 17.482  -1.824  -10.033 1.00 45.19 ? 282 HOH A O   1 
HETATM 950 O  O   . HOH B 2 .   ? -9.169  -6.444  1.070   1.00 40.18 ? 283 HOH A O   1 
HETATM 951 O  O   . HOH B 2 .   ? -8.979  -0.605  14.521  1.00 37.13 ? 284 HOH A O   1 
HETATM 952 O  O   . HOH B 2 .   ? 1.693   14.218  1.209   1.00 37.33 ? 285 HOH A O   1 
HETATM 953 O  O   . HOH B 2 .   ? 2.959   -3.181  12.927  1.00 33.91 ? 286 HOH A O   1 
HETATM 954 O  O   . HOH B 2 .   ? 1.731   -15.705 11.971  1.00 40.44 ? 287 HOH A O   1 
HETATM 955 O  O   . HOH B 2 .   ? -10.359 9.209   11.327  1.00 41.46 ? 288 HOH A O   1 
HETATM 956 O  O   . HOH B 2 .   ? 4.786   -11.557 11.626  1.00 47.51 ? 289 HOH A O   1 
HETATM 957 O  O   . HOH B 2 .   ? -2.627  -19.795 8.684   1.00 39.54 ? 290 HOH A O   1 
HETATM 958 O  O   . HOH B 2 .   ? -8.469  -0.641  -8.691  1.00 47.96 ? 291 HOH A O   1 
HETATM 959 O  O   . HOH B 2 .   ? 10.596  13.699  -2.888  1.00 50.57 ? 292 HOH A O   1 
HETATM 960 O  O   . HOH B 2 .   ? 7.026   4.210   -12.307 1.00 46.85 ? 293 HOH A O   1 
HETATM 961 O  O   . HOH B 2 .   ? -8.101  -4.689  15.027  1.00 38.99 ? 294 HOH A O   1 
HETATM 962 O  O   . HOH B 2 .   ? -7.903  -9.687  12.876  1.00 42.87 ? 295 HOH A O   1 
HETATM 963 O  O   . HOH B 2 .   ? 0.039   -12.607 -1.976  1.00 45.05 ? 296 HOH A O   1 
HETATM 964 O  O   . HOH B 2 .   ? -8.947  -5.109  -1.380  1.00 36.44 ? 297 HOH A O   1 
HETATM 965 O  O   . HOH B 2 .   ? -0.960  15.747  -7.763  1.00 42.40 ? 298 HOH A O   1 
HETATM 966 O  O   . HOH B 2 .   ? -10.714 0.807   -7.783  1.00 37.68 ? 299 HOH A O   1 
HETATM 967 O  O   . HOH B 2 .   ? 12.063  13.554  0.263   1.00 41.47 ? 300 HOH A O   1 
HETATM 968 O  O   . HOH B 2 .   ? 8.739   7.677   -12.202 1.00 32.94 ? 301 HOH A O   1 
HETATM 969 O  O   . HOH B 2 .   ? 4.071   -11.833 -8.324  1.00 47.45 ? 302 HOH A O   1 
HETATM 970 O  O   . HOH B 2 .   ? -6.457  4.072   13.760  1.00 38.15 ? 303 HOH A O   1 
HETATM 971 O  O   . HOH B 2 .   ? -8.751  7.801   12.822  1.00 36.91 ? 304 HOH A O   1 
HETATM 972 O  O   . HOH B 2 .   ? 5.226   1.046   11.493  1.00 32.46 ? 305 HOH A O   1 
HETATM 973 O  O   . HOH B 2 .   ? -11.745 0.800   -5.253  1.00 37.05 ? 306 HOH A O   1 
# 
